data_4N6T
# 
_entry.id   4N6T 
# 
_audit_conform.dict_name       mmcif_pdbx.dic 
_audit_conform.dict_version    5.387 
_audit_conform.dict_location   http://mmcif.pdb.org/dictionaries/ascii/mmcif_pdbx.dic 
# 
loop_
_database_2.database_id 
_database_2.database_code 
_database_2.pdbx_database_accession 
_database_2.pdbx_DOI 
PDB   4N6T         pdb_00004n6t 10.2210/pdb4n6t/pdb 
RCSB  RCSB082824   ?            ?                   
WWPDB D_1000082824 ?            ?                   
# 
loop_
_pdbx_audit_revision_history.ordinal 
_pdbx_audit_revision_history.data_content_type 
_pdbx_audit_revision_history.major_revision 
_pdbx_audit_revision_history.minor_revision 
_pdbx_audit_revision_history.revision_date 
1 'Structure model' 1 0 2014-04-09 
2 'Structure model' 1 1 2014-05-14 
3 'Structure model' 1 2 2024-02-28 
# 
_pdbx_audit_revision_details.ordinal             1 
_pdbx_audit_revision_details.revision_ordinal    1 
_pdbx_audit_revision_details.data_content_type   'Structure model' 
_pdbx_audit_revision_details.provider            repository 
_pdbx_audit_revision_details.type                'Initial release' 
_pdbx_audit_revision_details.description         ? 
_pdbx_audit_revision_details.details             ? 
# 
loop_
_pdbx_audit_revision_group.ordinal 
_pdbx_audit_revision_group.revision_ordinal 
_pdbx_audit_revision_group.data_content_type 
_pdbx_audit_revision_group.group 
1 2 'Structure model' 'Database references' 
2 3 'Structure model' 'Data collection'     
3 3 'Structure model' 'Database references' 
# 
loop_
_pdbx_audit_revision_category.ordinal 
_pdbx_audit_revision_category.revision_ordinal 
_pdbx_audit_revision_category.data_content_type 
_pdbx_audit_revision_category.category 
1 3 'Structure model' chem_comp_atom 
2 3 'Structure model' chem_comp_bond 
3 3 'Structure model' database_2     
# 
loop_
_pdbx_audit_revision_item.ordinal 
_pdbx_audit_revision_item.revision_ordinal 
_pdbx_audit_revision_item.data_content_type 
_pdbx_audit_revision_item.item 
1 3 'Structure model' '_database_2.pdbx_DOI'                
2 3 'Structure model' '_database_2.pdbx_database_accession' 
# 
_pdbx_database_status.status_code                     REL 
_pdbx_database_status.entry_id                        4N6T 
_pdbx_database_status.recvd_initial_deposition_date   2013-10-14 
_pdbx_database_status.deposit_site                    RCSB 
_pdbx_database_status.process_site                    RCSB 
_pdbx_database_status.status_code_sf                  REL 
_pdbx_database_status.status_code_mr                  ? 
_pdbx_database_status.SG_entry                        ? 
_pdbx_database_status.status_code_cs                  ? 
_pdbx_database_status.methods_development_category    ? 
_pdbx_database_status.pdb_format_compatible           Y 
_pdbx_database_status.status_code_nmr_data            ? 
# 
_pdbx_database_related.db_name        PDB 
_pdbx_database_related.db_id          4N6U 
_pdbx_database_related.details        . 
_pdbx_database_related.content_type   unspecified 
# 
loop_
_audit_author.name 
_audit_author.pdbx_ordinal 
'Mcpherson, M.'    1 
'Tomlinson, D.'    2 
'Owen, R.L.'       3 
'Nettleship, J.E.' 4 
'Owens, R.J.'      5 
# 
_citation.id                        primary 
_citation.title                     
'Adhiron: a stable and versatile peptide display scaffold for molecular recognition applications.' 
_citation.journal_abbrev            'Protein Eng.Des.Sel.' 
_citation.journal_volume            27 
_citation.page_first                145 
_citation.page_last                 155 
_citation.year                      2014 
_citation.journal_id_ASTM           ? 
_citation.country                   UK 
_citation.journal_id_ISSN           1741-0126 
_citation.journal_id_CSD            ? 
_citation.book_publisher            ? 
_citation.pdbx_database_id_PubMed   24668773 
_citation.pdbx_database_id_DOI      10.1093/protein/gzu007 
# 
loop_
_citation_author.citation_id 
_citation_author.name 
_citation_author.ordinal 
_citation_author.identifier_ORCID 
primary 'Tiede, C.'        1  ? 
primary 'Tang, A.A.'       2  ? 
primary 'Deacon, S.E.'     3  ? 
primary 'Mandal, U.'       4  ? 
primary 'Nettleship, J.E.' 5  ? 
primary 'Owen, R.L.'       6  ? 
primary 'George, S.E.'     7  ? 
primary 'Harrison, D.J.'   8  ? 
primary 'Owens, R.J.'      9  ? 
primary 'Tomlinson, D.C.'  10 ? 
primary 'McPherson, M.J.'  11 ? 
# 
loop_
_entity.id 
_entity.type 
_entity.src_method 
_entity.pdbx_description 
_entity.formula_weight 
_entity.pdbx_number_of_molecules 
_entity.pdbx_ec 
_entity.pdbx_mutation 
_entity.pdbx_fragment 
_entity.details 
1 polymer man Adhiron 9286.674 1  ? ? ? ? 
2 water   nat water   18.015   43 ? ? ? ? 
# 
_entity_poly.entity_id                      1 
_entity_poly.type                           'polypeptide(L)' 
_entity_poly.nstd_linkage                   no 
_entity_poly.nstd_monomer                   no 
_entity_poly.pdbx_seq_one_letter_code       ENSLEIEELARFAVDEHNKKENALLEFVRVVKAKEQVVAGTMYYLTLEAKDGGKKKLYEAKVWVKPWENFKELQEFKPV 
_entity_poly.pdbx_seq_one_letter_code_can   ENSLEIEELARFAVDEHNKKENALLEFVRVVKAKEQVVAGTMYYLTLEAKDGGKKKLYEAKVWVKPWENFKELQEFKPV 
_entity_poly.pdbx_strand_id                 A 
_entity_poly.pdbx_target_identifier         ? 
# 
_pdbx_entity_nonpoly.entity_id   2 
_pdbx_entity_nonpoly.name        water 
_pdbx_entity_nonpoly.comp_id     HOH 
# 
loop_
_entity_poly_seq.entity_id 
_entity_poly_seq.num 
_entity_poly_seq.mon_id 
_entity_poly_seq.hetero 
1 1  GLU n 
1 2  ASN n 
1 3  SER n 
1 4  LEU n 
1 5  GLU n 
1 6  ILE n 
1 7  GLU n 
1 8  GLU n 
1 9  LEU n 
1 10 ALA n 
1 11 ARG n 
1 12 PHE n 
1 13 ALA n 
1 14 VAL n 
1 15 ASP n 
1 16 GLU n 
1 17 HIS n 
1 18 ASN n 
1 19 LYS n 
1 20 LYS n 
1 21 GLU n 
1 22 ASN n 
1 23 ALA n 
1 24 LEU n 
1 25 LEU n 
1 26 GLU n 
1 27 PHE n 
1 28 VAL n 
1 29 ARG n 
1 30 VAL n 
1 31 VAL n 
1 32 LYS n 
1 33 ALA n 
1 34 LYS n 
1 35 GLU n 
1 36 GLN n 
1 37 VAL n 
1 38 VAL n 
1 39 ALA n 
1 40 GLY n 
1 41 THR n 
1 42 MET n 
1 43 TYR n 
1 44 TYR n 
1 45 LEU n 
1 46 THR n 
1 47 LEU n 
1 48 GLU n 
1 49 ALA n 
1 50 LYS n 
1 51 ASP n 
1 52 GLY n 
1 53 GLY n 
1 54 LYS n 
1 55 LYS n 
1 56 LYS n 
1 57 LEU n 
1 58 TYR n 
1 59 GLU n 
1 60 ALA n 
1 61 LYS n 
1 62 VAL n 
1 63 TRP n 
1 64 VAL n 
1 65 LYS n 
1 66 PRO n 
1 67 TRP n 
1 68 GLU n 
1 69 ASN n 
1 70 PHE n 
1 71 LYS n 
1 72 GLU n 
1 73 LEU n 
1 74 GLN n 
1 75 GLU n 
1 76 PHE n 
1 77 LYS n 
1 78 PRO n 
1 79 VAL n 
# 
_entity_src_gen.entity_id                          1 
_entity_src_gen.pdbx_src_id                        1 
_entity_src_gen.pdbx_alt_source_flag               sample 
_entity_src_gen.pdbx_seq_type                      ? 
_entity_src_gen.pdbx_beg_seq_num                   ? 
_entity_src_gen.pdbx_end_seq_num                   ? 
_entity_src_gen.gene_src_common_name               ? 
_entity_src_gen.gene_src_genus                     ? 
_entity_src_gen.pdbx_gene_src_gene                 PHYTOCYSTATIN 
_entity_src_gen.gene_src_species                   ? 
_entity_src_gen.gene_src_strain                    ? 
_entity_src_gen.gene_src_tissue                    ? 
_entity_src_gen.gene_src_tissue_fraction           ? 
_entity_src_gen.gene_src_details                   ? 
_entity_src_gen.pdbx_gene_src_fragment             ? 
_entity_src_gen.pdbx_gene_src_scientific_name      'ARTIFICIAL GENE' 
_entity_src_gen.pdbx_gene_src_ncbi_taxonomy_id     32630 
_entity_src_gen.pdbx_gene_src_variant              ? 
_entity_src_gen.pdbx_gene_src_cell_line            ? 
_entity_src_gen.pdbx_gene_src_atcc                 ? 
_entity_src_gen.pdbx_gene_src_organ                ? 
_entity_src_gen.pdbx_gene_src_organelle            ? 
_entity_src_gen.pdbx_gene_src_cell                 ? 
_entity_src_gen.pdbx_gene_src_cellular_location    ? 
_entity_src_gen.host_org_common_name               ? 
_entity_src_gen.pdbx_host_org_scientific_name      'Escherichia coli' 
_entity_src_gen.pdbx_host_org_ncbi_taxonomy_id     469008 
_entity_src_gen.host_org_genus                     ? 
_entity_src_gen.pdbx_host_org_gene                 ? 
_entity_src_gen.pdbx_host_org_organ                ? 
_entity_src_gen.host_org_species                   ? 
_entity_src_gen.pdbx_host_org_tissue               ? 
_entity_src_gen.pdbx_host_org_tissue_fraction      ? 
_entity_src_gen.pdbx_host_org_strain               'BL21(DE3)' 
_entity_src_gen.pdbx_host_org_variant              ? 
_entity_src_gen.pdbx_host_org_cell_line            ? 
_entity_src_gen.pdbx_host_org_atcc                 ? 
_entity_src_gen.pdbx_host_org_culture_collection   ? 
_entity_src_gen.pdbx_host_org_cell                 ? 
_entity_src_gen.pdbx_host_org_organelle            ? 
_entity_src_gen.pdbx_host_org_cellular_location    ? 
_entity_src_gen.pdbx_host_org_vector_type          PLASMID 
_entity_src_gen.pdbx_host_org_vector               ? 
_entity_src_gen.host_org_details                   ? 
_entity_src_gen.expression_system_id               ? 
_entity_src_gen.plasmid_name                       pET11 
_entity_src_gen.plasmid_details                    ? 
_entity_src_gen.pdbx_description                   ? 
# 
loop_
_chem_comp.id 
_chem_comp.type 
_chem_comp.mon_nstd_flag 
_chem_comp.name 
_chem_comp.pdbx_synonyms 
_chem_comp.formula 
_chem_comp.formula_weight 
ALA 'L-peptide linking' y ALANINE         ? 'C3 H7 N O2'     89.093  
ARG 'L-peptide linking' y ARGININE        ? 'C6 H15 N4 O2 1' 175.209 
ASN 'L-peptide linking' y ASPARAGINE      ? 'C4 H8 N2 O3'    132.118 
ASP 'L-peptide linking' y 'ASPARTIC ACID' ? 'C4 H7 N O4'     133.103 
GLN 'L-peptide linking' y GLUTAMINE       ? 'C5 H10 N2 O3'   146.144 
GLU 'L-peptide linking' y 'GLUTAMIC ACID' ? 'C5 H9 N O4'     147.129 
GLY 'peptide linking'   y GLYCINE         ? 'C2 H5 N O2'     75.067  
HIS 'L-peptide linking' y HISTIDINE       ? 'C6 H10 N3 O2 1' 156.162 
HOH non-polymer         . WATER           ? 'H2 O'           18.015  
ILE 'L-peptide linking' y ISOLEUCINE      ? 'C6 H13 N O2'    131.173 
LEU 'L-peptide linking' y LEUCINE         ? 'C6 H13 N O2'    131.173 
LYS 'L-peptide linking' y LYSINE          ? 'C6 H15 N2 O2 1' 147.195 
MET 'L-peptide linking' y METHIONINE      ? 'C5 H11 N O2 S'  149.211 
PHE 'L-peptide linking' y PHENYLALANINE   ? 'C9 H11 N O2'    165.189 
PRO 'L-peptide linking' y PROLINE         ? 'C5 H9 N O2'     115.130 
SER 'L-peptide linking' y SERINE          ? 'C3 H7 N O3'     105.093 
THR 'L-peptide linking' y THREONINE       ? 'C4 H9 N O3'     119.119 
TRP 'L-peptide linking' y TRYPTOPHAN      ? 'C11 H12 N2 O2'  204.225 
TYR 'L-peptide linking' y TYROSINE        ? 'C9 H11 N O3'    181.189 
VAL 'L-peptide linking' y VALINE          ? 'C5 H11 N O2'    117.146 
# 
loop_
_pdbx_poly_seq_scheme.asym_id 
_pdbx_poly_seq_scheme.entity_id 
_pdbx_poly_seq_scheme.seq_id 
_pdbx_poly_seq_scheme.mon_id 
_pdbx_poly_seq_scheme.ndb_seq_num 
_pdbx_poly_seq_scheme.pdb_seq_num 
_pdbx_poly_seq_scheme.auth_seq_num 
_pdbx_poly_seq_scheme.pdb_mon_id 
_pdbx_poly_seq_scheme.auth_mon_id 
_pdbx_poly_seq_scheme.pdb_strand_id 
_pdbx_poly_seq_scheme.pdb_ins_code 
_pdbx_poly_seq_scheme.hetero 
A 1 1  GLU 1  32  32  GLU ALA A . n 
A 1 2  ASN 2  33  33  ASN ASN A . n 
A 1 3  SER 3  34  34  SER SER A . n 
A 1 4  LEU 4  35  35  LEU LEU A . n 
A 1 5  GLU 5  36  36  GLU GLU A . n 
A 1 6  ILE 6  37  37  ILE ILE A . n 
A 1 7  GLU 7  38  38  GLU GLU A . n 
A 1 8  GLU 8  39  39  GLU GLU A . n 
A 1 9  LEU 9  40  40  LEU LEU A . n 
A 1 10 ALA 10 41  41  ALA ALA A . n 
A 1 11 ARG 11 42  42  ARG ARG A . n 
A 1 12 PHE 12 43  43  PHE PHE A . n 
A 1 13 ALA 13 44  44  ALA ALA A . n 
A 1 14 VAL 14 45  45  VAL VAL A . n 
A 1 15 ASP 15 46  46  ASP ASP A . n 
A 1 16 GLU 16 47  47  GLU GLU A . n 
A 1 17 HIS 17 48  48  HIS HIS A . n 
A 1 18 ASN 18 49  49  ASN ASN A . n 
A 1 19 LYS 19 50  50  LYS LYS A . n 
A 1 20 LYS 20 51  51  LYS LYS A . n 
A 1 21 GLU 21 52  52  GLU GLU A . n 
A 1 22 ASN 22 53  53  ASN ASN A . n 
A 1 23 ALA 23 54  54  ALA ALA A . n 
A 1 24 LEU 24 55  55  LEU LEU A . n 
A 1 25 LEU 25 56  56  LEU LEU A . n 
A 1 26 GLU 26 57  57  GLU GLU A . n 
A 1 27 PHE 27 58  58  PHE PHE A . n 
A 1 28 VAL 28 59  59  VAL VAL A . n 
A 1 29 ARG 29 60  60  ARG ARG A . n 
A 1 30 VAL 30 61  61  VAL VAL A . n 
A 1 31 VAL 31 62  62  VAL VAL A . n 
A 1 32 LYS 32 63  63  LYS LYS A . n 
A 1 33 ALA 33 64  64  ALA ALA A . n 
A 1 34 LYS 34 65  65  LYS LYS A . n 
A 1 35 GLU 35 66  66  GLU GLU A . n 
A 1 36 GLN 36 67  67  GLN GLN A . n 
A 1 37 VAL 37 68  68  VAL VAL A . n 
A 1 38 VAL 38 69  69  VAL VAL A . n 
A 1 39 ALA 39 70  70  ALA ALA A . n 
A 1 40 GLY 40 71  71  GLY GLY A . n 
A 1 41 THR 41 72  72  THR THR A . n 
A 1 42 MET 42 73  73  MET MET A . n 
A 1 43 TYR 43 74  74  TYR TYR A . n 
A 1 44 TYR 44 75  75  TYR TYR A . n 
A 1 45 LEU 45 76  76  LEU LEU A . n 
A 1 46 THR 46 77  77  THR THR A . n 
A 1 47 LEU 47 78  78  LEU LEU A . n 
A 1 48 GLU 48 79  79  GLU GLU A . n 
A 1 49 ALA 49 80  80  ALA ALA A . n 
A 1 50 LYS 50 81  81  LYS LYS A . n 
A 1 51 ASP 51 82  82  ASP ASP A . n 
A 1 52 GLY 52 83  83  GLY GLY A . n 
A 1 53 GLY 53 84  84  GLY GLY A . n 
A 1 54 LYS 54 85  85  LYS LYS A . n 
A 1 55 LYS 55 86  86  LYS LYS A . n 
A 1 56 LYS 56 87  87  LYS LYS A . n 
A 1 57 LEU 57 88  88  LEU LEU A . n 
A 1 58 TYR 58 89  89  TYR TYR A . n 
A 1 59 GLU 59 90  90  GLU GLU A . n 
A 1 60 ALA 60 91  91  ALA ALA A . n 
A 1 61 LYS 61 92  92  LYS LYS A . n 
A 1 62 VAL 62 93  93  VAL VAL A . n 
A 1 63 TRP 63 94  94  TRP TRP A . n 
A 1 64 VAL 64 95  95  VAL VAL A . n 
A 1 65 LYS 65 96  96  LYS LYS A . n 
A 1 66 PRO 66 97  97  PRO PRO A . n 
A 1 67 TRP 67 98  98  TRP TRP A . n 
A 1 68 GLU 68 99  99  GLU GLU A . n 
A 1 69 ASN 69 100 100 ASN ASN A . n 
A 1 70 PHE 70 101 101 PHE PHE A . n 
A 1 71 LYS 71 102 102 LYS LYS A . n 
A 1 72 GLU 72 103 103 GLU GLU A . n 
A 1 73 LEU 73 104 104 LEU LEU A . n 
A 1 74 GLN 74 105 105 GLN GLN A . n 
A 1 75 GLU 75 106 106 GLU GLU A . n 
A 1 76 PHE 76 107 107 PHE PHE A . n 
A 1 77 LYS 77 108 108 LYS LYS A . n 
A 1 78 PRO 78 109 109 PRO PRO A . n 
A 1 79 VAL 79 110 110 VAL VAL A . n 
# 
loop_
_pdbx_nonpoly_scheme.asym_id 
_pdbx_nonpoly_scheme.entity_id 
_pdbx_nonpoly_scheme.mon_id 
_pdbx_nonpoly_scheme.ndb_seq_num 
_pdbx_nonpoly_scheme.pdb_seq_num 
_pdbx_nonpoly_scheme.auth_seq_num 
_pdbx_nonpoly_scheme.pdb_mon_id 
_pdbx_nonpoly_scheme.auth_mon_id 
_pdbx_nonpoly_scheme.pdb_strand_id 
_pdbx_nonpoly_scheme.pdb_ins_code 
B 2 HOH 1  201 1  HOH HOH A . 
B 2 HOH 2  202 2  HOH HOH A . 
B 2 HOH 3  203 3  HOH HOH A . 
B 2 HOH 4  204 4  HOH HOH A . 
B 2 HOH 5  205 5  HOH HOH A . 
B 2 HOH 6  206 6  HOH HOH A . 
B 2 HOH 7  207 7  HOH HOH A . 
B 2 HOH 8  208 8  HOH HOH A . 
B 2 HOH 9  209 9  HOH HOH A . 
B 2 HOH 10 210 10 HOH HOH A . 
B 2 HOH 11 211 11 HOH HOH A . 
B 2 HOH 12 212 12 HOH HOH A . 
B 2 HOH 13 213 13 HOH HOH A . 
B 2 HOH 14 214 14 HOH HOH A . 
B 2 HOH 15 215 15 HOH HOH A . 
B 2 HOH 16 216 16 HOH HOH A . 
B 2 HOH 17 217 17 HOH HOH A . 
B 2 HOH 18 218 18 HOH HOH A . 
B 2 HOH 19 219 19 HOH HOH A . 
B 2 HOH 20 220 20 HOH HOH A . 
B 2 HOH 21 221 21 HOH HOH A . 
B 2 HOH 22 222 22 HOH HOH A . 
B 2 HOH 23 223 23 HOH HOH A . 
B 2 HOH 24 224 24 HOH HOH A . 
B 2 HOH 25 225 25 HOH HOH A . 
B 2 HOH 26 226 26 HOH HOH A . 
B 2 HOH 27 227 27 HOH HOH A . 
B 2 HOH 28 228 28 HOH HOH A . 
B 2 HOH 29 229 29 HOH HOH A . 
B 2 HOH 30 230 30 HOH HOH A . 
B 2 HOH 31 231 31 HOH HOH A . 
B 2 HOH 32 232 32 HOH HOH A . 
B 2 HOH 33 233 33 HOH HOH A . 
B 2 HOH 34 234 34 HOH HOH A . 
B 2 HOH 35 235 35 HOH HOH A . 
B 2 HOH 36 236 36 HOH HOH A . 
B 2 HOH 37 237 37 HOH HOH A . 
B 2 HOH 38 238 38 HOH HOH A . 
B 2 HOH 39 239 39 HOH HOH A . 
B 2 HOH 40 240 40 HOH HOH A . 
B 2 HOH 41 241 41 HOH HOH A . 
B 2 HOH 42 242 42 HOH HOH A . 
B 2 HOH 43 243 43 HOH HOH A . 
# 
loop_
_pdbx_unobs_or_zero_occ_atoms.id 
_pdbx_unobs_or_zero_occ_atoms.PDB_model_num 
_pdbx_unobs_or_zero_occ_atoms.polymer_flag 
_pdbx_unobs_or_zero_occ_atoms.occupancy_flag 
_pdbx_unobs_or_zero_occ_atoms.auth_asym_id 
_pdbx_unobs_or_zero_occ_atoms.auth_comp_id 
_pdbx_unobs_or_zero_occ_atoms.auth_seq_id 
_pdbx_unobs_or_zero_occ_atoms.PDB_ins_code 
_pdbx_unobs_or_zero_occ_atoms.auth_atom_id 
_pdbx_unobs_or_zero_occ_atoms.label_alt_id 
_pdbx_unobs_or_zero_occ_atoms.label_asym_id 
_pdbx_unobs_or_zero_occ_atoms.label_comp_id 
_pdbx_unobs_or_zero_occ_atoms.label_seq_id 
_pdbx_unobs_or_zero_occ_atoms.label_atom_id 
1 1 Y 1 A GLU 32 ? CG  ? A GLU 1 CG  
2 1 Y 1 A GLU 32 ? CD  ? A GLU 1 CD  
3 1 Y 1 A GLU 32 ? OE1 ? A GLU 1 OE1 
4 1 Y 1 A GLU 32 ? OE2 ? A GLU 1 OE2 
# 
loop_
_software.name 
_software.classification 
_software.version 
_software.citation_id 
_software.pdbx_ordinal 
GDA     'data collection' .                            ? 1 
PHASER  phasing           .                            ? 2 
PHENIX  refinement        '(phenix.refine: 1.7.3_928)' ? 3 
XDS     'data reduction'  .                            ? 4 
Aimless 'data scaling'    .                            ? 5 
# 
_cell.entry_id           4N6T 
_cell.length_a           35.855 
_cell.length_b           35.855 
_cell.length_c           61.847 
_cell.angle_alpha        90.00 
_cell.angle_beta         90.00 
_cell.angle_gamma        90.00 
_cell.Z_PDB              4 
_cell.pdbx_unique_axis   ? 
_cell.length_a_esd       ? 
_cell.length_b_esd       ? 
_cell.length_c_esd       ? 
_cell.angle_alpha_esd    ? 
_cell.angle_beta_esd     ? 
_cell.angle_gamma_esd    ? 
# 
_symmetry.entry_id                         4N6T 
_symmetry.space_group_name_H-M             'P 41' 
_symmetry.pdbx_full_space_group_name_H-M   ? 
_symmetry.cell_setting                     ? 
_symmetry.Int_Tables_number                76 
_symmetry.space_group_name_Hall            ? 
# 
_exptl.entry_id          4N6T 
_exptl.method            'X-RAY DIFFRACTION' 
_exptl.crystals_number   1 
# 
_exptl_crystal.id                    1 
_exptl_crystal.density_meas          ? 
_exptl_crystal.density_Matthews      2.14 
_exptl_crystal.density_percent_sol   42.53 
_exptl_crystal.description           ? 
_exptl_crystal.F_000                 ? 
_exptl_crystal.preparation           ? 
# 
_exptl_crystal_grow.crystal_id      1 
_exptl_crystal_grow.method          'VAPOR DIFFUSION, SITTING DROP' 
_exptl_crystal_grow.temp            280 
_exptl_crystal_grow.temp_details    ? 
_exptl_crystal_grow.pH              7.5 
_exptl_crystal_grow.pdbx_details    
;Morpheus (H05), 0.02 M Glycine, 0.02 M Sodium L-Glutamate, 0.02 M DL-Alanine, 0.02 M DL-Lysine Hydrochloride, 0.02 M DL-Serine, 0.1 M MOPS pH=7.50, 0.1 M HEPES sodium salt pH=7.50, 10.0% w/v Polyethylene glycol 20000, 20.0% w/v Polyethylene glycol 550 MME, VAPOR DIFFUSION, SITTING DROP, temperature 280K
;
_exptl_crystal_grow.pdbx_pH_range   ? 
# 
_diffrn.id                     1 
_diffrn.ambient_temp           100 
_diffrn.ambient_temp_details   ? 
_diffrn.crystal_id             1 
# 
_diffrn_detector.diffrn_id              1 
_diffrn_detector.detector               PIXEL 
_diffrn_detector.type                   'DECTRIS PILATUS 6M-F' 
_diffrn_detector.pdbx_collection_date   2013-01-24 
_diffrn_detector.details                ? 
# 
_diffrn_radiation.diffrn_id                        1 
_diffrn_radiation.wavelength_id                    1 
_diffrn_radiation.pdbx_monochromatic_or_laue_m_l   M 
_diffrn_radiation.monochromator                    'Si(111)' 
_diffrn_radiation.pdbx_diffrn_protocol             'SINGLE WAVELENGTH' 
_diffrn_radiation.pdbx_scattering_type             x-ray 
# 
_diffrn_radiation_wavelength.id           1 
_diffrn_radiation_wavelength.wavelength   0.9686 
_diffrn_radiation_wavelength.wt           1.0 
# 
_diffrn_source.diffrn_id                   1 
_diffrn_source.source                      SYNCHROTRON 
_diffrn_source.type                        'DIAMOND BEAMLINE I24' 
_diffrn_source.pdbx_synchrotron_site       Diamond 
_diffrn_source.pdbx_synchrotron_beamline   I24 
_diffrn_source.pdbx_wavelength             ? 
_diffrn_source.pdbx_wavelength_list        0.9686 
# 
_reflns.entry_id                     4N6T 
_reflns.observed_criterion_sigma_I   2.0 
_reflns.observed_criterion_sigma_F   2.0 
_reflns.d_resolution_low             36 
_reflns.d_resolution_high            1.75 
_reflns.number_obs                   7889 
_reflns.number_all                   7945 
_reflns.percent_possible_obs         99.3 
_reflns.pdbx_Rmerge_I_obs            0.082 
_reflns.pdbx_Rsym_value              ? 
_reflns.pdbx_netI_over_sigmaI        18.9 
_reflns.B_iso_Wilson_estimate        27.6 
_reflns.pdbx_redundancy              12.8 
_reflns.R_free_details               ? 
_reflns.limit_h_max                  ? 
_reflns.limit_h_min                  ? 
_reflns.limit_k_max                  ? 
_reflns.limit_k_min                  ? 
_reflns.limit_l_max                  ? 
_reflns.limit_l_min                  ? 
_reflns.observed_criterion_F_max     ? 
_reflns.observed_criterion_F_min     ? 
_reflns.pdbx_chi_squared             ? 
_reflns.pdbx_scaling_rejects         ? 
_reflns.pdbx_ordinal                 1 
_reflns.pdbx_diffrn_id               1 
# 
_reflns_shell.d_res_high             1.75 
_reflns_shell.d_res_low              1.78 
_reflns_shell.percent_possible_all   91.6 
_reflns_shell.Rmerge_I_obs           0.897 
_reflns_shell.pdbx_Rsym_value        ? 
_reflns_shell.meanI_over_sigI_obs    2.6 
_reflns_shell.pdbx_redundancy        7.7 
_reflns_shell.percent_possible_obs   ? 
_reflns_shell.number_unique_all      398 
_reflns_shell.number_measured_all    ? 
_reflns_shell.number_measured_obs    ? 
_reflns_shell.number_unique_obs      ? 
_reflns_shell.pdbx_chi_squared       ? 
_reflns_shell.pdbx_ordinal           1 
_reflns_shell.pdbx_diffrn_id         1 
# 
_refine.entry_id                                 4N6T 
_refine.ls_number_reflns_obs                     15115 
_refine.ls_number_reflns_all                     7889 
_refine.pdbx_ls_sigma_I                          ? 
_refine.pdbx_ls_sigma_F                          0.99 
_refine.pdbx_data_cutoff_high_absF               ? 
_refine.pdbx_data_cutoff_low_absF                ? 
_refine.pdbx_data_cutoff_high_rms_absF           ? 
_refine.ls_d_res_low                             35.855 
_refine.ls_d_res_high                            1.750 
_refine.ls_percent_reflns_obs                    97.32 
_refine.ls_R_factor_obs                          0.1962 
_refine.ls_R_factor_all                          ? 
_refine.ls_R_factor_R_work                       0.1947 
_refine.ls_R_factor_R_free                       0.2287 
_refine.ls_R_factor_R_free_error                 ? 
_refine.ls_R_factor_R_free_error_details         ? 
_refine.ls_percent_reflns_R_free                 4.60 
_refine.ls_number_reflns_R_free                  696 
_refine.ls_number_parameters                     ? 
_refine.ls_number_restraints                     ? 
_refine.occupancy_min                            ? 
_refine.occupancy_max                            ? 
_refine.correlation_coeff_Fo_to_Fc               ? 
_refine.correlation_coeff_Fo_to_Fc_free          ? 
_refine.B_iso_mean                               ? 
_refine.aniso_B[1][1]                            1.8183 
_refine.aniso_B[2][2]                            1.8183 
_refine.aniso_B[3][3]                            -3.6366 
_refine.aniso_B[1][2]                            0.0000 
_refine.aniso_B[1][3]                            -0.0000 
_refine.aniso_B[2][3]                            -0.0000 
_refine.solvent_model_details                    'FLAT BULK SOLVENT MODEL' 
_refine.solvent_model_param_ksol                 0.332 
_refine.solvent_model_param_bsol                 33.084 
_refine.pdbx_solvent_vdw_probe_radii             1.10 
_refine.pdbx_solvent_ion_probe_radii             ? 
_refine.pdbx_solvent_shrinkage_radii             0.86 
_refine.pdbx_ls_cross_valid_method               ? 
_refine.details                                  ? 
_refine.pdbx_starting_model                      ? 
_refine.pdbx_method_to_determine_struct          'MOLECULAR REPLACEMENT' 
_refine.pdbx_isotropic_thermal_model             ? 
_refine.pdbx_stereochemistry_target_values       ML 
_refine.pdbx_stereochem_target_val_spec_case     ? 
_refine.pdbx_R_Free_selection_details            random 
_refine.pdbx_overall_ESU_R                       ? 
_refine.pdbx_overall_ESU_R_Free                  ? 
_refine.overall_SU_ML                            0.18 
_refine.pdbx_overall_phase_error                 23.87 
_refine.overall_SU_B                             ? 
_refine.overall_SU_R_Cruickshank_DPI             ? 
_refine.ls_redundancy_reflns_obs                 ? 
_refine.B_iso_min                                ? 
_refine.B_iso_max                                ? 
_refine.overall_SU_R_free                        ? 
_refine.ls_wR_factor_R_free                      ? 
_refine.ls_wR_factor_R_work                      ? 
_refine.overall_FOM_free_R_set                   ? 
_refine.overall_FOM_work_R_set                   ? 
_refine.pdbx_diffrn_id                           1 
_refine.pdbx_refine_id                           'X-RAY DIFFRACTION' 
_refine.pdbx_TLS_residual_ADP_flag               ? 
_refine.pdbx_overall_SU_R_free_Cruickshank_DPI   ? 
_refine.pdbx_overall_SU_R_Blow_DPI               ? 
_refine.pdbx_overall_SU_R_free_Blow_DPI          ? 
# 
_refine_hist.pdbx_refine_id                   'X-RAY DIFFRACTION' 
_refine_hist.cycle_id                         LAST 
_refine_hist.pdbx_number_atoms_protein        651 
_refine_hist.pdbx_number_atoms_nucleic_acid   0 
_refine_hist.pdbx_number_atoms_ligand         0 
_refine_hist.number_atoms_solvent             43 
_refine_hist.number_atoms_total               694 
_refine_hist.d_res_high                       1.750 
_refine_hist.d_res_low                        35.855 
# 
loop_
_refine_ls_restr.type 
_refine_ls_restr.dev_ideal 
_refine_ls_restr.dev_ideal_target 
_refine_ls_restr.weight 
_refine_ls_restr.number 
_refine_ls_restr.pdbx_restraint_function 
_refine_ls_restr.pdbx_refine_id 
f_bond_d           0.007  ? ? 664 ? 'X-RAY DIFFRACTION' 
f_angle_d          1.072  ? ? 892 ? 'X-RAY DIFFRACTION' 
f_dihedral_angle_d 15.275 ? ? 252 ? 'X-RAY DIFFRACTION' 
f_chiral_restr     0.079  ? ? 96  ? 'X-RAY DIFFRACTION' 
f_plane_restr      0.003  ? ? 112 ? 'X-RAY DIFFRACTION' 
# 
loop_
_refine_ls_shell.pdbx_total_number_of_bins_used 
_refine_ls_shell.d_res_high 
_refine_ls_shell.d_res_low 
_refine_ls_shell.number_reflns_R_work 
_refine_ls_shell.R_factor_R_work 
_refine_ls_shell.percent_reflns_obs 
_refine_ls_shell.R_factor_R_free 
_refine_ls_shell.R_factor_R_free_error 
_refine_ls_shell.percent_reflns_R_free 
_refine_ls_shell.number_reflns_R_free 
_refine_ls_shell.number_reflns_all 
_refine_ls_shell.R_factor_all 
_refine_ls_shell.number_reflns_obs 
_refine_ls_shell.redundancy_reflns_obs 
_refine_ls_shell.pdbx_refine_id 
. 1.7503 1.8854  2697 0.2801 91.00  0.2811 . . 142 . . . . 'X-RAY DIFFRACTION' 
. 1.8854 2.0751  2889 0.2438 98.00  0.2405 . . 127 . . . . 'X-RAY DIFFRACTION' 
. 2.0751 2.3753  2927 0.2225 99.00  0.2729 . . 151 . . . . 'X-RAY DIFFRACTION' 
. 2.3753 2.9924  2940 0.2030 99.00  0.2850 . . 161 . . . . 'X-RAY DIFFRACTION' 
. 2.9924 35.8627 2966 0.1710 100.00 0.1829 . . 115 . . . . 'X-RAY DIFFRACTION' 
# 
_struct.entry_id                  4N6T 
_struct.title                     'Adhiron: a stable and versatile peptide display scaffold - full length adhiron' 
_struct.pdbx_model_details        ? 
_struct.pdbx_CASP_flag            ? 
_struct.pdbx_model_type_details   ? 
# 
_struct_keywords.entry_id        4N6T 
_struct_keywords.pdbx_keywords   'DE NOVO PROTEIN' 
_struct_keywords.text            'protein scaffold, CONSENSUS PROTEIN, DE NOVO PROTEIN' 
# 
loop_
_struct_asym.id 
_struct_asym.pdbx_blank_PDB_chainid_flag 
_struct_asym.pdbx_modified 
_struct_asym.entity_id 
_struct_asym.details 
A N N 1 ? 
B N N 2 ? 
# 
_struct_ref.id                         1 
_struct_ref.db_name                    PDB 
_struct_ref.db_code                    4N6T 
_struct_ref.pdbx_db_accession          4N6T 
_struct_ref.entity_id                  1 
_struct_ref.pdbx_align_begin           ? 
_struct_ref.pdbx_seq_one_letter_code   ? 
_struct_ref.pdbx_db_isoform            ? 
# 
_struct_ref_seq.align_id                      1 
_struct_ref_seq.ref_id                        1 
_struct_ref_seq.pdbx_PDB_id_code              4N6T 
_struct_ref_seq.pdbx_strand_id                A 
_struct_ref_seq.seq_align_beg                 1 
_struct_ref_seq.pdbx_seq_align_beg_ins_code   ? 
_struct_ref_seq.seq_align_end                 79 
_struct_ref_seq.pdbx_seq_align_end_ins_code   ? 
_struct_ref_seq.pdbx_db_accession             4N6T 
_struct_ref_seq.db_align_beg                  32 
_struct_ref_seq.pdbx_db_align_beg_ins_code    ? 
_struct_ref_seq.db_align_end                  110 
_struct_ref_seq.pdbx_db_align_end_ins_code    ? 
_struct_ref_seq.pdbx_auth_seq_align_beg       32 
_struct_ref_seq.pdbx_auth_seq_align_end       110 
# 
_pdbx_struct_assembly.id                   1 
_pdbx_struct_assembly.details              author_and_software_defined_assembly 
_pdbx_struct_assembly.method_details       PISA 
_pdbx_struct_assembly.oligomeric_details   monomeric 
_pdbx_struct_assembly.oligomeric_count     1 
# 
_pdbx_struct_assembly_gen.assembly_id       1 
_pdbx_struct_assembly_gen.oper_expression   1 
_pdbx_struct_assembly_gen.asym_id_list      A,B 
# 
_pdbx_struct_oper_list.id                   1 
_pdbx_struct_oper_list.type                 'identity operation' 
_pdbx_struct_oper_list.name                 1_555 
_pdbx_struct_oper_list.symmetry_operation   x,y,z 
_pdbx_struct_oper_list.matrix[1][1]         1.0000000000 
_pdbx_struct_oper_list.matrix[1][2]         0.0000000000 
_pdbx_struct_oper_list.matrix[1][3]         0.0000000000 
_pdbx_struct_oper_list.vector[1]            0.0000000000 
_pdbx_struct_oper_list.matrix[2][1]         0.0000000000 
_pdbx_struct_oper_list.matrix[2][2]         1.0000000000 
_pdbx_struct_oper_list.matrix[2][3]         0.0000000000 
_pdbx_struct_oper_list.vector[2]            0.0000000000 
_pdbx_struct_oper_list.matrix[3][1]         0.0000000000 
_pdbx_struct_oper_list.matrix[3][2]         0.0000000000 
_pdbx_struct_oper_list.matrix[3][3]         1.0000000000 
_pdbx_struct_oper_list.vector[3]            0.0000000000 
# 
_struct_biol.id        1 
_struct_biol.details   ? 
# 
_struct_conf.conf_type_id            HELX_P 
_struct_conf.id                      HELX_P1 
_struct_conf.pdbx_PDB_helix_id       1 
_struct_conf.beg_label_comp_id       GLU 
_struct_conf.beg_label_asym_id       A 
_struct_conf.beg_label_seq_id        1 
_struct_conf.pdbx_beg_PDB_ins_code   ? 
_struct_conf.end_label_comp_id       ASN 
_struct_conf.end_label_asym_id       A 
_struct_conf.end_label_seq_id        22 
_struct_conf.pdbx_end_PDB_ins_code   ? 
_struct_conf.beg_auth_comp_id        GLU 
_struct_conf.beg_auth_asym_id        A 
_struct_conf.beg_auth_seq_id         32 
_struct_conf.end_auth_comp_id        ASN 
_struct_conf.end_auth_asym_id        A 
_struct_conf.end_auth_seq_id         53 
_struct_conf.pdbx_PDB_helix_class    1 
_struct_conf.details                 ? 
_struct_conf.pdbx_PDB_helix_length   22 
# 
_struct_conf_type.id          HELX_P 
_struct_conf_type.criteria    ? 
_struct_conf_type.reference   ? 
# 
_struct_sheet.id               A 
_struct_sheet.type             ? 
_struct_sheet.number_strands   4 
_struct_sheet.details          ? 
# 
loop_
_struct_sheet_order.sheet_id 
_struct_sheet_order.range_id_1 
_struct_sheet_order.range_id_2 
_struct_sheet_order.offset 
_struct_sheet_order.sense 
A 1 2 ? anti-parallel 
A 2 3 ? anti-parallel 
A 3 4 ? anti-parallel 
# 
loop_
_struct_sheet_range.sheet_id 
_struct_sheet_range.id 
_struct_sheet_range.beg_label_comp_id 
_struct_sheet_range.beg_label_asym_id 
_struct_sheet_range.beg_label_seq_id 
_struct_sheet_range.pdbx_beg_PDB_ins_code 
_struct_sheet_range.end_label_comp_id 
_struct_sheet_range.end_label_asym_id 
_struct_sheet_range.end_label_seq_id 
_struct_sheet_range.pdbx_end_PDB_ins_code 
_struct_sheet_range.beg_auth_comp_id 
_struct_sheet_range.beg_auth_asym_id 
_struct_sheet_range.beg_auth_seq_id 
_struct_sheet_range.end_auth_comp_id 
_struct_sheet_range.end_auth_asym_id 
_struct_sheet_range.end_auth_seq_id 
A 1 GLU A 26 ? VAL A 37 ? GLU A 57  VAL A 68  
A 2 THR A 41 ? ASP A 51 ? THR A 72  ASP A 82  
A 3 LYS A 54 ? LYS A 65 ? LYS A 85  LYS A 96  
A 4 PHE A 70 ? PRO A 78 ? PHE A 101 PRO A 109 
# 
loop_
_pdbx_struct_sheet_hbond.sheet_id 
_pdbx_struct_sheet_hbond.range_id_1 
_pdbx_struct_sheet_hbond.range_id_2 
_pdbx_struct_sheet_hbond.range_1_label_atom_id 
_pdbx_struct_sheet_hbond.range_1_label_comp_id 
_pdbx_struct_sheet_hbond.range_1_label_asym_id 
_pdbx_struct_sheet_hbond.range_1_label_seq_id 
_pdbx_struct_sheet_hbond.range_1_PDB_ins_code 
_pdbx_struct_sheet_hbond.range_1_auth_atom_id 
_pdbx_struct_sheet_hbond.range_1_auth_comp_id 
_pdbx_struct_sheet_hbond.range_1_auth_asym_id 
_pdbx_struct_sheet_hbond.range_1_auth_seq_id 
_pdbx_struct_sheet_hbond.range_2_label_atom_id 
_pdbx_struct_sheet_hbond.range_2_label_comp_id 
_pdbx_struct_sheet_hbond.range_2_label_asym_id 
_pdbx_struct_sheet_hbond.range_2_label_seq_id 
_pdbx_struct_sheet_hbond.range_2_PDB_ins_code 
_pdbx_struct_sheet_hbond.range_2_auth_atom_id 
_pdbx_struct_sheet_hbond.range_2_auth_comp_id 
_pdbx_struct_sheet_hbond.range_2_auth_asym_id 
_pdbx_struct_sheet_hbond.range_2_auth_seq_id 
A 1 2 N GLN A 36 ? N GLN A 67 O MET A 42 ? O MET A 73  
A 2 3 N ASP A 51 ? N ASP A 82 O LYS A 54 ? O LYS A 85  
A 3 4 N GLU A 59 ? N GLU A 90 O LYS A 77 ? O LYS A 108 
# 
_pdbx_validate_symm_contact.id                1 
_pdbx_validate_symm_contact.PDB_model_num     1 
_pdbx_validate_symm_contact.auth_atom_id_1    N 
_pdbx_validate_symm_contact.auth_asym_id_1    A 
_pdbx_validate_symm_contact.auth_comp_id_1    GLU 
_pdbx_validate_symm_contact.auth_seq_id_1     32 
_pdbx_validate_symm_contact.PDB_ins_code_1    ? 
_pdbx_validate_symm_contact.label_alt_id_1    ? 
_pdbx_validate_symm_contact.site_symmetry_1   1_555 
_pdbx_validate_symm_contact.auth_atom_id_2    O 
_pdbx_validate_symm_contact.auth_asym_id_2    A 
_pdbx_validate_symm_contact.auth_comp_id_2    HOH 
_pdbx_validate_symm_contact.auth_seq_id_2     237 
_pdbx_validate_symm_contact.PDB_ins_code_2    ? 
_pdbx_validate_symm_contact.label_alt_id_2    ? 
_pdbx_validate_symm_contact.site_symmetry_2   3_545 
_pdbx_validate_symm_contact.dist              1.90 
# 
loop_
_pdbx_validate_torsion.id 
_pdbx_validate_torsion.PDB_model_num 
_pdbx_validate_torsion.auth_comp_id 
_pdbx_validate_torsion.auth_asym_id 
_pdbx_validate_torsion.auth_seq_id 
_pdbx_validate_torsion.PDB_ins_code 
_pdbx_validate_torsion.label_alt_id 
_pdbx_validate_torsion.phi 
_pdbx_validate_torsion.psi 
1 1 LEU A 55 ? ? -142.75 42.75   
2 1 VAL A 69 ? ? -137.81 -139.36 
# 
loop_
_pdbx_refine_tls.pdbx_refine_id 
_pdbx_refine_tls.id 
_pdbx_refine_tls.details 
_pdbx_refine_tls.method 
_pdbx_refine_tls.origin_x 
_pdbx_refine_tls.origin_y 
_pdbx_refine_tls.origin_z 
_pdbx_refine_tls.T[1][1] 
_pdbx_refine_tls.T[2][2] 
_pdbx_refine_tls.T[3][3] 
_pdbx_refine_tls.T[1][2] 
_pdbx_refine_tls.T[1][3] 
_pdbx_refine_tls.T[2][3] 
_pdbx_refine_tls.L[1][1] 
_pdbx_refine_tls.L[2][2] 
_pdbx_refine_tls.L[3][3] 
_pdbx_refine_tls.L[1][2] 
_pdbx_refine_tls.L[1][3] 
_pdbx_refine_tls.L[2][3] 
_pdbx_refine_tls.S[1][1] 
_pdbx_refine_tls.S[1][2] 
_pdbx_refine_tls.S[1][3] 
_pdbx_refine_tls.S[2][1] 
_pdbx_refine_tls.S[2][2] 
_pdbx_refine_tls.S[2][3] 
_pdbx_refine_tls.S[3][1] 
_pdbx_refine_tls.S[3][2] 
_pdbx_refine_tls.S[3][3] 
'X-RAY DIFFRACTION' 1 ? refined 0.7706  -4.1936 -1.4883 0.2955 0.1231 0.3293 -0.0209 0.0034  -0.0041 4.1443 4.2570 9.5206 -0.0282 1.0563  -0.2134 -0.0911 0.1011  -0.3060 -0.0115 -0.1985 0.4546 0.6993  -0.3064 0.3781  
'X-RAY DIFFRACTION' 2 ? refined 1.7628  3.3772  0.7239  0.2575 0.1347 0.2498 -0.0273 -0.0775 -0.0046 7.1558 6.1545 8.1424 -0.2774 -0.0130 -0.1059 -0.2343 -0.0078 0.2569  0.1777  -0.3355 0.1335 -0.3215 -0.3208 0.4977  
'X-RAY DIFFRACTION' 3 ? refined -6.7428 2.4079  1.5924  0.3170 0.4049 0.4407 0.0074  -0.0782 -0.1372 6.5032 4.4682 9.8984 0.4380  -3.3477 -1.7627 -0.1393 -0.1824 0.7399  0.3611  -0.0041 1.1247 -0.4522 -1.1305 -0.1440 
# 
loop_
_pdbx_refine_tls_group.pdbx_refine_id 
_pdbx_refine_tls_group.id 
_pdbx_refine_tls_group.refine_tls_id 
_pdbx_refine_tls_group.beg_auth_asym_id 
_pdbx_refine_tls_group.beg_auth_seq_id 
_pdbx_refine_tls_group.beg_label_asym_id 
_pdbx_refine_tls_group.beg_label_seq_id 
_pdbx_refine_tls_group.end_auth_asym_id 
_pdbx_refine_tls_group.end_auth_seq_id 
_pdbx_refine_tls_group.end_label_asym_id 
_pdbx_refine_tls_group.end_label_seq_id 
_pdbx_refine_tls_group.selection 
_pdbx_refine_tls_group.selection_details 
'X-RAY DIFFRACTION' 1 1 ? ? ? ? ? ? ? ? ? 
;chain 'A' and (resseq 32:62)
;
'X-RAY DIFFRACTION' 2 2 ? ? ? ? ? ? ? ? ? 
;chain 'A' and (resseq 63:96)
;
'X-RAY DIFFRACTION' 3 3 ? ? ? ? ? ? ? ? ? 
;chain 'A' and (resseq 97:110)
;
# 
loop_
_chem_comp_atom.comp_id 
_chem_comp_atom.atom_id 
_chem_comp_atom.type_symbol 
_chem_comp_atom.pdbx_aromatic_flag 
_chem_comp_atom.pdbx_stereo_config 
_chem_comp_atom.pdbx_ordinal 
ALA N    N N N 1   
ALA CA   C N S 2   
ALA C    C N N 3   
ALA O    O N N 4   
ALA CB   C N N 5   
ALA OXT  O N N 6   
ALA H    H N N 7   
ALA H2   H N N 8   
ALA HA   H N N 9   
ALA HB1  H N N 10  
ALA HB2  H N N 11  
ALA HB3  H N N 12  
ALA HXT  H N N 13  
ARG N    N N N 14  
ARG CA   C N S 15  
ARG C    C N N 16  
ARG O    O N N 17  
ARG CB   C N N 18  
ARG CG   C N N 19  
ARG CD   C N N 20  
ARG NE   N N N 21  
ARG CZ   C N N 22  
ARG NH1  N N N 23  
ARG NH2  N N N 24  
ARG OXT  O N N 25  
ARG H    H N N 26  
ARG H2   H N N 27  
ARG HA   H N N 28  
ARG HB2  H N N 29  
ARG HB3  H N N 30  
ARG HG2  H N N 31  
ARG HG3  H N N 32  
ARG HD2  H N N 33  
ARG HD3  H N N 34  
ARG HE   H N N 35  
ARG HH11 H N N 36  
ARG HH12 H N N 37  
ARG HH21 H N N 38  
ARG HH22 H N N 39  
ARG HXT  H N N 40  
ASN N    N N N 41  
ASN CA   C N S 42  
ASN C    C N N 43  
ASN O    O N N 44  
ASN CB   C N N 45  
ASN CG   C N N 46  
ASN OD1  O N N 47  
ASN ND2  N N N 48  
ASN OXT  O N N 49  
ASN H    H N N 50  
ASN H2   H N N 51  
ASN HA   H N N 52  
ASN HB2  H N N 53  
ASN HB3  H N N 54  
ASN HD21 H N N 55  
ASN HD22 H N N 56  
ASN HXT  H N N 57  
ASP N    N N N 58  
ASP CA   C N S 59  
ASP C    C N N 60  
ASP O    O N N 61  
ASP CB   C N N 62  
ASP CG   C N N 63  
ASP OD1  O N N 64  
ASP OD2  O N N 65  
ASP OXT  O N N 66  
ASP H    H N N 67  
ASP H2   H N N 68  
ASP HA   H N N 69  
ASP HB2  H N N 70  
ASP HB3  H N N 71  
ASP HD2  H N N 72  
ASP HXT  H N N 73  
GLN N    N N N 74  
GLN CA   C N S 75  
GLN C    C N N 76  
GLN O    O N N 77  
GLN CB   C N N 78  
GLN CG   C N N 79  
GLN CD   C N N 80  
GLN OE1  O N N 81  
GLN NE2  N N N 82  
GLN OXT  O N N 83  
GLN H    H N N 84  
GLN H2   H N N 85  
GLN HA   H N N 86  
GLN HB2  H N N 87  
GLN HB3  H N N 88  
GLN HG2  H N N 89  
GLN HG3  H N N 90  
GLN HE21 H N N 91  
GLN HE22 H N N 92  
GLN HXT  H N N 93  
GLU N    N N N 94  
GLU CA   C N S 95  
GLU C    C N N 96  
GLU O    O N N 97  
GLU CB   C N N 98  
GLU CG   C N N 99  
GLU CD   C N N 100 
GLU OE1  O N N 101 
GLU OE2  O N N 102 
GLU OXT  O N N 103 
GLU H    H N N 104 
GLU H2   H N N 105 
GLU HA   H N N 106 
GLU HB2  H N N 107 
GLU HB3  H N N 108 
GLU HG2  H N N 109 
GLU HG3  H N N 110 
GLU HE2  H N N 111 
GLU HXT  H N N 112 
GLY N    N N N 113 
GLY CA   C N N 114 
GLY C    C N N 115 
GLY O    O N N 116 
GLY OXT  O N N 117 
GLY H    H N N 118 
GLY H2   H N N 119 
GLY HA2  H N N 120 
GLY HA3  H N N 121 
GLY HXT  H N N 122 
HIS N    N N N 123 
HIS CA   C N S 124 
HIS C    C N N 125 
HIS O    O N N 126 
HIS CB   C N N 127 
HIS CG   C Y N 128 
HIS ND1  N Y N 129 
HIS CD2  C Y N 130 
HIS CE1  C Y N 131 
HIS NE2  N Y N 132 
HIS OXT  O N N 133 
HIS H    H N N 134 
HIS H2   H N N 135 
HIS HA   H N N 136 
HIS HB2  H N N 137 
HIS HB3  H N N 138 
HIS HD1  H N N 139 
HIS HD2  H N N 140 
HIS HE1  H N N 141 
HIS HE2  H N N 142 
HIS HXT  H N N 143 
HOH O    O N N 144 
HOH H1   H N N 145 
HOH H2   H N N 146 
ILE N    N N N 147 
ILE CA   C N S 148 
ILE C    C N N 149 
ILE O    O N N 150 
ILE CB   C N S 151 
ILE CG1  C N N 152 
ILE CG2  C N N 153 
ILE CD1  C N N 154 
ILE OXT  O N N 155 
ILE H    H N N 156 
ILE H2   H N N 157 
ILE HA   H N N 158 
ILE HB   H N N 159 
ILE HG12 H N N 160 
ILE HG13 H N N 161 
ILE HG21 H N N 162 
ILE HG22 H N N 163 
ILE HG23 H N N 164 
ILE HD11 H N N 165 
ILE HD12 H N N 166 
ILE HD13 H N N 167 
ILE HXT  H N N 168 
LEU N    N N N 169 
LEU CA   C N S 170 
LEU C    C N N 171 
LEU O    O N N 172 
LEU CB   C N N 173 
LEU CG   C N N 174 
LEU CD1  C N N 175 
LEU CD2  C N N 176 
LEU OXT  O N N 177 
LEU H    H N N 178 
LEU H2   H N N 179 
LEU HA   H N N 180 
LEU HB2  H N N 181 
LEU HB3  H N N 182 
LEU HG   H N N 183 
LEU HD11 H N N 184 
LEU HD12 H N N 185 
LEU HD13 H N N 186 
LEU HD21 H N N 187 
LEU HD22 H N N 188 
LEU HD23 H N N 189 
LEU HXT  H N N 190 
LYS N    N N N 191 
LYS CA   C N S 192 
LYS C    C N N 193 
LYS O    O N N 194 
LYS CB   C N N 195 
LYS CG   C N N 196 
LYS CD   C N N 197 
LYS CE   C N N 198 
LYS NZ   N N N 199 
LYS OXT  O N N 200 
LYS H    H N N 201 
LYS H2   H N N 202 
LYS HA   H N N 203 
LYS HB2  H N N 204 
LYS HB3  H N N 205 
LYS HG2  H N N 206 
LYS HG3  H N N 207 
LYS HD2  H N N 208 
LYS HD3  H N N 209 
LYS HE2  H N N 210 
LYS HE3  H N N 211 
LYS HZ1  H N N 212 
LYS HZ2  H N N 213 
LYS HZ3  H N N 214 
LYS HXT  H N N 215 
MET N    N N N 216 
MET CA   C N S 217 
MET C    C N N 218 
MET O    O N N 219 
MET CB   C N N 220 
MET CG   C N N 221 
MET SD   S N N 222 
MET CE   C N N 223 
MET OXT  O N N 224 
MET H    H N N 225 
MET H2   H N N 226 
MET HA   H N N 227 
MET HB2  H N N 228 
MET HB3  H N N 229 
MET HG2  H N N 230 
MET HG3  H N N 231 
MET HE1  H N N 232 
MET HE2  H N N 233 
MET HE3  H N N 234 
MET HXT  H N N 235 
PHE N    N N N 236 
PHE CA   C N S 237 
PHE C    C N N 238 
PHE O    O N N 239 
PHE CB   C N N 240 
PHE CG   C Y N 241 
PHE CD1  C Y N 242 
PHE CD2  C Y N 243 
PHE CE1  C Y N 244 
PHE CE2  C Y N 245 
PHE CZ   C Y N 246 
PHE OXT  O N N 247 
PHE H    H N N 248 
PHE H2   H N N 249 
PHE HA   H N N 250 
PHE HB2  H N N 251 
PHE HB3  H N N 252 
PHE HD1  H N N 253 
PHE HD2  H N N 254 
PHE HE1  H N N 255 
PHE HE2  H N N 256 
PHE HZ   H N N 257 
PHE HXT  H N N 258 
PRO N    N N N 259 
PRO CA   C N S 260 
PRO C    C N N 261 
PRO O    O N N 262 
PRO CB   C N N 263 
PRO CG   C N N 264 
PRO CD   C N N 265 
PRO OXT  O N N 266 
PRO H    H N N 267 
PRO HA   H N N 268 
PRO HB2  H N N 269 
PRO HB3  H N N 270 
PRO HG2  H N N 271 
PRO HG3  H N N 272 
PRO HD2  H N N 273 
PRO HD3  H N N 274 
PRO HXT  H N N 275 
SER N    N N N 276 
SER CA   C N S 277 
SER C    C N N 278 
SER O    O N N 279 
SER CB   C N N 280 
SER OG   O N N 281 
SER OXT  O N N 282 
SER H    H N N 283 
SER H2   H N N 284 
SER HA   H N N 285 
SER HB2  H N N 286 
SER HB3  H N N 287 
SER HG   H N N 288 
SER HXT  H N N 289 
THR N    N N N 290 
THR CA   C N S 291 
THR C    C N N 292 
THR O    O N N 293 
THR CB   C N R 294 
THR OG1  O N N 295 
THR CG2  C N N 296 
THR OXT  O N N 297 
THR H    H N N 298 
THR H2   H N N 299 
THR HA   H N N 300 
THR HB   H N N 301 
THR HG1  H N N 302 
THR HG21 H N N 303 
THR HG22 H N N 304 
THR HG23 H N N 305 
THR HXT  H N N 306 
TRP N    N N N 307 
TRP CA   C N S 308 
TRP C    C N N 309 
TRP O    O N N 310 
TRP CB   C N N 311 
TRP CG   C Y N 312 
TRP CD1  C Y N 313 
TRP CD2  C Y N 314 
TRP NE1  N Y N 315 
TRP CE2  C Y N 316 
TRP CE3  C Y N 317 
TRP CZ2  C Y N 318 
TRP CZ3  C Y N 319 
TRP CH2  C Y N 320 
TRP OXT  O N N 321 
TRP H    H N N 322 
TRP H2   H N N 323 
TRP HA   H N N 324 
TRP HB2  H N N 325 
TRP HB3  H N N 326 
TRP HD1  H N N 327 
TRP HE1  H N N 328 
TRP HE3  H N N 329 
TRP HZ2  H N N 330 
TRP HZ3  H N N 331 
TRP HH2  H N N 332 
TRP HXT  H N N 333 
TYR N    N N N 334 
TYR CA   C N S 335 
TYR C    C N N 336 
TYR O    O N N 337 
TYR CB   C N N 338 
TYR CG   C Y N 339 
TYR CD1  C Y N 340 
TYR CD2  C Y N 341 
TYR CE1  C Y N 342 
TYR CE2  C Y N 343 
TYR CZ   C Y N 344 
TYR OH   O N N 345 
TYR OXT  O N N 346 
TYR H    H N N 347 
TYR H2   H N N 348 
TYR HA   H N N 349 
TYR HB2  H N N 350 
TYR HB3  H N N 351 
TYR HD1  H N N 352 
TYR HD2  H N N 353 
TYR HE1  H N N 354 
TYR HE2  H N N 355 
TYR HH   H N N 356 
TYR HXT  H N N 357 
VAL N    N N N 358 
VAL CA   C N S 359 
VAL C    C N N 360 
VAL O    O N N 361 
VAL CB   C N N 362 
VAL CG1  C N N 363 
VAL CG2  C N N 364 
VAL OXT  O N N 365 
VAL H    H N N 366 
VAL H2   H N N 367 
VAL HA   H N N 368 
VAL HB   H N N 369 
VAL HG11 H N N 370 
VAL HG12 H N N 371 
VAL HG13 H N N 372 
VAL HG21 H N N 373 
VAL HG22 H N N 374 
VAL HG23 H N N 375 
VAL HXT  H N N 376 
# 
loop_
_chem_comp_bond.comp_id 
_chem_comp_bond.atom_id_1 
_chem_comp_bond.atom_id_2 
_chem_comp_bond.value_order 
_chem_comp_bond.pdbx_aromatic_flag 
_chem_comp_bond.pdbx_stereo_config 
_chem_comp_bond.pdbx_ordinal 
ALA N   CA   sing N N 1   
ALA N   H    sing N N 2   
ALA N   H2   sing N N 3   
ALA CA  C    sing N N 4   
ALA CA  CB   sing N N 5   
ALA CA  HA   sing N N 6   
ALA C   O    doub N N 7   
ALA C   OXT  sing N N 8   
ALA CB  HB1  sing N N 9   
ALA CB  HB2  sing N N 10  
ALA CB  HB3  sing N N 11  
ALA OXT HXT  sing N N 12  
ARG N   CA   sing N N 13  
ARG N   H    sing N N 14  
ARG N   H2   sing N N 15  
ARG CA  C    sing N N 16  
ARG CA  CB   sing N N 17  
ARG CA  HA   sing N N 18  
ARG C   O    doub N N 19  
ARG C   OXT  sing N N 20  
ARG CB  CG   sing N N 21  
ARG CB  HB2  sing N N 22  
ARG CB  HB3  sing N N 23  
ARG CG  CD   sing N N 24  
ARG CG  HG2  sing N N 25  
ARG CG  HG3  sing N N 26  
ARG CD  NE   sing N N 27  
ARG CD  HD2  sing N N 28  
ARG CD  HD3  sing N N 29  
ARG NE  CZ   sing N N 30  
ARG NE  HE   sing N N 31  
ARG CZ  NH1  sing N N 32  
ARG CZ  NH2  doub N N 33  
ARG NH1 HH11 sing N N 34  
ARG NH1 HH12 sing N N 35  
ARG NH2 HH21 sing N N 36  
ARG NH2 HH22 sing N N 37  
ARG OXT HXT  sing N N 38  
ASN N   CA   sing N N 39  
ASN N   H    sing N N 40  
ASN N   H2   sing N N 41  
ASN CA  C    sing N N 42  
ASN CA  CB   sing N N 43  
ASN CA  HA   sing N N 44  
ASN C   O    doub N N 45  
ASN C   OXT  sing N N 46  
ASN CB  CG   sing N N 47  
ASN CB  HB2  sing N N 48  
ASN CB  HB3  sing N N 49  
ASN CG  OD1  doub N N 50  
ASN CG  ND2  sing N N 51  
ASN ND2 HD21 sing N N 52  
ASN ND2 HD22 sing N N 53  
ASN OXT HXT  sing N N 54  
ASP N   CA   sing N N 55  
ASP N   H    sing N N 56  
ASP N   H2   sing N N 57  
ASP CA  C    sing N N 58  
ASP CA  CB   sing N N 59  
ASP CA  HA   sing N N 60  
ASP C   O    doub N N 61  
ASP C   OXT  sing N N 62  
ASP CB  CG   sing N N 63  
ASP CB  HB2  sing N N 64  
ASP CB  HB3  sing N N 65  
ASP CG  OD1  doub N N 66  
ASP CG  OD2  sing N N 67  
ASP OD2 HD2  sing N N 68  
ASP OXT HXT  sing N N 69  
GLN N   CA   sing N N 70  
GLN N   H    sing N N 71  
GLN N   H2   sing N N 72  
GLN CA  C    sing N N 73  
GLN CA  CB   sing N N 74  
GLN CA  HA   sing N N 75  
GLN C   O    doub N N 76  
GLN C   OXT  sing N N 77  
GLN CB  CG   sing N N 78  
GLN CB  HB2  sing N N 79  
GLN CB  HB3  sing N N 80  
GLN CG  CD   sing N N 81  
GLN CG  HG2  sing N N 82  
GLN CG  HG3  sing N N 83  
GLN CD  OE1  doub N N 84  
GLN CD  NE2  sing N N 85  
GLN NE2 HE21 sing N N 86  
GLN NE2 HE22 sing N N 87  
GLN OXT HXT  sing N N 88  
GLU N   CA   sing N N 89  
GLU N   H    sing N N 90  
GLU N   H2   sing N N 91  
GLU CA  C    sing N N 92  
GLU CA  CB   sing N N 93  
GLU CA  HA   sing N N 94  
GLU C   O    doub N N 95  
GLU C   OXT  sing N N 96  
GLU CB  CG   sing N N 97  
GLU CB  HB2  sing N N 98  
GLU CB  HB3  sing N N 99  
GLU CG  CD   sing N N 100 
GLU CG  HG2  sing N N 101 
GLU CG  HG3  sing N N 102 
GLU CD  OE1  doub N N 103 
GLU CD  OE2  sing N N 104 
GLU OE2 HE2  sing N N 105 
GLU OXT HXT  sing N N 106 
GLY N   CA   sing N N 107 
GLY N   H    sing N N 108 
GLY N   H2   sing N N 109 
GLY CA  C    sing N N 110 
GLY CA  HA2  sing N N 111 
GLY CA  HA3  sing N N 112 
GLY C   O    doub N N 113 
GLY C   OXT  sing N N 114 
GLY OXT HXT  sing N N 115 
HIS N   CA   sing N N 116 
HIS N   H    sing N N 117 
HIS N   H2   sing N N 118 
HIS CA  C    sing N N 119 
HIS CA  CB   sing N N 120 
HIS CA  HA   sing N N 121 
HIS C   O    doub N N 122 
HIS C   OXT  sing N N 123 
HIS CB  CG   sing N N 124 
HIS CB  HB2  sing N N 125 
HIS CB  HB3  sing N N 126 
HIS CG  ND1  sing Y N 127 
HIS CG  CD2  doub Y N 128 
HIS ND1 CE1  doub Y N 129 
HIS ND1 HD1  sing N N 130 
HIS CD2 NE2  sing Y N 131 
HIS CD2 HD2  sing N N 132 
HIS CE1 NE2  sing Y N 133 
HIS CE1 HE1  sing N N 134 
HIS NE2 HE2  sing N N 135 
HIS OXT HXT  sing N N 136 
HOH O   H1   sing N N 137 
HOH O   H2   sing N N 138 
ILE N   CA   sing N N 139 
ILE N   H    sing N N 140 
ILE N   H2   sing N N 141 
ILE CA  C    sing N N 142 
ILE CA  CB   sing N N 143 
ILE CA  HA   sing N N 144 
ILE C   O    doub N N 145 
ILE C   OXT  sing N N 146 
ILE CB  CG1  sing N N 147 
ILE CB  CG2  sing N N 148 
ILE CB  HB   sing N N 149 
ILE CG1 CD1  sing N N 150 
ILE CG1 HG12 sing N N 151 
ILE CG1 HG13 sing N N 152 
ILE CG2 HG21 sing N N 153 
ILE CG2 HG22 sing N N 154 
ILE CG2 HG23 sing N N 155 
ILE CD1 HD11 sing N N 156 
ILE CD1 HD12 sing N N 157 
ILE CD1 HD13 sing N N 158 
ILE OXT HXT  sing N N 159 
LEU N   CA   sing N N 160 
LEU N   H    sing N N 161 
LEU N   H2   sing N N 162 
LEU CA  C    sing N N 163 
LEU CA  CB   sing N N 164 
LEU CA  HA   sing N N 165 
LEU C   O    doub N N 166 
LEU C   OXT  sing N N 167 
LEU CB  CG   sing N N 168 
LEU CB  HB2  sing N N 169 
LEU CB  HB3  sing N N 170 
LEU CG  CD1  sing N N 171 
LEU CG  CD2  sing N N 172 
LEU CG  HG   sing N N 173 
LEU CD1 HD11 sing N N 174 
LEU CD1 HD12 sing N N 175 
LEU CD1 HD13 sing N N 176 
LEU CD2 HD21 sing N N 177 
LEU CD2 HD22 sing N N 178 
LEU CD2 HD23 sing N N 179 
LEU OXT HXT  sing N N 180 
LYS N   CA   sing N N 181 
LYS N   H    sing N N 182 
LYS N   H2   sing N N 183 
LYS CA  C    sing N N 184 
LYS CA  CB   sing N N 185 
LYS CA  HA   sing N N 186 
LYS C   O    doub N N 187 
LYS C   OXT  sing N N 188 
LYS CB  CG   sing N N 189 
LYS CB  HB2  sing N N 190 
LYS CB  HB3  sing N N 191 
LYS CG  CD   sing N N 192 
LYS CG  HG2  sing N N 193 
LYS CG  HG3  sing N N 194 
LYS CD  CE   sing N N 195 
LYS CD  HD2  sing N N 196 
LYS CD  HD3  sing N N 197 
LYS CE  NZ   sing N N 198 
LYS CE  HE2  sing N N 199 
LYS CE  HE3  sing N N 200 
LYS NZ  HZ1  sing N N 201 
LYS NZ  HZ2  sing N N 202 
LYS NZ  HZ3  sing N N 203 
LYS OXT HXT  sing N N 204 
MET N   CA   sing N N 205 
MET N   H    sing N N 206 
MET N   H2   sing N N 207 
MET CA  C    sing N N 208 
MET CA  CB   sing N N 209 
MET CA  HA   sing N N 210 
MET C   O    doub N N 211 
MET C   OXT  sing N N 212 
MET CB  CG   sing N N 213 
MET CB  HB2  sing N N 214 
MET CB  HB3  sing N N 215 
MET CG  SD   sing N N 216 
MET CG  HG2  sing N N 217 
MET CG  HG3  sing N N 218 
MET SD  CE   sing N N 219 
MET CE  HE1  sing N N 220 
MET CE  HE2  sing N N 221 
MET CE  HE3  sing N N 222 
MET OXT HXT  sing N N 223 
PHE N   CA   sing N N 224 
PHE N   H    sing N N 225 
PHE N   H2   sing N N 226 
PHE CA  C    sing N N 227 
PHE CA  CB   sing N N 228 
PHE CA  HA   sing N N 229 
PHE C   O    doub N N 230 
PHE C   OXT  sing N N 231 
PHE CB  CG   sing N N 232 
PHE CB  HB2  sing N N 233 
PHE CB  HB3  sing N N 234 
PHE CG  CD1  doub Y N 235 
PHE CG  CD2  sing Y N 236 
PHE CD1 CE1  sing Y N 237 
PHE CD1 HD1  sing N N 238 
PHE CD2 CE2  doub Y N 239 
PHE CD2 HD2  sing N N 240 
PHE CE1 CZ   doub Y N 241 
PHE CE1 HE1  sing N N 242 
PHE CE2 CZ   sing Y N 243 
PHE CE2 HE2  sing N N 244 
PHE CZ  HZ   sing N N 245 
PHE OXT HXT  sing N N 246 
PRO N   CA   sing N N 247 
PRO N   CD   sing N N 248 
PRO N   H    sing N N 249 
PRO CA  C    sing N N 250 
PRO CA  CB   sing N N 251 
PRO CA  HA   sing N N 252 
PRO C   O    doub N N 253 
PRO C   OXT  sing N N 254 
PRO CB  CG   sing N N 255 
PRO CB  HB2  sing N N 256 
PRO CB  HB3  sing N N 257 
PRO CG  CD   sing N N 258 
PRO CG  HG2  sing N N 259 
PRO CG  HG3  sing N N 260 
PRO CD  HD2  sing N N 261 
PRO CD  HD3  sing N N 262 
PRO OXT HXT  sing N N 263 
SER N   CA   sing N N 264 
SER N   H    sing N N 265 
SER N   H2   sing N N 266 
SER CA  C    sing N N 267 
SER CA  CB   sing N N 268 
SER CA  HA   sing N N 269 
SER C   O    doub N N 270 
SER C   OXT  sing N N 271 
SER CB  OG   sing N N 272 
SER CB  HB2  sing N N 273 
SER CB  HB3  sing N N 274 
SER OG  HG   sing N N 275 
SER OXT HXT  sing N N 276 
THR N   CA   sing N N 277 
THR N   H    sing N N 278 
THR N   H2   sing N N 279 
THR CA  C    sing N N 280 
THR CA  CB   sing N N 281 
THR CA  HA   sing N N 282 
THR C   O    doub N N 283 
THR C   OXT  sing N N 284 
THR CB  OG1  sing N N 285 
THR CB  CG2  sing N N 286 
THR CB  HB   sing N N 287 
THR OG1 HG1  sing N N 288 
THR CG2 HG21 sing N N 289 
THR CG2 HG22 sing N N 290 
THR CG2 HG23 sing N N 291 
THR OXT HXT  sing N N 292 
TRP N   CA   sing N N 293 
TRP N   H    sing N N 294 
TRP N   H2   sing N N 295 
TRP CA  C    sing N N 296 
TRP CA  CB   sing N N 297 
TRP CA  HA   sing N N 298 
TRP C   O    doub N N 299 
TRP C   OXT  sing N N 300 
TRP CB  CG   sing N N 301 
TRP CB  HB2  sing N N 302 
TRP CB  HB3  sing N N 303 
TRP CG  CD1  doub Y N 304 
TRP CG  CD2  sing Y N 305 
TRP CD1 NE1  sing Y N 306 
TRP CD1 HD1  sing N N 307 
TRP CD2 CE2  doub Y N 308 
TRP CD2 CE3  sing Y N 309 
TRP NE1 CE2  sing Y N 310 
TRP NE1 HE1  sing N N 311 
TRP CE2 CZ2  sing Y N 312 
TRP CE3 CZ3  doub Y N 313 
TRP CE3 HE3  sing N N 314 
TRP CZ2 CH2  doub Y N 315 
TRP CZ2 HZ2  sing N N 316 
TRP CZ3 CH2  sing Y N 317 
TRP CZ3 HZ3  sing N N 318 
TRP CH2 HH2  sing N N 319 
TRP OXT HXT  sing N N 320 
TYR N   CA   sing N N 321 
TYR N   H    sing N N 322 
TYR N   H2   sing N N 323 
TYR CA  C    sing N N 324 
TYR CA  CB   sing N N 325 
TYR CA  HA   sing N N 326 
TYR C   O    doub N N 327 
TYR C   OXT  sing N N 328 
TYR CB  CG   sing N N 329 
TYR CB  HB2  sing N N 330 
TYR CB  HB3  sing N N 331 
TYR CG  CD1  doub Y N 332 
TYR CG  CD2  sing Y N 333 
TYR CD1 CE1  sing Y N 334 
TYR CD1 HD1  sing N N 335 
TYR CD2 CE2  doub Y N 336 
TYR CD2 HD2  sing N N 337 
TYR CE1 CZ   doub Y N 338 
TYR CE1 HE1  sing N N 339 
TYR CE2 CZ   sing Y N 340 
TYR CE2 HE2  sing N N 341 
TYR CZ  OH   sing N N 342 
TYR OH  HH   sing N N 343 
TYR OXT HXT  sing N N 344 
VAL N   CA   sing N N 345 
VAL N   H    sing N N 346 
VAL N   H2   sing N N 347 
VAL CA  C    sing N N 348 
VAL CA  CB   sing N N 349 
VAL CA  HA   sing N N 350 
VAL C   O    doub N N 351 
VAL C   OXT  sing N N 352 
VAL CB  CG1  sing N N 353 
VAL CB  CG2  sing N N 354 
VAL CB  HB   sing N N 355 
VAL CG1 HG11 sing N N 356 
VAL CG1 HG12 sing N N 357 
VAL CG1 HG13 sing N N 358 
VAL CG2 HG21 sing N N 359 
VAL CG2 HG22 sing N N 360 
VAL CG2 HG23 sing N N 361 
VAL OXT HXT  sing N N 362 
# 
_atom_sites.entry_id                    4N6T 
_atom_sites.fract_transf_matrix[1][1]   -0.02037353 
_atom_sites.fract_transf_matrix[1][2]   0.01904619 
_atom_sites.fract_transf_matrix[1][3]   -0.00011729 
_atom_sites.fract_transf_matrix[2][1]   -0.00754774 
_atom_sites.fract_transf_matrix[2][2]   -0.00823113 
_atom_sites.fract_transf_matrix[2][3]   -0.02555645 
_atom_sites.fract_transf_matrix[3][1]   -0.01013807 
_atom_sites.fract_transf_matrix[3][2]   -0.01080473 
_atom_sites.fract_transf_matrix[3][3]   0.00647409 
_atom_sites.fract_transf_vector[1]      0.404700 
_atom_sites.fract_transf_vector[2]      -0.140440 
_atom_sites.fract_transf_vector[3]      0.086210 
# 
loop_
_atom_type.symbol 
C 
N 
O 
S 
# 
loop_
_atom_site.group_PDB 
_atom_site.id 
_atom_site.type_symbol 
_atom_site.label_atom_id 
_atom_site.label_alt_id 
_atom_site.label_comp_id 
_atom_site.label_asym_id 
_atom_site.label_entity_id 
_atom_site.label_seq_id 
_atom_site.pdbx_PDB_ins_code 
_atom_site.Cartn_x 
_atom_site.Cartn_y 
_atom_site.Cartn_z 
_atom_site.occupancy 
_atom_site.B_iso_or_equiv 
_atom_site.pdbx_formal_charge 
_atom_site.auth_seq_id 
_atom_site.auth_comp_id 
_atom_site.auth_asym_id 
_atom_site.auth_atom_id 
_atom_site.pdbx_PDB_model_num 
ATOM   1   N N   . GLU A 1 1  ? 2.269   -4.417  16.621  1.00 60.10 ? 32  GLU A N   1 
ATOM   2   C CA  . GLU A 1 1  ? 3.269   -4.937  15.711  1.00 47.14 ? 32  GLU A CA  1 
ATOM   3   C C   . GLU A 1 1  ? 3.246   -4.151  14.444  1.00 48.11 ? 32  GLU A C   1 
ATOM   4   O O   . GLU A 1 1  ? 3.023   -4.733  13.384  1.00 38.63 ? 32  GLU A O   1 
ATOM   5   C CB  . GLU A 1 1  ? 2.990   -6.393  15.405  1.00 48.68 ? 32  GLU A CB  1 
ATOM   6   N N   . ASN A 1 2  ? 3.507   -2.845  14.568  1.00 51.66 ? 33  ASN A N   1 
ATOM   7   C CA  . ASN A 1 2  ? 3.420   -1.885  13.483  1.00 50.15 ? 33  ASN A CA  1 
ATOM   8   C C   . ASN A 1 2  ? 4.007   -2.374  12.172  1.00 36.41 ? 33  ASN A C   1 
ATOM   9   O O   . ASN A 1 2  ? 3.303   -2.414  11.191  1.00 34.53 ? 33  ASN A O   1 
ATOM   10  C CB  . ASN A 1 2  ? 4.051   -0.543  13.883  1.00 60.63 ? 33  ASN A CB  1 
ATOM   11  C CG  . ASN A 1 2  ? 3.435   0.048   15.157  1.00 77.89 ? 33  ASN A CG  1 
ATOM   12  O OD1 . ASN A 1 2  ? 3.944   -0.158  16.266  1.00 80.34 ? 33  ASN A OD1 1 
ATOM   13  N ND2 . ASN A 1 2  ? 2.339   0.795   14.997  1.00 81.64 ? 33  ASN A ND2 1 
ATOM   14  N N   . SER A 1 3  ? 5.279   -2.765  12.150  1.00 35.18 ? 34  SER A N   1 
ATOM   15  C CA  . SER A 1 3  ? 5.914   -3.094  10.869  1.00 33.63 ? 34  SER A CA  1 
ATOM   16  C C   . SER A 1 3  ? 5.282   -4.315  10.201  1.00 32.96 ? 34  SER A C   1 
ATOM   17  O O   . SER A 1 3  ? 5.284   -4.421  8.968   1.00 32.35 ? 34  SER A O   1 
ATOM   18  C CB  . SER A 1 3  ? 7.426   -3.280  11.011  1.00 37.42 ? 34  SER A CB  1 
ATOM   19  O OG  . SER A 1 3  ? 7.734   -4.625  11.305  1.00 38.98 ? 34  SER A OG  1 
ATOM   20  N N   . LEU A 1 4  ? 4.737   -5.221  11.018  1.00 31.93 ? 35  LEU A N   1 
ATOM   21  C CA  . LEU A 1 4  ? 3.946   -6.343  10.521  1.00 33.51 ? 35  LEU A CA  1 
ATOM   22  C C   . LEU A 1 4  ? 2.670   -5.839  9.866   1.00 28.99 ? 35  LEU A C   1 
ATOM   23  O O   . LEU A 1 4  ? 2.304   -6.298  8.791   1.00 28.66 ? 35  LEU A O   1 
ATOM   24  C CB  . LEU A 1 4  ? 3.605   -7.330  11.644  1.00 32.05 ? 35  LEU A CB  1 
ATOM   25  C CG  . LEU A 1 4  ? 4.483   -8.563  11.868  1.00 46.88 ? 35  LEU A CG  1 
ATOM   26  C CD1 . LEU A 1 4  ? 5.930   -8.305  11.518  1.00 47.61 ? 35  LEU A CD1 1 
ATOM   27  C CD2 . LEU A 1 4  ? 4.342   -9.085  13.304  1.00 37.79 ? 35  LEU A CD2 1 
ATOM   28  N N   . GLU A 1 5  ? 2.006   -4.874  10.494  1.00 27.82 ? 36  GLU A N   1 
ATOM   29  C CA  . GLU A 1 5  ? 0.802   -4.299  9.903   1.00 27.31 ? 36  GLU A CA  1 
ATOM   30  C C   . GLU A 1 5  ? 1.135   -3.497  8.648   1.00 30.89 ? 36  GLU A C   1 
ATOM   31  O O   . GLU A 1 5  ? 0.407   -3.547  7.661   1.00 26.47 ? 36  GLU A O   1 
ATOM   32  C CB  . GLU A 1 5  ? 0.109   -3.380  10.901  1.00 28.74 ? 36  GLU A CB  1 
ATOM   33  C CG  . GLU A 1 5  ? -1.250  -2.892  10.453  1.00 40.28 ? 36  GLU A CG  1 
ATOM   34  C CD  . GLU A 1 5  ? -1.731  -1.707  11.281  1.00 47.17 ? 36  GLU A CD  1 
ATOM   35  O OE1 . GLU A 1 5  ? -2.934  -1.384  11.228  1.00 48.16 ? 36  GLU A OE1 1 
ATOM   36  O OE2 . GLU A 1 5  ? -0.899  -1.089  11.976  1.00 51.23 ? 36  GLU A OE2 1 
ATOM   37  N N   . ILE A 1 6  ? 2.229   -2.747  8.700   1.00 25.52 ? 37  ILE A N   1 
ATOM   38  C CA  . ILE A 1 6  ? 2.635   -1.934  7.561   1.00 27.99 ? 37  ILE A CA  1 
ATOM   39  C C   . ILE A 1 6  ? 2.859   -2.799  6.315   1.00 26.27 ? 37  ILE A C   1 
ATOM   40  O O   . ILE A 1 6  ? 2.451   -2.427  5.213   1.00 25.69 ? 37  ILE A O   1 
ATOM   41  C CB  . ILE A 1 6  ? 3.938   -1.135  7.857   1.00 31.23 ? 37  ILE A CB  1 
ATOM   42  C CG1 . ILE A 1 6  ? 3.754   -0.141  9.011   1.00 35.12 ? 37  ILE A CG1 1 
ATOM   43  C CG2 . ILE A 1 6  ? 4.427   -0.404  6.612   1.00 27.85 ? 37  ILE A CG2 1 
ATOM   44  C CD1 . ILE A 1 6  ? 2.578   0.789   8.857   1.00 36.59 ? 37  ILE A CD1 1 
ATOM   45  N N   . GLU A 1 7  ? 3.533   -3.928  6.477   1.00 27.30 ? 38  GLU A N   1 
ATOM   46  C CA  . GLU A 1 7  ? 3.788   -4.801  5.342   1.00 29.35 ? 38  GLU A CA  1 
ATOM   47  C C   . GLU A 1 7  ? 2.482   -5.343  4.773   1.00 28.58 ? 38  GLU A C   1 
ATOM   48  O O   . GLU A 1 7  ? 2.314   -5.433  3.554   1.00 27.67 ? 38  GLU A O   1 
ATOM   49  C CB  . GLU A 1 7  ? 4.720   -5.947  5.721   1.00 36.94 ? 38  GLU A CB  1 
ATOM   50  C CG  . GLU A 1 7  ? 5.223   -6.702  4.504   1.00 46.79 ? 38  GLU A CG  1 
ATOM   51  C CD  . GLU A 1 7  ? 5.861   -8.028  4.848   1.00 55.58 ? 38  GLU A CD  1 
ATOM   52  O OE1 . GLU A 1 7  ? 6.581   -8.096  5.871   1.00 62.39 ? 38  GLU A OE1 1 
ATOM   53  O OE2 . GLU A 1 7  ? 5.640   -9.003  4.090   1.00 54.97 ? 38  GLU A OE2 1 
ATOM   54  N N   . GLU A 1 8  ? 1.547   -5.693  5.654   1.00 28.63 ? 39  GLU A N   1 
ATOM   55  C CA  . GLU A 1 8  ? 0.250   -6.178  5.206   1.00 30.91 ? 39  GLU A CA  1 
ATOM   56  C C   . GLU A 1 8  ? -0.443  -5.122  4.355   1.00 30.03 ? 39  GLU A C   1 
ATOM   57  O O   . GLU A 1 8  ? -1.026  -5.439  3.313   1.00 28.64 ? 39  GLU A O   1 
ATOM   58  C CB  . GLU A 1 8  ? -0.638  -6.542  6.403   1.00 34.36 ? 39  GLU A CB  1 
ATOM   59  C CG  . GLU A 1 8  ? -1.708  -7.573  6.103   1.00 50.08 ? 39  GLU A CG  1 
ATOM   60  C CD  . GLU A 1 8  ? -1.171  -8.996  6.114   1.00 66.60 ? 39  GLU A CD  1 
ATOM   61  O OE1 . GLU A 1 8  ? 0.054   -9.171  5.933   1.00 67.45 ? 39  GLU A OE1 1 
ATOM   62  O OE2 . GLU A 1 8  ? -1.970  -9.943  6.314   1.00 73.98 ? 39  GLU A OE2 1 
ATOM   63  N N   . LEU A 1 9  ? -0.360  -3.863  4.790   1.00 30.37 ? 40  LEU A N   1 
ATOM   64  C CA  . LEU A 1 9  ? -1.060  -2.776  4.104   1.00 28.18 ? 40  LEU A CA  1 
ATOM   65  C C   . LEU A 1 9  ? -0.393  -2.451  2.777   1.00 25.57 ? 40  LEU A C   1 
ATOM   66  O O   . LEU A 1 9  ? -1.070  -2.087  1.826   1.00 25.83 ? 40  LEU A O   1 
ATOM   67  C CB  . LEU A 1 9  ? -1.129  -1.525  4.976   1.00 28.10 ? 40  LEU A CB  1 
ATOM   68  C CG  . LEU A 1 9  ? -2.031  -1.638  6.204   1.00 30.32 ? 40  LEU A CG  1 
ATOM   69  C CD1 . LEU A 1 9  ? -1.848  -0.396  7.058   1.00 29.26 ? 40  LEU A CD1 1 
ATOM   70  C CD2 . LEU A 1 9  ? -3.497  -1.842  5.833   1.00 36.41 ? 40  LEU A CD2 1 
ATOM   71  N N   . ALA A 1 10 ? 0.924   -2.614  2.711   1.00 25.46 ? 41  ALA A N   1 
ATOM   72  C CA  . ALA A 1 10 ? 1.650   -2.376  1.464   1.00 28.98 ? 41  ALA A CA  1 
ATOM   73  C C   . ALA A 1 10 ? 1.294   -3.450  0.433   1.00 30.31 ? 41  ALA A C   1 
ATOM   74  O O   . ALA A 1 10 ? 1.059   -3.146  -0.737  1.00 24.46 ? 41  ALA A O   1 
ATOM   75  C CB  . ALA A 1 10 ? 3.133   -2.349  1.710   1.00 27.64 ? 41  ALA A CB  1 
ATOM   76  N N   . ARG A 1 11 ? 1.236   -4.701  0.878   1.00 27.72 ? 42  ARG A N   1 
ATOM   77  C CA  . ARG A 1 11 ? 0.794   -5.789  0.017   1.00 30.03 ? 42  ARG A CA  1 
ATOM   78  C C   . ARG A 1 11 ? -0.629  -5.555  -0.458  1.00 32.69 ? 42  ARG A C   1 
ATOM   79  O O   . ARG A 1 11 ? -0.961  -5.865  -1.593  1.00 27.94 ? 42  ARG A O   1 
ATOM   80  C CB  . ARG A 1 11 ? 0.863   -7.127  0.745   1.00 33.04 ? 42  ARG A CB  1 
ATOM   81  C CG  . ARG A 1 11 ? 2.264   -7.649  0.901   1.00 33.24 ? 42  ARG A CG  1 
ATOM   82  C CD  . ARG A 1 11 ? 2.321   -8.919  1.720   1.00 35.07 ? 42  ARG A CD  1 
ATOM   83  N NE  . ARG A 1 11 ? 3.710   -9.352  1.863   1.00 41.18 ? 42  ARG A NE  1 
ATOM   84  C CZ  . ARG A 1 11 ? 4.403   -9.990  0.918   1.00 41.67 ? 42  ARG A CZ  1 
ATOM   85  N NH1 . ARG A 1 11 ? 3.838   -10.289 -0.247  1.00 43.41 ? 42  ARG A NH1 1 
ATOM   86  N NH2 . ARG A 1 11 ? 5.667   -10.327 1.138   1.00 43.34 ? 42  ARG A NH2 1 
ATOM   87  N N   . PHE A 1 12 ? -1.470  -5.047  0.439   1.00 27.94 ? 43  PHE A N   1 
ATOM   88  C CA  . PHE A 1 12 ? -2.851  -4.753  0.110   1.00 31.82 ? 43  PHE A CA  1 
ATOM   89  C C   . PHE A 1 12 ? -2.905  -3.652  -0.951  1.00 24.02 ? 43  PHE A C   1 
ATOM   90  O O   . PHE A 1 12 ? -3.725  -3.716  -1.875  1.00 28.24 ? 43  PHE A O   1 
ATOM   91  C CB  . PHE A 1 12 ? -3.600  -4.288  1.365   1.00 29.78 ? 43  PHE A CB  1 
ATOM   92  C CG  . PHE A 1 12 ? -4.893  -3.588  1.069   1.00 33.17 ? 43  PHE A CG  1 
ATOM   93  C CD1 . PHE A 1 12 ? -6.037  -4.319  0.792   1.00 39.87 ? 43  PHE A CD1 1 
ATOM   94  C CD2 . PHE A 1 12 ? -4.969  -2.196  1.068   1.00 31.01 ? 43  PHE A CD2 1 
ATOM   95  C CE1 . PHE A 1 12 ? -7.234  -3.683  0.514   1.00 41.26 ? 43  PHE A CE1 1 
ATOM   96  C CE2 . PHE A 1 12 ? -6.160  -1.553  0.787   1.00 35.27 ? 43  PHE A CE2 1 
ATOM   97  C CZ  . PHE A 1 12 ? -7.301  -2.302  0.510   1.00 39.75 ? 43  PHE A CZ  1 
ATOM   98  N N   . ALA A 1 13 ? -2.069  -2.630  -0.780  1.00 25.21 ? 44  ALA A N   1 
ATOM   99  C CA  . ALA A 1 13 ? -1.994  -1.532  -1.738  1.00 23.44 ? 44  ALA A CA  1 
ATOM   100 C C   . ALA A 1 13 ? -1.692  -2.059  -3.141  1.00 23.24 ? 44  ALA A C   1 
ATOM   101 O O   . ALA A 1 13 ? -2.360  -1.679  -4.105  1.00 26.73 ? 44  ALA A O   1 
ATOM   102 C CB  . ALA A 1 13 ? -0.930  -0.504  -1.312  1.00 23.58 ? 44  ALA A CB  1 
ATOM   103 N N   . VAL A 1 14 ? -0.678  -2.909  -3.248  1.00 21.71 ? 45  VAL A N   1 
ATOM   104 C CA  . VAL A 1 14 ? -0.325  -3.503  -4.531  1.00 28.34 ? 45  VAL A CA  1 
ATOM   105 C C   . VAL A 1 14 ? -1.475  -4.342  -5.082  1.00 29.02 ? 45  VAL A C   1 
ATOM   106 O O   . VAL A 1 14 ? -1.854  -4.173  -6.238  1.00 27.77 ? 45  VAL A O   1 
ATOM   107 C CB  . VAL A 1 14 ? 0.962   -4.344  -4.421  1.00 27.15 ? 45  VAL A CB  1 
ATOM   108 C CG1 . VAL A 1 14 ? 1.159   -5.213  -5.655  1.00 24.60 ? 45  VAL A CG1 1 
ATOM   109 C CG2 . VAL A 1 14 ? 2.168   -3.426  -4.194  1.00 26.36 ? 45  VAL A CG2 1 
ATOM   110 N N   . ASP A 1 15 ? -2.043  -5.224  -4.258  1.00 26.83 ? 46  ASP A N   1 
ATOM   111 C CA  . ASP A 1 15 ? -3.179  -6.049  -4.674  1.00 27.08 ? 46  ASP A CA  1 
ATOM   112 C C   . ASP A 1 15 ? -4.366  -5.215  -5.148  1.00 28.22 ? 46  ASP A C   1 
ATOM   113 O O   . ASP A 1 15 ? -5.015  -5.544  -6.140  1.00 31.78 ? 46  ASP A O   1 
ATOM   114 C CB  . ASP A 1 15 ? -3.658  -6.959  -3.516  1.00 31.47 ? 46  ASP A CB  1 
ATOM   115 C CG  . ASP A 1 15 ? -2.655  -8.048  -3.158  1.00 41.66 ? 46  ASP A CG  1 
ATOM   116 O OD1 . ASP A 1 15 ? -1.717  -8.291  -3.960  1.00 41.75 ? 46  ASP A OD1 1 
ATOM   117 O OD2 . ASP A 1 15 ? -2.822  -8.675  -2.075  1.00 42.36 ? 46  ASP A OD2 1 
ATOM   118 N N   . GLU A 1 16 ? -4.667  -4.149  -4.421  1.00 31.54 ? 47  GLU A N   1 
ATOM   119 C CA  . GLU A 1 16 ? -5.788  -3.299  -4.782  1.00 36.90 ? 47  GLU A CA  1 
ATOM   120 C C   . GLU A 1 16 ? -5.493  -2.543  -6.073  1.00 30.44 ? 47  GLU A C   1 
ATOM   121 O O   . GLU A 1 16 ? -6.375  -2.361  -6.906  1.00 36.71 ? 47  GLU A O   1 
ATOM   122 C CB  . GLU A 1 16 ? -6.101  -2.316  -3.654  1.00 37.62 ? 47  GLU A CB  1 
ATOM   123 C CG  . GLU A 1 16 ? -7.373  -1.550  -3.865  1.00 49.37 ? 47  GLU A CG  1 
ATOM   124 C CD  . GLU A 1 16 ? -8.557  -2.465  -4.093  1.00 63.63 ? 47  GLU A CD  1 
ATOM   125 O OE1 . GLU A 1 16 ? -8.788  -3.360  -3.245  1.00 64.27 ? 47  GLU A OE1 1 
ATOM   126 O OE2 . GLU A 1 16 ? -9.251  -2.296  -5.124  1.00 71.57 ? 47  GLU A OE2 1 
ATOM   127 N N   . HIS A 1 17 ? -4.253  -2.111  -6.246  1.00 29.55 ? 48  HIS A N   1 
ATOM   128 C CA  . HIS A 1 17 ? -3.893  -1.404  -7.468  1.00 31.08 ? 48  HIS A CA  1 
ATOM   129 C C   . HIS A 1 17 ? -4.039  -2.358  -8.649  1.00 30.38 ? 48  HIS A C   1 
ATOM   130 O O   . HIS A 1 17 ? -4.629  -2.012  -9.680  1.00 34.24 ? 48  HIS A O   1 
ATOM   131 C CB  . HIS A 1 17 ? -2.466  -0.860  -7.372  1.00 32.69 ? 48  HIS A CB  1 
ATOM   132 C CG  . HIS A 1 17 ? -1.874  -0.500  -8.694  1.00 33.27 ? 48  HIS A CG  1 
ATOM   133 N ND1 . HIS A 1 17 ? -2.151  0.690   -9.335  1.00 34.14 ? 48  HIS A ND1 1 
ATOM   134 C CD2 . HIS A 1 17 ? -1.023  -1.174  -9.500  1.00 33.79 ? 48  HIS A CD2 1 
ATOM   135 C CE1 . HIS A 1 17 ? -1.487  0.734   -10.475 1.00 36.30 ? 48  HIS A CE1 1 
ATOM   136 N NE2 . HIS A 1 17 ? -0.802  -0.388  -10.605 1.00 36.56 ? 48  HIS A NE2 1 
ATOM   137 N N   . ASN A 1 18 ? -3.499  -3.562  -8.495  1.00 27.65 ? 49  ASN A N   1 
ATOM   138 C CA  . ASN A 1 18 ? -3.605  -4.587  -9.524  1.00 29.83 ? 49  ASN A CA  1 
ATOM   139 C C   . ASN A 1 18 ? -5.050  -4.878  -9.896  1.00 33.32 ? 49  ASN A C   1 
ATOM   140 O O   . ASN A 1 18 ? -5.377  -5.002  -11.074 1.00 35.19 ? 49  ASN A O   1 
ATOM   141 C CB  . ASN A 1 18 ? -2.924  -5.896  -9.084  1.00 32.93 ? 49  ASN A CB  1 
ATOM   142 C CG  . ASN A 1 18 ? -1.408  -5.821  -9.120  1.00 32.75 ? 49  ASN A CG  1 
ATOM   143 O OD1 . ASN A 1 18 ? -0.824  -4.901  -9.708  1.00 29.66 ? 49  ASN A OD1 1 
ATOM   144 N ND2 . ASN A 1 18 ? -0.760  -6.799  -8.491  1.00 32.36 ? 49  ASN A ND2 1 
ATOM   145 N N   . LYS A 1 19 ? -5.919  -5.017  -8.893  1.00 38.22 ? 50  LYS A N   1 
ATOM   146 C CA  . LYS A 1 19 ? -7.320  -5.334  -9.168  1.00 41.80 ? 50  LYS A CA  1 
ATOM   147 C C   . LYS A 1 19 ? -7.994  -4.171  -9.869  1.00 46.65 ? 50  LYS A C   1 
ATOM   148 O O   . LYS A 1 19 ? -8.777  -4.360  -10.796 1.00 49.21 ? 50  LYS A O   1 
ATOM   149 C CB  . LYS A 1 19 ? -8.099  -5.621  -7.875  1.00 48.94 ? 50  LYS A CB  1 
ATOM   150 C CG  . LYS A 1 19 ? -7.969  -7.030  -7.317  1.00 53.27 ? 50  LYS A CG  1 
ATOM   151 C CD  . LYS A 1 19 ? -9.040  -7.317  -6.247  1.00 63.73 ? 50  LYS A CD  1 
ATOM   152 C CE  . LYS A 1 19 ? -9.163  -6.184  -5.229  1.00 66.54 ? 50  LYS A CE  1 
ATOM   153 N NZ  . LYS A 1 19 ? -9.717  -6.635  -3.915  1.00 68.17 ? 50  LYS A NZ  1 
ATOM   154 N N   . LYS A 1 20 ? -7.699  -2.964  -9.398  1.00 43.85 ? 51  LYS A N   1 
ATOM   155 C CA  . LYS A 1 20 ? -8.348  -1.761  -9.911  1.00 47.69 ? 51  LYS A CA  1 
ATOM   156 C C   . LYS A 1 20 ? -7.888  -1.381  -11.324 1.00 42.00 ? 51  LYS A C   1 
ATOM   157 O O   . LYS A 1 20 ? -8.699  -0.955  -12.144 1.00 43.68 ? 51  LYS A O   1 
ATOM   158 C CB  . LYS A 1 20 ? -8.114  -0.587  -8.952  1.00 49.56 ? 51  LYS A CB  1 
ATOM   159 C CG  . LYS A 1 20 ? -8.791  0.695   -9.374  1.00 57.17 ? 51  LYS A CG  1 
ATOM   160 C CD  . LYS A 1 20 ? -8.050  1.892   -8.803  1.00 61.46 ? 51  LYS A CD  1 
ATOM   161 C CE  . LYS A 1 20 ? -8.088  3.073   -9.761  1.00 67.84 ? 51  LYS A CE  1 
ATOM   162 N NZ  . LYS A 1 20 ? -7.231  4.198   -9.290  1.00 68.46 ? 51  LYS A NZ  1 
ATOM   163 N N   . GLU A 1 21 ? -6.598  -1.538  -11.614 1.00 38.38 ? 52  GLU A N   1 
ATOM   164 C CA  . GLU A 1 21 ? -6.072  -1.092  -12.909 1.00 39.00 ? 52  GLU A CA  1 
ATOM   165 C C   . GLU A 1 21 ? -5.747  -2.235  -13.870 1.00 43.81 ? 52  GLU A C   1 
ATOM   166 O O   . GLU A 1 21 ? -5.049  -2.027  -14.867 1.00 40.52 ? 52  GLU A O   1 
ATOM   167 C CB  . GLU A 1 21 ? -4.870  -0.144  -12.731 1.00 39.97 ? 52  GLU A CB  1 
ATOM   168 C CG  . GLU A 1 21 ? -5.208  1.116   -11.919 1.00 45.18 ? 52  GLU A CG  1 
ATOM   169 C CD  . GLU A 1 21 ? -4.145  2.207   -11.983 1.00 48.61 ? 52  GLU A CD  1 
ATOM   170 O OE1 . GLU A 1 21 ? -3.127  2.025   -12.683 1.00 47.69 ? 52  GLU A OE1 1 
ATOM   171 O OE2 . GLU A 1 21 ? -4.338  3.261   -11.332 1.00 53.16 ? 52  GLU A OE2 1 
ATOM   172 N N   . ASN A 1 22 ? -6.268  -3.427  -13.578 1.00 40.48 ? 53  ASN A N   1 
ATOM   173 C CA  . ASN A 1 22 ? -5.970  -4.624  -14.375 1.00 42.89 ? 53  ASN A CA  1 
ATOM   174 C C   . ASN A 1 22 ? -4.456  -4.803  -14.588 1.00 38.74 ? 53  ASN A C   1 
ATOM   175 O O   . ASN A 1 22 ? -3.995  -4.992  -15.717 1.00 43.25 ? 53  ASN A O   1 
ATOM   176 C CB  . ASN A 1 22 ? -6.709  -4.577  -15.720 1.00 49.73 ? 53  ASN A CB  1 
ATOM   177 C CG  . ASN A 1 22 ? -6.676  -5.904  -16.458 1.00 60.71 ? 53  ASN A CG  1 
ATOM   178 O OD1 . ASN A 1 22 ? -6.792  -6.970  -15.849 1.00 59.80 ? 53  ASN A OD1 1 
ATOM   179 N ND2 . ASN A 1 22 ? -6.515  -5.842  -17.781 1.00 66.14 ? 53  ASN A ND2 1 
ATOM   180 N N   . ALA A 1 23 ? -3.699  -4.738  -13.491 1.00 35.61 ? 54  ALA A N   1 
ATOM   181 C CA  . ALA A 1 23 ? -2.241  -4.845  -13.527 1.00 34.62 ? 54  ALA A CA  1 
ATOM   182 C C   . ALA A 1 23 ? -1.756  -6.065  -12.758 1.00 36.70 ? 54  ALA A C   1 
ATOM   183 O O   . ALA A 1 23 ? -2.552  -6.779  -12.138 1.00 35.03 ? 54  ALA A O   1 
ATOM   184 C CB  . ALA A 1 23 ? -1.587  -3.574  -12.987 1.00 34.25 ? 54  ALA A CB  1 
ATOM   185 N N   . LEU A 1 24 ? -0.450  -6.312  -12.806 1.00 38.28 ? 55  LEU A N   1 
ATOM   186 C CA  . LEU A 1 24 ? 0.129   -7.485  -12.168 1.00 35.35 ? 55  LEU A CA  1 
ATOM   187 C C   . LEU A 1 24 ? 1.485   -7.164  -11.557 1.00 32.63 ? 55  LEU A C   1 
ATOM   188 O O   . LEU A 1 24 ? 2.428   -7.955  -11.679 1.00 32.32 ? 55  LEU A O   1 
ATOM   189 C CB  . LEU A 1 24 ? 0.258   -8.631  -13.176 1.00 40.80 ? 55  LEU A CB  1 
ATOM   190 C CG  . LEU A 1 24 ? -0.501  -9.932  -12.895 1.00 53.75 ? 55  LEU A CG  1 
ATOM   191 C CD1 . LEU A 1 24 ? -1.568  -9.759  -11.820 1.00 55.94 ? 55  LEU A CD1 1 
ATOM   192 C CD2 . LEU A 1 24 ? -1.103  -10.479 -14.173 1.00 61.95 ? 55  LEU A CD2 1 
ATOM   193 N N   . LEU A 1 25 ? 1.575   -6.008  -10.898 1.00 30.76 ? 56  LEU A N   1 
ATOM   194 C CA  . LEU A 1 25 ? 2.782   -5.637  -10.151 1.00 28.78 ? 56  LEU A CA  1 
ATOM   195 C C   . LEU A 1 25 ? 3.037   -6.688  -9.088  1.00 32.13 ? 56  LEU A C   1 
ATOM   196 O O   . LEU A 1 25 ? 2.090   -7.277  -8.539  1.00 33.74 ? 56  LEU A O   1 
ATOM   197 C CB  . LEU A 1 25 ? 2.634   -4.260  -9.489  1.00 28.51 ? 56  LEU A CB  1 
ATOM   198 C CG  . LEU A 1 25 ? 2.333   -3.046  -10.367 1.00 28.15 ? 56  LEU A CG  1 
ATOM   199 C CD1 . LEU A 1 25 ? 2.433   -1.766  -9.539  1.00 25.24 ? 56  LEU A CD1 1 
ATOM   200 C CD2 . LEU A 1 25 ? 3.255   -2.985  -11.570 1.00 34.36 ? 56  LEU A CD2 1 
ATOM   201 N N   . GLU A 1 26 ? 4.313   -6.965  -8.829  1.00 30.55 ? 57  GLU A N   1 
ATOM   202 C CA  . GLU A 1 26 ? 4.693   -8.001  -7.874  1.00 32.41 ? 57  GLU A CA  1 
ATOM   203 C C   . GLU A 1 26 ? 5.322   -7.317  -6.662  1.00 35.53 ? 57  GLU A C   1 
ATOM   204 O O   . GLU A 1 26 ? 6.421   -6.772  -6.768  1.00 32.69 ? 57  GLU A O   1 
ATOM   205 C CB  . GLU A 1 26 ? 5.700   -8.946  -8.538  1.00 40.31 ? 57  GLU A CB  1 
ATOM   206 C CG  . GLU A 1 26 ? 6.487   -9.848  -7.591  1.00 54.70 ? 57  GLU A CG  1 
ATOM   207 C CD  . GLU A 1 26 ? 7.511   -10.714 -8.323  1.00 67.47 ? 57  GLU A CD  1 
ATOM   208 O OE1 . GLU A 1 26 ? 7.594   -10.629 -9.572  1.00 74.01 ? 57  GLU A OE1 1 
ATOM   209 O OE2 . GLU A 1 26 ? 8.233   -11.480 -7.646  1.00 65.13 ? 57  GLU A OE2 1 
ATOM   210 N N   . PHE A 1 27 ? 4.631   -7.330  -5.522  1.00 35.02 ? 58  PHE A N   1 
ATOM   211 C CA  . PHE A 1 27 ? 5.166   -6.708  -4.305  1.00 32.57 ? 58  PHE A CA  1 
ATOM   212 C C   . PHE A 1 27 ? 6.544   -7.251  -3.936  1.00 30.32 ? 58  PHE A C   1 
ATOM   213 O O   . PHE A 1 27 ? 6.765   -8.471  -3.926  1.00 31.40 ? 58  PHE A O   1 
ATOM   214 C CB  . PHE A 1 27 ? 4.219   -6.903  -3.120  1.00 31.56 ? 58  PHE A CB  1 
ATOM   215 C CG  . PHE A 1 27 ? 4.740   -6.340  -1.829  1.00 27.74 ? 58  PHE A CG  1 
ATOM   216 C CD1 . PHE A 1 27 ? 4.681   -4.971  -1.581  1.00 27.89 ? 58  PHE A CD1 1 
ATOM   217 C CD2 . PHE A 1 27 ? 5.286   -7.174  -0.863  1.00 34.19 ? 58  PHE A CD2 1 
ATOM   218 C CE1 . PHE A 1 27 ? 5.158   -4.442  -0.388  1.00 28.81 ? 58  PHE A CE1 1 
ATOM   219 C CE2 . PHE A 1 27 ? 5.762   -6.658  0.333   1.00 38.23 ? 58  PHE A CE2 1 
ATOM   220 C CZ  . PHE A 1 27 ? 5.686   -5.288  0.578   1.00 31.81 ? 58  PHE A CZ  1 
ATOM   221 N N   . VAL A 1 28 ? 7.480   -6.341  -3.652  1.00 27.93 ? 59  VAL A N   1 
ATOM   222 C CA  . VAL A 1 28 ? 8.797   -6.743  -3.145  1.00 30.19 ? 59  VAL A CA  1 
ATOM   223 C C   . VAL A 1 28 ? 8.926   -6.432  -1.660  1.00 31.56 ? 59  VAL A C   1 
ATOM   224 O O   . VAL A 1 28 ? 9.161   -7.332  -0.849  1.00 32.64 ? 59  VAL A O   1 
ATOM   225 C CB  . VAL A 1 28 ? 9.943   -6.069  -3.946  1.00 32.11 ? 59  VAL A CB  1 
ATOM   226 C CG1 . VAL A 1 28 ? 11.300  -6.364  -3.312  1.00 34.44 ? 59  VAL A CG1 1 
ATOM   227 C CG2 . VAL A 1 28 ? 9.929   -6.555  -5.374  1.00 37.14 ? 59  VAL A CG2 1 
ATOM   228 N N   . ARG A 1 29 ? 8.764   -5.159  -1.301  1.00 29.25 ? 60  ARG A N   1 
ATOM   229 C CA  . ARG A 1 29 ? 8.940   -4.746  0.090   1.00 26.79 ? 60  ARG A CA  1 
ATOM   230 C C   . ARG A 1 29 ? 8.483   -3.316  0.342   1.00 26.89 ? 60  ARG A C   1 
ATOM   231 O O   . ARG A 1 29 ? 8.356   -2.516  -0.595  1.00 24.65 ? 60  ARG A O   1 
ATOM   232 C CB  . ARG A 1 29 ? 10.403  -4.871  0.493   1.00 29.34 ? 60  ARG A CB  1 
ATOM   233 C CG  . ARG A 1 29 ? 11.291  -3.906  -0.230  1.00 33.49 ? 60  ARG A CG  1 
ATOM   234 C CD  . ARG A 1 29 ? 12.681  -3.986  0.332   1.00 41.30 ? 60  ARG A CD  1 
ATOM   235 N NE  . ARG A 1 29 ? 13.576  -3.125  -0.419  1.00 46.53 ? 60  ARG A NE  1 
ATOM   236 C CZ  . ARG A 1 29 ? 14.620  -2.508  0.110   1.00 53.84 ? 60  ARG A CZ  1 
ATOM   237 N NH1 . ARG A 1 29 ? 14.891  -2.675  1.398   1.00 50.66 ? 60  ARG A NH1 1 
ATOM   238 N NH2 . ARG A 1 29 ? 15.386  -1.733  -0.647  1.00 55.18 ? 60  ARG A NH2 1 
ATOM   239 N N   . VAL A 1 30 ? 8.219   -2.998  1.611   1.00 26.47 ? 61  VAL A N   1 
ATOM   240 C CA  . VAL A 1 30 ? 7.932   -1.622  2.014   1.00 30.43 ? 61  VAL A CA  1 
ATOM   241 C C   . VAL A 1 30 ? 9.256   -0.940  2.327   1.00 31.48 ? 61  VAL A C   1 
ATOM   242 O O   . VAL A 1 30 ? 10.133  -1.550  2.929   1.00 37.07 ? 61  VAL A O   1 
ATOM   243 C CB  . VAL A 1 30 ? 7.096   -1.559  3.316   1.00 38.71 ? 61  VAL A CB  1 
ATOM   244 C CG1 . VAL A 1 30 ? 6.383   -0.216  3.429   1.00 37.32 ? 61  VAL A CG1 1 
ATOM   245 C CG2 . VAL A 1 30 ? 6.105   -2.677  3.380   1.00 46.66 ? 61  VAL A CG2 1 
ATOM   246 N N   . VAL A 1 31 ? 9.401   0.325   1.947   1.00 24.85 ? 62  VAL A N   1 
ATOM   247 C CA  . VAL A 1 31 ? 10.636  1.053   2.284   1.00 35.15 ? 62  VAL A CA  1 
ATOM   248 C C   . VAL A 1 31 ? 10.426  2.292   3.175   1.00 32.30 ? 62  VAL A C   1 
ATOM   249 O O   . VAL A 1 31 ? 11.324  2.696   3.915   1.00 30.34 ? 62  VAL A O   1 
ATOM   250 C CB  . VAL A 1 31 ? 11.447  1.433   1.028   1.00 41.29 ? 62  VAL A CB  1 
ATOM   251 C CG1 . VAL A 1 31 ? 11.749  0.196   0.206   1.00 47.95 ? 62  VAL A CG1 1 
ATOM   252 C CG2 . VAL A 1 31 ? 10.686  2.412   0.194   1.00 36.27 ? 62  VAL A CG2 1 
ATOM   253 N N   . LYS A 1 32 ? 9.248   2.895   3.100   1.00 29.24 ? 63  LYS A N   1 
ATOM   254 C CA  . LYS A 1 32 ? 8.918   4.028   3.969   1.00 30.58 ? 63  LYS A CA  1 
ATOM   255 C C   . LYS A 1 32 ? 7.461   3.927   4.358   1.00 33.37 ? 63  LYS A C   1 
ATOM   256 O O   . LYS A 1 32 ? 6.634   3.465   3.566   1.00 29.10 ? 63  LYS A O   1 
ATOM   257 C CB  . LYS A 1 32 ? 9.141   5.362   3.253   1.00 30.20 ? 63  LYS A CB  1 
ATOM   258 C CG  . LYS A 1 32 ? 10.572  5.695   2.980   1.00 36.55 ? 63  LYS A CG  1 
ATOM   259 C CD  . LYS A 1 32 ? 10.680  7.114   2.463   1.00 38.31 ? 63  LYS A CD  1 
ATOM   260 C CE  . LYS A 1 32 ? 12.047  7.355   1.889   1.00 43.15 ? 63  LYS A CE  1 
ATOM   261 N NZ  . LYS A 1 32 ? 13.087  6.963   2.859   1.00 46.63 ? 63  LYS A NZ  1 
ATOM   262 N N   . ALA A 1 33 ? 7.141   4.336   5.580   1.00 29.34 ? 64  ALA A N   1 
ATOM   263 C CA  . ALA A 1 33 ? 5.738   4.383   5.980   1.00 32.08 ? 64  ALA A CA  1 
ATOM   264 C C   . ALA A 1 33 ? 5.456   5.447   7.022   1.00 30.69 ? 64  ALA A C   1 
ATOM   265 O O   . ALA A 1 33 ? 6.160   5.552   8.023   1.00 37.19 ? 64  ALA A O   1 
ATOM   266 C CB  . ALA A 1 33 ? 5.272   3.007   6.478   1.00 36.93 ? 64  ALA A CB  1 
ATOM   267 N N   . LYS A 1 34 ? 4.424   6.242   6.768   1.00 32.18 ? 65  LYS A N   1 
ATOM   268 C CA  . LYS A 1 34 ? 3.952   7.206   7.745   1.00 34.93 ? 65  LYS A CA  1 
ATOM   269 C C   . LYS A 1 34 ? 2.542   6.820   8.114   1.00 38.91 ? 65  LYS A C   1 
ATOM   270 O O   . LYS A 1 34 ? 1.735   6.499   7.247   1.00 36.97 ? 65  LYS A O   1 
ATOM   271 C CB  . LYS A 1 34 ? 3.903   8.601   7.144   1.00 41.28 ? 65  LYS A CB  1 
ATOM   272 C CG  . LYS A 1 34 ? 5.205   9.126   6.651   1.00 45.05 ? 65  LYS A CG  1 
ATOM   273 C CD  . LYS A 1 34 ? 5.060   10.620  6.450   1.00 52.47 ? 65  LYS A CD  1 
ATOM   274 C CE  . LYS A 1 34 ? 6.380   11.280  6.099   1.00 55.09 ? 65  LYS A CE  1 
ATOM   275 N NZ  . LYS A 1 34 ? 6.254   12.764  6.183   1.00 56.81 ? 65  LYS A NZ  1 
ATOM   276 N N   . GLU A 1 35 ? 2.243   6.891   9.399   1.00 39.36 ? 66  GLU A N   1 
ATOM   277 C CA  . GLU A 1 35 ? 0.955   6.462   9.907   1.00 45.67 ? 66  GLU A CA  1 
ATOM   278 C C   . GLU A 1 35 ? 0.338   7.649   10.633  1.00 46.90 ? 66  GLU A C   1 
ATOM   279 O O   . GLU A 1 35 ? 0.911   8.163   11.593  1.00 51.11 ? 66  GLU A O   1 
ATOM   280 C CB  . GLU A 1 35 ? 1.172   5.293   10.860  1.00 52.25 ? 66  GLU A CB  1 
ATOM   281 C CG  . GLU A 1 35 ? -0.037  4.851   11.632  1.00 60.05 ? 66  GLU A CG  1 
ATOM   282 C CD  . GLU A 1 35 ? 0.283   3.666   12.519  1.00 68.39 ? 66  GLU A CD  1 
ATOM   283 O OE1 . GLU A 1 35 ? -0.624  3.203   13.239  1.00 72.56 ? 66  GLU A OE1 1 
ATOM   284 O OE2 . GLU A 1 35 ? 1.447   3.200   12.490  1.00 66.48 ? 66  GLU A OE2 1 
ATOM   285 N N   . GLN A 1 36 ? -0.817  8.106   10.161  1.00 42.03 ? 67  GLN A N   1 
ATOM   286 C CA  . GLN A 1 36 ? -1.383  9.348   10.658  1.00 51.83 ? 67  GLN A CA  1 
ATOM   287 C C   . GLN A 1 36 ? -2.822  9.186   11.110  1.00 47.61 ? 67  GLN A C   1 
ATOM   288 O O   . GLN A 1 36 ? -3.665  8.662   10.384  1.00 43.82 ? 67  GLN A O   1 
ATOM   289 C CB  . GLN A 1 36 ? -1.273  10.440  9.591   1.00 55.20 ? 67  GLN A CB  1 
ATOM   290 C CG  . GLN A 1 36 ? 0.128   10.567  9.010   1.00 60.27 ? 67  GLN A CG  1 
ATOM   291 C CD  . GLN A 1 36 ? 0.360   11.890  8.322   1.00 66.64 ? 67  GLN A CD  1 
ATOM   292 O OE1 . GLN A 1 36 ? -0.566  12.482  7.766   1.00 72.60 ? 67  GLN A OE1 1 
ATOM   293 N NE2 . GLN A 1 36 ? 1.598   12.375  8.372   1.00 67.21 ? 67  GLN A NE2 1 
ATOM   294 N N   . VAL A 1 37 ? -3.093  9.632   12.323  1.00 50.76 ? 68  VAL A N   1 
ATOM   295 C CA  . VAL A 1 37 ? -4.456  9.623   12.829  1.00 52.83 ? 68  VAL A CA  1 
ATOM   296 C C   . VAL A 1 37 ? -5.323  10.627  12.063  1.00 52.61 ? 68  VAL A C   1 
ATOM   297 O O   . VAL A 1 37 ? -4.945  11.788  11.878  1.00 56.53 ? 68  VAL A O   1 
ATOM   298 C CB  . VAL A 1 37 ? -4.494  9.919   14.336  1.00 63.10 ? 68  VAL A CB  1 
ATOM   299 C CG1 . VAL A 1 37 ? -5.889  9.687   14.880  1.00 65.14 ? 68  VAL A CG1 1 
ATOM   300 C CG2 . VAL A 1 37 ? -3.490  9.037   15.059  1.00 63.98 ? 68  VAL A CG2 1 
ATOM   301 N N   . VAL A 1 38 ? -6.470  10.149  11.591  1.00 55.41 ? 69  VAL A N   1 
ATOM   302 C CA  . VAL A 1 38 ? -7.499  10.988  10.985  1.00 62.40 ? 69  VAL A CA  1 
ATOM   303 C C   . VAL A 1 38 ? -8.823  10.474  11.532  1.00 64.61 ? 69  VAL A C   1 
ATOM   304 O O   . VAL A 1 38 ? -8.920  10.161  12.720  1.00 65.34 ? 69  VAL A O   1 
ATOM   305 C CB  . VAL A 1 38 ? -7.472  10.899  9.441   1.00 63.39 ? 69  VAL A CB  1 
ATOM   306 C CG1 . VAL A 1 38 ? -6.341  11.737  8.880   1.00 66.79 ? 69  VAL A CG1 1 
ATOM   307 C CG2 . VAL A 1 38 ? -7.316  9.456   8.993   1.00 60.53 ? 69  VAL A CG2 1 
ATOM   308 N N   . ALA A 1 39 ? -9.844  10.397  10.685  1.00 63.41 ? 70  ALA A N   1 
ATOM   309 C CA  . ALA A 1 39 ? -11.008 9.582   11.003  1.00 65.45 ? 70  ALA A CA  1 
ATOM   310 C C   . ALA A 1 39 ? -10.617 8.193   10.533  1.00 61.17 ? 70  ALA A C   1 
ATOM   311 O O   . ALA A 1 39 ? -10.651 7.906   9.334   1.00 61.05 ? 70  ALA A O   1 
ATOM   312 C CB  . ALA A 1 39 ? -12.233 10.066  10.263  1.00 68.55 ? 70  ALA A CB  1 
ATOM   313 N N   . GLY A 1 40 ? -10.222 7.340   11.474  1.00 58.34 ? 71  GLY A N   1 
ATOM   314 C CA  . GLY A 1 40 ? -9.538  6.106   11.138  1.00 53.29 ? 71  GLY A CA  1 
ATOM   315 C C   . GLY A 1 40 ? -8.052  6.406   11.055  1.00 50.76 ? 71  GLY A C   1 
ATOM   316 O O   . GLY A 1 40 ? -7.593  7.414   11.602  1.00 53.27 ? 71  GLY A O   1 
ATOM   317 N N   . THR A 1 41 ? -7.299  5.544   10.380  1.00 47.16 ? 72  THR A N   1 
ATOM   318 C CA  . THR A 1 41 ? -5.868  5.765   10.199  1.00 43.48 ? 72  THR A CA  1 
ATOM   319 C C   . THR A 1 41 ? -5.506  5.899   8.721   1.00 39.32 ? 72  THR A C   1 
ATOM   320 O O   . THR A 1 41 ? -5.999  5.142   7.881   1.00 35.85 ? 72  THR A O   1 
ATOM   321 C CB  . THR A 1 41 ? -5.029  4.634   10.840  1.00 45.52 ? 72  THR A CB  1 
ATOM   322 O OG1 . THR A 1 41 ? -5.512  4.373   12.163  1.00 48.36 ? 72  THR A OG1 1 
ATOM   323 C CG2 . THR A 1 41 ? -3.560  5.035   10.925  1.00 44.44 ? 72  THR A CG2 1 
ATOM   324 N N   . MET A 1 42 ? -4.641  6.861   8.408   1.00 36.15 ? 73  MET A N   1 
ATOM   325 C CA  . MET A 1 42 ? -4.174  7.053   7.038   1.00 33.72 ? 73  MET A CA  1 
ATOM   326 C C   . MET A 1 42 ? -2.713  6.639   6.974   1.00 29.30 ? 73  MET A C   1 
ATOM   327 O O   . MET A 1 42 ? -1.916  7.037   7.830   1.00 37.09 ? 73  MET A O   1 
ATOM   328 C CB  . MET A 1 42 ? -4.313  8.524   6.623   1.00 41.25 ? 73  MET A CB  1 
ATOM   329 C CG  . MET A 1 42 ? -4.150  8.777   5.123   1.00 43.95 ? 73  MET A CG  1 
ATOM   330 S SD  . MET A 1 42 ? -5.441  8.009   4.099   1.00 50.19 ? 73  MET A SD  1 
ATOM   331 C CE  . MET A 1 42 ? -6.901  8.371   5.077   1.00 65.93 ? 73  MET A CE  1 
ATOM   332 N N   . TYR A 1 43 ? -2.370  5.836   5.973   1.00 26.43 ? 74  TYR A N   1 
ATOM   333 C CA  . TYR A 1 43 ? -1.004  5.368   5.781   1.00 28.44 ? 74  TYR A CA  1 
ATOM   334 C C   . TYR A 1 43 ? -0.433  5.906   4.477   1.00 30.35 ? 74  TYR A C   1 
ATOM   335 O O   . TYR A 1 43 ? -1.049  5.780   3.412   1.00 30.01 ? 74  TYR A O   1 
ATOM   336 C CB  . TYR A 1 43 ? -0.961  3.839   5.765   1.00 28.18 ? 74  TYR A CB  1 
ATOM   337 C CG  . TYR A 1 43 ? -1.363  3.218   7.081   1.00 29.31 ? 74  TYR A CG  1 
ATOM   338 C CD1 . TYR A 1 43 ? -2.700  2.963   7.376   1.00 28.44 ? 74  TYR A CD1 1 
ATOM   339 C CD2 . TYR A 1 43 ? -0.411  2.891   8.030   1.00 32.52 ? 74  TYR A CD2 1 
ATOM   340 C CE1 . TYR A 1 43 ? -3.070  2.397   8.602   1.00 33.51 ? 74  TYR A CE1 1 
ATOM   341 C CE2 . TYR A 1 43 ? -0.766  2.322   9.247   1.00 35.08 ? 74  TYR A CE2 1 
ATOM   342 C CZ  . TYR A 1 43 ? -2.092  2.074   9.525   1.00 40.48 ? 74  TYR A CZ  1 
ATOM   343 O OH  . TYR A 1 43 ? -2.441  1.509   10.731  1.00 44.23 ? 74  TYR A OH  1 
ATOM   344 N N   . TYR A 1 44 ? 0.735   6.534   4.576   1.00 26.67 ? 75  TYR A N   1 
ATOM   345 C CA  . TYR A 1 44 ? 1.450   6.987   3.405   1.00 26.62 ? 75  TYR A CA  1 
ATOM   346 C C   . TYR A 1 44 ? 2.639   6.074   3.255   1.00 26.16 ? 75  TYR A C   1 
ATOM   347 O O   . TYR A 1 44 ? 3.568   6.080   4.083   1.00 31.33 ? 75  TYR A O   1 
ATOM   348 C CB  . TYR A 1 44 ? 1.905   8.426   3.597   1.00 31.07 ? 75  TYR A CB  1 
ATOM   349 C CG  . TYR A 1 44 ? 0.762   9.398   3.592   1.00 33.56 ? 75  TYR A CG  1 
ATOM   350 C CD1 . TYR A 1 44 ? 0.195   9.814   2.404   1.00 31.30 ? 75  TYR A CD1 1 
ATOM   351 C CD2 . TYR A 1 44 ? 0.239   9.893   4.781   1.00 35.93 ? 75  TYR A CD2 1 
ATOM   352 C CE1 . TYR A 1 44 ? -0.848  10.713  2.399   1.00 33.59 ? 75  TYR A CE1 1 
ATOM   353 C CE2 . TYR A 1 44 ? -0.808  10.790  4.777   1.00 42.14 ? 75  TYR A CE2 1 
ATOM   354 C CZ  . TYR A 1 44 ? -1.347  11.194  3.586   1.00 42.83 ? 75  TYR A CZ  1 
ATOM   355 O OH  . TYR A 1 44 ? -2.394  12.091  3.578   1.00 51.13 ? 75  TYR A OH  1 
ATOM   356 N N   . LEU A 1 45 ? 2.601   5.277   2.202   1.00 24.72 ? 76  LEU A N   1 
ATOM   357 C CA  . LEU A 1 45 ? 3.556   4.204   2.034   1.00 23.97 ? 76  LEU A CA  1 
ATOM   358 C C   . LEU A 1 45 ? 4.491   4.465   0.864   1.00 22.56 ? 76  LEU A C   1 
ATOM   359 O O   . LEU A 1 45 ? 4.083   5.012   -0.147  1.00 27.32 ? 76  LEU A O   1 
ATOM   360 C CB  . LEU A 1 45 ? 2.791   2.917   1.765   1.00 22.43 ? 76  LEU A CB  1 
ATOM   361 C CG  . LEU A 1 45 ? 1.776   2.508   2.837   1.00 23.75 ? 76  LEU A CG  1 
ATOM   362 C CD1 . LEU A 1 45 ? 1.101   1.175   2.500   1.00 28.72 ? 76  LEU A CD1 1 
ATOM   363 C CD2 . LEU A 1 45 ? 2.480   2.396   4.159   1.00 27.14 ? 76  LEU A CD2 1 
ATOM   364 N N   . THR A 1 46 ? 5.747   4.065   0.991   1.00 25.95 ? 77  THR A N   1 
ATOM   365 C CA  . THR A 1 46 ? 6.598   3.987   -0.189  1.00 25.44 ? 77  THR A CA  1 
ATOM   366 C C   . THR A 1 46 ? 7.017   2.538   -0.274  1.00 23.07 ? 77  THR A C   1 
ATOM   367 O O   . THR A 1 46 ? 7.432   1.954   0.729   1.00 26.17 ? 77  THR A O   1 
ATOM   368 C CB  . THR A 1 46 ? 7.844   4.888   -0.087  1.00 27.31 ? 77  THR A CB  1 
ATOM   369 O OG1 . THR A 1 46 ? 7.445   6.249   0.114   1.00 29.44 ? 77  THR A OG1 1 
ATOM   370 C CG2 . THR A 1 46 ? 8.673   4.789   -1.385  1.00 31.66 ? 77  THR A CG2 1 
ATOM   371 N N   . LEU A 1 47 ? 6.888   1.936   -1.454  1.00 19.45 ? 78  LEU A N   1 
ATOM   372 C CA  . LEU A 1 47 ? 7.150   0.508   -1.589  1.00 20.78 ? 78  LEU A CA  1 
ATOM   373 C C   . LEU A 1 47 ? 7.828   0.202   -2.916  1.00 23.37 ? 78  LEU A C   1 
ATOM   374 O O   . LEU A 1 47 ? 7.779   1.010   -3.846  1.00 25.29 ? 78  LEU A O   1 
ATOM   375 C CB  . LEU A 1 47 ? 5.862   -0.311  -1.452  1.00 21.36 ? 78  LEU A CB  1 
ATOM   376 C CG  . LEU A 1 47 ? 4.753   0.010   -2.452  1.00 19.11 ? 78  LEU A CG  1 
ATOM   377 C CD1 . LEU A 1 47 ? 4.870   -0.913  -3.668  1.00 25.19 ? 78  LEU A CD1 1 
ATOM   378 C CD2 . LEU A 1 47 ? 3.381   -0.178  -1.815  1.00 24.83 ? 78  LEU A CD2 1 
ATOM   379 N N   . GLU A 1 48 ? 8.451   -0.972  -2.976  1.00 26.41 ? 79  GLU A N   1 
ATOM   380 C CA  . GLU A 1 48 ? 9.098   -1.468  -4.177  1.00 29.75 ? 79  GLU A CA  1 
ATOM   381 C C   . GLU A 1 48 ? 8.235   -2.583  -4.715  1.00 29.95 ? 79  GLU A C   1 
ATOM   382 O O   . GLU A 1 48 ? 7.824   -3.448  -3.961  1.00 26.69 ? 79  GLU A O   1 
ATOM   383 C CB  . GLU A 1 48 ? 10.468  -2.066  -3.840  1.00 36.75 ? 79  GLU A CB  1 
ATOM   384 C CG  . GLU A 1 48 ? 11.492  -1.084  -3.318  1.00 44.95 ? 79  GLU A CG  1 
ATOM   385 C CD  . GLU A 1 48 ? 12.881  -1.707  -3.181  1.00 51.32 ? 79  GLU A CD  1 
ATOM   386 O OE1 . GLU A 1 48 ? 12.994  -2.957  -3.247  1.00 49.84 ? 79  GLU A OE1 1 
ATOM   387 O OE2 . GLU A 1 48 ? 13.864  -0.944  -3.015  1.00 55.25 ? 79  GLU A OE2 1 
ATOM   388 N N   . ALA A 1 49 ? 7.965   -2.563  -6.017  1.00 29.52 ? 80  ALA A N   1 
ATOM   389 C CA  . ALA A 1 49 ? 7.282   -3.676  -6.659  1.00 29.75 ? 80  ALA A CA  1 
ATOM   390 C C   . ALA A 1 49 ? 7.868   -3.869  -8.046  1.00 33.07 ? 80  ALA A C   1 
ATOM   391 O O   . ALA A 1 49 ? 8.422   -2.931  -8.642  1.00 30.72 ? 80  ALA A O   1 
ATOM   392 C CB  . ALA A 1 49 ? 5.774   -3.431  -6.723  1.00 31.91 ? 80  ALA A CB  1 
ATOM   393 N N   . LYS A 1 50 ? 7.769   -5.091  -8.558  1.00 33.58 ? 81  LYS A N   1 
ATOM   394 C CA  . LYS A 1 50 ? 8.293   -5.379  -9.883  1.00 34.49 ? 81  LYS A CA  1 
ATOM   395 C C   . LYS A 1 50 ? 7.221   -5.194  -10.963 1.00 42.02 ? 81  LYS A C   1 
ATOM   396 O O   . LYS A 1 50 ? 6.102   -5.702  -10.844 1.00 34.83 ? 81  LYS A O   1 
ATOM   397 C CB  . LYS A 1 50 ? 8.889   -6.786  -9.931  1.00 39.90 ? 81  LYS A CB  1 
ATOM   398 C CG  . LYS A 1 50 ? 10.169  -6.938  -9.108  1.00 45.37 ? 81  LYS A CG  1 
ATOM   399 C CD  . LYS A 1 50 ? 10.726  -8.359  -9.184  1.00 54.00 ? 81  LYS A CD  1 
ATOM   400 C CE  . LYS A 1 50 ? 10.803  -8.842  -10.627 1.00 61.23 ? 81  LYS A CE  1 
ATOM   401 N NZ  . LYS A 1 50 ? 11.336  -10.232 -10.788 1.00 69.60 ? 81  LYS A NZ  1 
ATOM   402 N N   . ASP A 1 51 ? 7.571   -4.440  -12.002 1.00 41.62 ? 82  ASP A N   1 
ATOM   403 C CA  . ASP A 1 51 ? 6.669   -4.197  -13.120 1.00 44.15 ? 82  ASP A CA  1 
ATOM   404 C C   . ASP A 1 51 ? 7.265   -4.866  -14.341 1.00 48.71 ? 82  ASP A C   1 
ATOM   405 O O   . ASP A 1 51 ? 8.197   -4.338  -14.950 1.00 49.98 ? 82  ASP A O   1 
ATOM   406 C CB  . ASP A 1 51 ? 6.520   -2.692  -13.376 1.00 53.46 ? 82  ASP A CB  1 
ATOM   407 C CG  . ASP A 1 51 ? 5.414   -2.365  -14.379 1.00 64.24 ? 82  ASP A CG  1 
ATOM   408 O OD1 . ASP A 1 51 ? 4.839   -3.301  -14.984 1.00 63.80 ? 82  ASP A OD1 1 
ATOM   409 O OD2 . ASP A 1 51 ? 5.121   -1.161  -14.569 1.00 69.25 ? 82  ASP A OD2 1 
ATOM   410 N N   . GLY A 1 52 ? 6.727   -6.026  -14.702 1.00 49.78 ? 83  GLY A N   1 
ATOM   411 C CA  . GLY A 1 52 ? 7.269   -6.782  -15.812 1.00 56.83 ? 83  GLY A CA  1 
ATOM   412 C C   . GLY A 1 52 ? 8.724   -7.117  -15.557 1.00 58.03 ? 83  GLY A C   1 
ATOM   413 O O   . GLY A 1 52 ? 9.550   -7.069  -16.468 1.00 58.19 ? 83  GLY A O   1 
ATOM   414 N N   . GLY A 1 53 ? 9.043   -7.440  -14.307 1.00 57.20 ? 84  GLY A N   1 
ATOM   415 C CA  . GLY A 1 53 ? 10.387  -7.871  -13.975 1.00 67.35 ? 84  GLY A CA  1 
ATOM   416 C C   . GLY A 1 53 ? 11.333  -6.794  -13.472 1.00 69.19 ? 84  GLY A C   1 
ATOM   417 O O   . GLY A 1 53 ? 12.357  -7.113  -12.865 1.00 74.97 ? 84  GLY A O   1 
ATOM   418 N N   . LYS A 1 54 ? 11.014  -5.526  -13.723 1.00 62.52 ? 85  LYS A N   1 
ATOM   419 C CA  . LYS A 1 54 ? 11.867  -4.440  -13.239 1.00 57.59 ? 85  LYS A CA  1 
ATOM   420 C C   . LYS A 1 54 ? 11.343  -3.848  -11.935 1.00 45.41 ? 85  LYS A C   1 
ATOM   421 O O   . LYS A 1 54 ? 10.163  -3.513  -11.830 1.00 38.19 ? 85  LYS A O   1 
ATOM   422 C CB  . LYS A 1 54 ? 12.076  -3.348  -14.303 1.00 61.82 ? 85  LYS A CB  1 
ATOM   423 C CG  . LYS A 1 54 ? 10.824  -2.634  -14.814 1.00 68.08 ? 85  LYS A CG  1 
ATOM   424 C CD  . LYS A 1 54 ? 11.194  -1.713  -15.991 1.00 75.60 ? 85  LYS A CD  1 
ATOM   425 C CE  . LYS A 1 54 ? 10.057  -1.559  -17.012 1.00 79.23 ? 85  LYS A CE  1 
ATOM   426 N NZ  . LYS A 1 54 ? 9.131   -0.430  -16.706 1.00 76.65 ? 85  LYS A NZ  1 
ATOM   427 N N   . LYS A 1 55 ? 12.214  -3.757  -10.932 1.00 44.68 ? 86  LYS A N   1 
ATOM   428 C CA  . LYS A 1 55 ? 11.843  -3.151  -9.650  1.00 39.18 ? 86  LYS A CA  1 
ATOM   429 C C   . LYS A 1 55 ? 11.661  -1.649  -9.810  1.00 38.83 ? 86  LYS A C   1 
ATOM   430 O O   . LYS A 1 55 ? 12.530  -0.957  -10.364 1.00 44.74 ? 86  LYS A O   1 
ATOM   431 C CB  . LYS A 1 55 ? 12.919  -3.400  -8.590  1.00 48.45 ? 86  LYS A CB  1 
ATOM   432 C CG  . LYS A 1 55 ? 13.003  -4.820  -8.072  1.00 57.36 ? 86  LYS A CG  1 
ATOM   433 C CD  . LYS A 1 55 ? 14.040  -4.919  -6.957  1.00 63.46 ? 86  LYS A CD  1 
ATOM   434 C CE  . LYS A 1 55 ? 14.035  -6.293  -6.296  1.00 68.07 ? 86  LYS A CE  1 
ATOM   435 N NZ  . LYS A 1 55 ? 15.009  -6.380  -5.163  1.00 68.00 ? 86  LYS A NZ  1 
ATOM   436 N N   . LYS A 1 56 ? 10.522  -1.152  -9.343  1.00 33.56 ? 87  LYS A N   1 
ATOM   437 C CA  . LYS A 1 56 ? 10.219  0.269   -9.370  1.00 31.82 ? 87  LYS A CA  1 
ATOM   438 C C   . LYS A 1 56 ? 9.732   0.697   -7.994  1.00 32.60 ? 87  LYS A C   1 
ATOM   439 O O   . LYS A 1 56 ? 9.300   -0.141  -7.196  1.00 30.01 ? 87  LYS A O   1 
ATOM   440 C CB  . LYS A 1 56 ? 9.129   0.561   -10.406 1.00 33.12 ? 87  LYS A CB  1 
ATOM   441 C CG  . LYS A 1 56 ? 9.534   0.264   -11.839 1.00 48.72 ? 87  LYS A CG  1 
ATOM   442 C CD  . LYS A 1 56 ? 8.400   0.529   -12.818 1.00 56.50 ? 87  LYS A CD  1 
ATOM   443 C CE  . LYS A 1 56 ? 7.751   1.887   -12.573 1.00 62.86 ? 87  LYS A CE  1 
ATOM   444 N NZ  . LYS A 1 56 ? 6.813   2.293   -13.671 1.00 67.55 ? 87  LYS A NZ  1 
ATOM   445 N N   . LEU A 1 57 ? 9.791   1.999   -7.724  1.00 31.80 ? 88  LEU A N   1 
ATOM   446 C CA  . LEU A 1 57 ? 9.290   2.542   -6.461  1.00 28.58 ? 88  LEU A CA  1 
ATOM   447 C C   . LEU A 1 57 ? 7.925   3.179   -6.689  1.00 26.03 ? 88  LEU A C   1 
ATOM   448 O O   . LEU A 1 57 ? 7.686   3.828   -7.719  1.00 30.13 ? 88  LEU A O   1 
ATOM   449 C CB  . LEU A 1 57 ? 10.265  3.582   -5.894  1.00 29.63 ? 88  LEU A CB  1 
ATOM   450 C CG  . LEU A 1 57 ? 11.478  3.014   -5.157  1.00 36.52 ? 88  LEU A CG  1 
ATOM   451 C CD1 . LEU A 1 57 ? 12.600  4.048   -5.027  1.00 43.99 ? 88  LEU A CD1 1 
ATOM   452 C CD2 . LEU A 1 57 ? 11.052  2.536   -3.789  1.00 37.44 ? 88  LEU A CD2 1 
ATOM   453 N N   . TYR A 1 58 ? 7.040   3.007   -5.713  1.00 26.37 ? 89  TYR A N   1 
ATOM   454 C CA  . TYR A 1 58 ? 5.675   3.506   -5.798  1.00 24.62 ? 89  TYR A CA  1 
ATOM   455 C C   . TYR A 1 58 ? 5.308   4.127   -4.477  1.00 20.81 ? 89  TYR A C   1 
ATOM   456 O O   . TYR A 1 58 ? 5.791   3.689   -3.430  1.00 26.59 ? 89  TYR A O   1 
ATOM   457 C CB  . TYR A 1 58 ? 4.704   2.347   -6.054  1.00 22.71 ? 89  TYR A CB  1 
ATOM   458 C CG  . TYR A 1 58 ? 4.968   1.649   -7.350  1.00 23.70 ? 89  TYR A CG  1 
ATOM   459 C CD1 . TYR A 1 58 ? 5.839   0.574   -7.413  1.00 25.88 ? 89  TYR A CD1 1 
ATOM   460 C CD2 . TYR A 1 58 ? 4.376   2.087   -8.520  1.00 24.83 ? 89  TYR A CD2 1 
ATOM   461 C CE1 . TYR A 1 58 ? 6.097   -0.065  -8.615  1.00 24.56 ? 89  TYR A CE1 1 
ATOM   462 C CE2 . TYR A 1 58 ? 4.634   1.462   -9.728  1.00 30.97 ? 89  TYR A CE2 1 
ATOM   463 C CZ  . TYR A 1 58 ? 5.488   0.386   -9.765  1.00 26.39 ? 89  TYR A CZ  1 
ATOM   464 O OH  . TYR A 1 58 ? 5.744   -0.245  -10.964 1.00 31.81 ? 89  TYR A OH  1 
ATOM   465 N N   . GLU A 1 59 ? 4.432   5.116   -4.536  1.00 23.94 ? 90  GLU A N   1 
ATOM   466 C CA  . GLU A 1 59 ? 3.852   5.705   -3.345  1.00 24.47 ? 90  GLU A CA  1 
ATOM   467 C C   . GLU A 1 59 ? 2.386   5.277   -3.285  1.00 22.86 ? 90  GLU A C   1 
ATOM   468 O O   . GLU A 1 59 ? 1.708   5.252   -4.294  1.00 25.57 ? 90  GLU A O   1 
ATOM   469 C CB  . GLU A 1 59 ? 3.961   7.233   -3.412  1.00 26.95 ? 90  GLU A CB  1 
ATOM   470 C CG  . GLU A 1 59 ? 5.377   7.729   -3.097  1.00 29.36 ? 90  GLU A CG  1 
ATOM   471 C CD  . GLU A 1 59 ? 5.546   9.233   -3.280  1.00 39.17 ? 90  GLU A CD  1 
ATOM   472 O OE1 . GLU A 1 59 ? 4.718   9.850   -3.982  1.00 39.58 ? 90  GLU A OE1 1 
ATOM   473 O OE2 . GLU A 1 59 ? 6.523   9.809   -2.728  1.00 42.56 ? 90  GLU A OE2 1 
ATOM   474 N N   . ALA A 1 60 ? 1.898   4.984   -2.089  1.00 24.09 ? 91  ALA A N   1 
ATOM   475 C CA  . ALA A 1 60 ? 0.493   4.641   -1.942  1.00 27.59 ? 91  ALA A CA  1 
ATOM   476 C C   . ALA A 1 60 ? -0.089  5.357   -0.726  1.00 25.96 ? 91  ALA A C   1 
ATOM   477 O O   . ALA A 1 60 ? 0.615   5.632   0.233   1.00 25.17 ? 91  ALA A O   1 
ATOM   478 C CB  . ALA A 1 60 ? 0.316   3.135   -1.814  1.00 23.33 ? 91  ALA A CB  1 
ATOM   479 N N   . LYS A 1 61 ? -1.381  5.640   -0.782  1.00 24.65 ? 92  LYS A N   1 
ATOM   480 C CA  . LYS A 1 61 ? -2.107  6.128   0.382   1.00 26.03 ? 92  LYS A CA  1 
ATOM   481 C C   . LYS A 1 61 ? -3.240  5.149   0.703   1.00 26.79 ? 92  LYS A C   1 
ATOM   482 O O   . LYS A 1 61 ? -4.058  4.849   -0.159  1.00 28.50 ? 92  LYS A O   1 
ATOM   483 C CB  . LYS A 1 61 ? -2.639  7.537   0.134   1.00 30.53 ? 92  LYS A CB  1 
ATOM   484 C CG  . LYS A 1 61 ? -3.525  8.039   1.252   1.00 35.91 ? 92  LYS A CG  1 
ATOM   485 C CD  . LYS A 1 61 ? -3.713  9.545   1.253   1.00 49.68 ? 92  LYS A CD  1 
ATOM   486 C CE  . LYS A 1 61 ? -4.320  10.092  -0.014  1.00 53.72 ? 92  LYS A CE  1 
ATOM   487 N NZ  . LYS A 1 61 ? -4.770  11.506  0.209   1.00 60.65 ? 92  LYS A NZ  1 
ATOM   488 N N   . VAL A 1 62 ? -3.258  4.625   1.926   1.00 29.58 ? 93  VAL A N   1 
ATOM   489 C CA  . VAL A 1 62 ? -4.247  3.613   2.324   1.00 29.18 ? 93  VAL A CA  1 
ATOM   490 C C   . VAL A 1 62 ? -5.011  4.068   3.571   1.00 31.63 ? 93  VAL A C   1 
ATOM   491 O O   . VAL A 1 62 ? -4.414  4.539   4.542   1.00 31.46 ? 93  VAL A O   1 
ATOM   492 C CB  . VAL A 1 62 ? -3.577  2.252   2.632   1.00 25.40 ? 93  VAL A CB  1 
ATOM   493 C CG1 . VAL A 1 62 ? -4.596  1.257   3.173   1.00 26.39 ? 93  VAL A CG1 1 
ATOM   494 C CG2 . VAL A 1 62 ? -2.893  1.671   1.390   1.00 27.67 ? 93  VAL A CG2 1 
ATOM   495 N N   . TRP A 1 63 ? -6.330  3.906   3.540   1.00 34.11 ? 94  TRP A N   1 
ATOM   496 C CA  . TRP A 1 63 ? -7.195  4.311   4.641   1.00 41.55 ? 94  TRP A CA  1 
ATOM   497 C C   . TRP A 1 63 ? -7.774  3.082   5.343   1.00 40.28 ? 94  TRP A C   1 
ATOM   498 O O   . TRP A 1 63 ? -8.334  2.193   4.699   1.00 40.29 ? 94  TRP A O   1 
ATOM   499 C CB  . TRP A 1 63 ? -8.325  5.185   4.089   1.00 39.51 ? 94  TRP A CB  1 
ATOM   500 C CG  . TRP A 1 63 ? -9.235  5.802   5.114   1.00 43.34 ? 94  TRP A CG  1 
ATOM   501 C CD1 . TRP A 1 63 ? -8.976  5.999   6.440   1.00 45.62 ? 94  TRP A CD1 1 
ATOM   502 C CD2 . TRP A 1 63 ? -10.558 6.300   4.881   1.00 51.87 ? 94  TRP A CD2 1 
ATOM   503 N NE1 . TRP A 1 63 ? -10.061 6.595   7.047   1.00 52.57 ? 94  TRP A NE1 1 
ATOM   504 C CE2 . TRP A 1 63 ? -11.045 6.789   6.110   1.00 53.70 ? 94  TRP A CE2 1 
ATOM   505 C CE3 . TRP A 1 63 ? -11.379 6.380   3.750   1.00 54.54 ? 94  TRP A CE3 1 
ATOM   506 C CZ2 . TRP A 1 63 ? -12.318 7.351   6.241   1.00 65.02 ? 94  TRP A CZ2 1 
ATOM   507 C CZ3 . TRP A 1 63 ? -12.638 6.936   3.878   1.00 60.76 ? 94  TRP A CZ3 1 
ATOM   508 C CH2 . TRP A 1 63 ? -13.097 7.415   5.116   1.00 67.34 ? 94  TRP A CH2 1 
ATOM   509 N N   . VAL A 1 64 ? -7.650  3.046   6.667   1.00 40.24 ? 95  VAL A N   1 
ATOM   510 C CA  . VAL A 1 64 ? -8.084  1.897   7.464   1.00 41.17 ? 95  VAL A CA  1 
ATOM   511 C C   . VAL A 1 64 ? -9.003  2.334   8.605   1.00 43.74 ? 95  VAL A C   1 
ATOM   512 O O   . VAL A 1 64 ? -8.755  3.364   9.242   1.00 43.59 ? 95  VAL A O   1 
ATOM   513 C CB  . VAL A 1 64 ? -6.850  1.149   8.037   1.00 48.77 ? 95  VAL A CB  1 
ATOM   514 C CG1 . VAL A 1 64 ? -7.256  0.089   9.050   1.00 52.59 ? 95  VAL A CG1 1 
ATOM   515 C CG2 . VAL A 1 64 ? -6.057  0.529   6.916   1.00 43.89 ? 95  VAL A CG2 1 
ATOM   516 N N   . LYS A 1 65 ? -10.072 1.569   8.838   1.00 49.12 ? 96  LYS A N   1 
ATOM   517 C CA  . LYS A 1 65 ? -10.919 1.726   10.018  1.00 51.41 ? 96  LYS A CA  1 
ATOM   518 C C   . LYS A 1 65 ? -10.890 0.431   10.826  1.00 56.61 ? 96  LYS A C   1 
ATOM   519 O O   . LYS A 1 65 ? -11.657 -0.487  10.543  1.00 64.46 ? 96  LYS A O   1 
ATOM   520 C CB  . LYS A 1 65 ? -12.368 2.025   9.615   1.00 55.18 ? 96  LYS A CB  1 
ATOM   521 C CG  . LYS A 1 65 ? -12.549 3.292   8.800   1.00 55.21 ? 96  LYS A CG  1 
ATOM   522 C CD  . LYS A 1 65 ? -13.955 3.368   8.217   1.00 59.01 ? 96  LYS A CD  1 
ATOM   523 C CE  . LYS A 1 65 ? -15.007 3.062   9.272   1.00 79.98 ? 96  LYS A CE  1 
ATOM   524 N NZ  . LYS A 1 65 ? -16.396 3.021   8.718   1.00 84.69 ? 96  LYS A NZ  1 
ATOM   525 N N   . PRO A 1 66 ? -10.033 0.364   11.861  1.00 52.63 ? 97  PRO A N   1 
ATOM   526 C CA  . PRO A 1 66 ? -9.716  -0.920  12.500  1.00 53.78 ? 97  PRO A CA  1 
ATOM   527 C C   . PRO A 1 66 ? -10.839 -1.478  13.366  1.00 54.37 ? 97  PRO A C   1 
ATOM   528 O O   . PRO A 1 66 ? -10.750 -2.626  13.805  1.00 54.64 ? 97  PRO A O   1 
ATOM   529 C CB  . PRO A 1 66 ? -8.503  -0.581  13.375  1.00 57.86 ? 97  PRO A CB  1 
ATOM   530 C CG  . PRO A 1 66 ? -8.726  0.860   13.760  1.00 55.37 ? 97  PRO A CG  1 
ATOM   531 C CD  . PRO A 1 66 ? -9.364  1.496   12.533  1.00 53.78 ? 97  PRO A CD  1 
ATOM   532 N N   . TRP A 1 67 ? -11.870 -0.676  13.614  1.00 56.37 ? 98  TRP A N   1 
ATOM   533 C CA  . TRP A 1 67 ? -13.027 -1.133  14.381  1.00 60.96 ? 98  TRP A CA  1 
ATOM   534 C C   . TRP A 1 67 ? -14.009 -1.934  13.526  1.00 61.60 ? 98  TRP A C   1 
ATOM   535 O O   . TRP A 1 67 ? -15.009 -2.462  14.033  1.00 65.69 ? 98  TRP A O   1 
ATOM   536 C CB  . TRP A 1 67 ? -13.750 0.051   15.025  1.00 65.44 ? 98  TRP A CB  1 
ATOM   537 C CG  . TRP A 1 67 ? -14.174 1.109   14.047  1.00 66.74 ? 98  TRP A CG  1 
ATOM   538 C CD1 . TRP A 1 67 ? -15.305 1.119   13.275  1.00 68.60 ? 98  TRP A CD1 1 
ATOM   539 C CD2 . TRP A 1 67 ? -13.476 2.323   13.748  1.00 66.37 ? 98  TRP A CD2 1 
ATOM   540 N NE1 . TRP A 1 67 ? -15.345 2.263   12.511  1.00 69.36 ? 98  TRP A NE1 1 
ATOM   541 C CE2 . TRP A 1 67 ? -14.236 3.020   12.788  1.00 68.37 ? 98  TRP A CE2 1 
ATOM   542 C CE3 . TRP A 1 67 ? -12.283 2.890   14.206  1.00 62.90 ? 98  TRP A CE3 1 
ATOM   543 C CZ2 . TRP A 1 67 ? -13.834 4.256   12.273  1.00 71.72 ? 98  TRP A CZ2 1 
ATOM   544 C CZ3 . TRP A 1 67 ? -11.889 4.116   13.696  1.00 62.80 ? 98  TRP A CZ3 1 
ATOM   545 C CH2 . TRP A 1 67 ? -12.659 4.782   12.739  1.00 64.03 ? 98  TRP A CH2 1 
ATOM   546 N N   . GLU A 1 68 ? -13.729 -2.012  12.230  1.00 58.15 ? 99  GLU A N   1 
ATOM   547 C CA  . GLU A 1 68 ? -14.546 -2.802  11.320  1.00 65.76 ? 99  GLU A CA  1 
ATOM   548 C C   . GLU A 1 68 ? -13.693 -3.372  10.195  1.00 55.82 ? 99  GLU A C   1 
ATOM   549 O O   . GLU A 1 68 ? -12.535 -2.997  10.037  1.00 50.74 ? 99  GLU A O   1 
ATOM   550 C CB  . GLU A 1 68 ? -15.699 -1.966  10.759  1.00 69.35 ? 99  GLU A CB  1 
ATOM   551 C CG  . GLU A 1 68 ? -15.278 -0.705  10.014  1.00 67.72 ? 99  GLU A CG  1 
ATOM   552 C CD  . GLU A 1 68 ? -16.464 0.037   9.426   1.00 75.69 ? 99  GLU A CD  1 
ATOM   553 O OE1 . GLU A 1 68 ? -16.581 0.081   8.182   1.00 73.80 ? 99  GLU A OE1 1 
ATOM   554 O OE2 . GLU A 1 68 ? -17.277 0.582   10.205  1.00 84.69 ? 99  GLU A OE2 1 
ATOM   555 N N   . ASN A 1 69 ? -14.260 -4.297  9.430   1.00 59.17 ? 100 ASN A N   1 
ATOM   556 C CA  . ASN A 1 69 ? -13.539 -4.890  8.311   1.00 56.59 ? 100 ASN A CA  1 
ATOM   557 C C   . ASN A 1 69 ? -13.480 -3.893  7.151   1.00 59.81 ? 100 ASN A C   1 
ATOM   558 O O   . ASN A 1 69 ? -14.167 -4.072  6.143   1.00 68.35 ? 100 ASN A O   1 
ATOM   559 C CB  . ASN A 1 69 ? -14.226 -6.189  7.868   1.00 63.46 ? 100 ASN A CB  1 
ATOM   560 C CG  . ASN A 1 69 ? -13.271 -7.169  7.195   1.00 64.08 ? 100 ASN A CG  1 
ATOM   561 O OD1 . ASN A 1 69 ? -12.282 -6.773  6.570   1.00 60.04 ? 100 ASN A OD1 1 
ATOM   562 N ND2 . ASN A 1 69 ? -13.571 -8.458  7.315   1.00 69.14 ? 100 ASN A ND2 1 
ATOM   563 N N   . PHE A 1 70 ? -12.676 -2.840  7.303   1.00 50.10 ? 101 PHE A N   1 
ATOM   564 C CA  . PHE A 1 70 ? -12.577 -1.797  6.282   1.00 52.22 ? 101 PHE A CA  1 
ATOM   565 C C   . PHE A 1 70 ? -11.138 -1.359  6.020   1.00 50.84 ? 101 PHE A C   1 
ATOM   566 O O   . PHE A 1 70 ? -10.423 -0.987  6.956   1.00 41.13 ? 101 PHE A O   1 
ATOM   567 C CB  . PHE A 1 70 ? -13.411 -0.570  6.671   1.00 53.36 ? 101 PHE A CB  1 
ATOM   568 C CG  . PHE A 1 70 ? -13.309 0.572   5.685   1.00 55.82 ? 101 PHE A CG  1 
ATOM   569 C CD1 . PHE A 1 70 ? -12.262 1.488   5.755   1.00 54.63 ? 101 PHE A CD1 1 
ATOM   570 C CD2 . PHE A 1 70 ? -14.261 0.730   4.692   1.00 62.32 ? 101 PHE A CD2 1 
ATOM   571 C CE1 . PHE A 1 70 ? -12.164 2.531   4.849   1.00 54.21 ? 101 PHE A CE1 1 
ATOM   572 C CE2 . PHE A 1 70 ? -14.172 1.776   3.786   1.00 61.30 ? 101 PHE A CE2 1 
ATOM   573 C CZ  . PHE A 1 70 ? -13.126 2.677   3.864   1.00 57.79 ? 101 PHE A CZ  1 
ATOM   574 N N   . LYS A 1 71 ? -10.740 -1.397  4.743   1.00 48.00 ? 102 LYS A N   1 
ATOM   575 C CA  . LYS A 1 71 ? -9.468  -0.850  4.250   1.00 43.86 ? 102 LYS A CA  1 
ATOM   576 C C   . LYS A 1 71 ? -9.689  -0.321  2.831   1.00 39.52 ? 102 LYS A C   1 
ATOM   577 O O   . LYS A 1 71 ? -10.481 -0.882  2.081   1.00 42.13 ? 102 LYS A O   1 
ATOM   578 C CB  . LYS A 1 71 ? -8.377  -1.922  4.219   1.00 50.43 ? 102 LYS A CB  1 
ATOM   579 C CG  . LYS A 1 71 ? -8.330  -2.846  5.430   1.00 58.19 ? 102 LYS A CG  1 
ATOM   580 C CD  . LYS A 1 71 ? -6.965  -3.505  5.572   1.00 61.34 ? 102 LYS A CD  1 
ATOM   581 C CE  . LYS A 1 71 ? -6.503  -4.113  4.261   1.00 60.18 ? 102 LYS A CE  1 
ATOM   582 N NZ  . LYS A 1 71 ? -7.395  -5.211  3.805   1.00 61.12 ? 102 LYS A NZ  1 
ATOM   583 N N   . GLU A 1 72 ? -9.003  0.751   2.449   1.00 43.23 ? 103 GLU A N   1 
ATOM   584 C CA  . GLU A 1 72 ? -9.272  1.371   1.146   1.00 41.99 ? 103 GLU A CA  1 
ATOM   585 C C   . GLU A 1 72 ? -8.054  2.080   0.542   1.00 40.19 ? 103 GLU A C   1 
ATOM   586 O O   . GLU A 1 72 ? -7.462  2.960   1.171   1.00 36.04 ? 103 GLU A O   1 
ATOM   587 C CB  . GLU A 1 72 ? -10.434 2.356   1.271   1.00 51.20 ? 103 GLU A CB  1 
ATOM   588 C CG  . GLU A 1 72 ? -10.913 2.963   -0.042  1.00 58.25 ? 103 GLU A CG  1 
ATOM   589 C CD  . GLU A 1 72 ? -12.041 3.968   0.163   1.00 67.25 ? 103 GLU A CD  1 
ATOM   590 O OE1 . GLU A 1 72 ? -13.208 3.540   0.300   1.00 73.74 ? 103 GLU A OE1 1 
ATOM   591 O OE2 . GLU A 1 72 ? -11.761 5.188   0.198   1.00 66.16 ? 103 GLU A OE2 1 
ATOM   592 N N   . LEU A 1 73 ? -7.687  1.699   -0.684  1.00 38.05 ? 104 LEU A N   1 
ATOM   593 C CA  . LEU A 1 73 ? -6.572  2.358   -1.378  1.00 36.38 ? 104 LEU A CA  1 
ATOM   594 C C   . LEU A 1 73 ? -7.067  3.665   -1.980  1.00 33.35 ? 104 LEU A C   1 
ATOM   595 O O   . LEU A 1 73 ? -8.008  3.672   -2.788  1.00 35.39 ? 104 LEU A O   1 
ATOM   596 C CB  . LEU A 1 73 ? -6.005  1.455   -2.480  1.00 36.47 ? 104 LEU A CB  1 
ATOM   597 C CG  . LEU A 1 73 ? -4.849  1.965   -3.342  1.00 30.80 ? 104 LEU A CG  1 
ATOM   598 C CD1 . LEU A 1 73 ? -3.609  2.157   -2.493  1.00 30.20 ? 104 LEU A CD1 1 
ATOM   599 C CD2 . LEU A 1 73 ? -4.576  0.985   -4.486  1.00 31.60 ? 104 LEU A CD2 1 
ATOM   600 N N   . GLN A 1 74 ? -6.450  4.771   -1.574  1.00 34.25 ? 105 GLN A N   1 
ATOM   601 C CA  . GLN A 1 74 ? -6.851  6.096   -2.034  1.00 35.64 ? 105 GLN A CA  1 
ATOM   602 C C   . GLN A 1 74 ? -6.064  6.553   -3.260  1.00 34.92 ? 105 GLN A C   1 
ATOM   603 O O   . GLN A 1 74 ? -6.638  7.094   -4.208  1.00 37.85 ? 105 GLN A O   1 
ATOM   604 C CB  . GLN A 1 74 ? -6.656  7.115   -0.910  1.00 49.25 ? 105 GLN A CB  1 
ATOM   605 C CG  . GLN A 1 74 ? -7.180  6.667   0.435   1.00 53.74 ? 105 GLN A CG  1 
ATOM   606 C CD  . GLN A 1 74 ? -8.633  7.009   0.624   1.00 63.25 ? 105 GLN A CD  1 
ATOM   607 O OE1 . GLN A 1 74 ? -9.008  8.183   0.650   1.00 71.29 ? 105 GLN A OE1 1 
ATOM   608 N NE2 . GLN A 1 74 ? -9.467  5.987   0.752   1.00 62.18 ? 105 GLN A NE2 1 
ATOM   609 N N   . GLU A 1 75 ? -4.747  6.352   -3.231  1.00 31.82 ? 106 GLU A N   1 
ATOM   610 C CA  . GLU A 1 75 ? -3.883  6.746   -4.343  1.00 37.56 ? 106 GLU A CA  1 
ATOM   611 C C   . GLU A 1 75 ? -2.723  5.765   -4.474  1.00 29.93 ? 106 GLU A C   1 
ATOM   612 O O   . GLU A 1 75 ? -2.240  5.223   -3.477  1.00 29.73 ? 106 GLU A O   1 
ATOM   613 C CB  . GLU A 1 75 ? -3.337  8.163   -4.122  1.00 49.31 ? 106 GLU A CB  1 
ATOM   614 C CG  . GLU A 1 75 ? -2.649  8.759   -5.339  1.00 60.12 ? 106 GLU A CG  1 
ATOM   615 C CD  . GLU A 1 75 ? -3.602  8.938   -6.503  1.00 72.90 ? 106 GLU A CD  1 
ATOM   616 O OE1 . GLU A 1 75 ? -4.706  9.480   -6.286  1.00 78.98 ? 106 GLU A OE1 1 
ATOM   617 O OE2 . GLU A 1 75 ? -3.253  8.533   -7.632  1.00 74.89 ? 106 GLU A OE2 1 
ATOM   618 N N   . PHE A 1 76 ? -2.281  5.531   -5.705  1.00 29.05 ? 107 PHE A N   1 
ATOM   619 C CA  . PHE A 1 76 ? -1.140  4.653   -5.946  1.00 27.90 ? 107 PHE A CA  1 
ATOM   620 C C   . PHE A 1 76 ? -0.418  5.173   -7.192  1.00 31.42 ? 107 PHE A C   1 
ATOM   621 O O   . PHE A 1 76 ? -1.030  5.274   -8.256  1.00 36.16 ? 107 PHE A O   1 
ATOM   622 C CB  . PHE A 1 76 ? -1.621  3.220   -6.178  1.00 26.52 ? 107 PHE A CB  1 
ATOM   623 C CG  . PHE A 1 76 ? -0.514  2.201   -6.205  1.00 28.36 ? 107 PHE A CG  1 
ATOM   624 C CD1 . PHE A 1 76 ? 0.286   2.051   -7.335  1.00 29.31 ? 107 PHE A CD1 1 
ATOM   625 C CD2 . PHE A 1 76 ? -0.289  1.378   -5.112  1.00 26.48 ? 107 PHE A CD2 1 
ATOM   626 C CE1 . PHE A 1 76 ? 1.295   1.112   -7.373  1.00 27.86 ? 107 PHE A CE1 1 
ATOM   627 C CE2 . PHE A 1 76 ? 0.731   0.428   -5.136  1.00 30.27 ? 107 PHE A CE2 1 
ATOM   628 C CZ  . PHE A 1 76 ? 1.525   0.299   -6.266  1.00 27.57 ? 107 PHE A CZ  1 
ATOM   629 N N   . LYS A 1 77 ? 0.868   5.509   -7.069  1.00 30.82 ? 108 LYS A N   1 
ATOM   630 C CA  . LYS A 1 77 ? 1.591   6.090   -8.206  1.00 37.14 ? 108 LYS A CA  1 
ATOM   631 C C   . LYS A 1 77 ? 3.097   5.839   -8.171  1.00 32.97 ? 108 LYS A C   1 
ATOM   632 O O   . LYS A 1 77 ? 3.700   5.760   -7.096  1.00 32.83 ? 108 LYS A O   1 
ATOM   633 C CB  . LYS A 1 77 ? 1.316   7.595   -8.319  1.00 42.72 ? 108 LYS A CB  1 
ATOM   634 C CG  . LYS A 1 77 ? 2.052   8.436   -7.308  1.00 43.62 ? 108 LYS A CG  1 
ATOM   635 C CD  . LYS A 1 77 ? 1.965   9.911   -7.689  1.00 54.86 ? 108 LYS A CD  1 
ATOM   636 C CE  . LYS A 1 77 ? 2.942   10.757  -6.891  1.00 63.93 ? 108 LYS A CE  1 
ATOM   637 N NZ  . LYS A 1 77 ? 4.361   10.308  -7.030  1.00 67.08 ? 108 LYS A NZ  1 
ATOM   638 N N   . PRO A 1 78 ? 3.723   5.723   -9.356  1.00 31.09 ? 109 PRO A N   1 
ATOM   639 C CA  . PRO A 1 78 ? 5.181   5.532   -9.354  1.00 31.51 ? 109 PRO A CA  1 
ATOM   640 C C   . PRO A 1 78 ? 5.910   6.759   -8.817  1.00 36.38 ? 109 PRO A C   1 
ATOM   641 O O   . PRO A 1 78 ? 5.447   7.885   -9.041  1.00 40.77 ? 109 PRO A O   1 
ATOM   642 C CB  . PRO A 1 78 ? 5.521   5.337   -10.836 1.00 42.07 ? 109 PRO A CB  1 
ATOM   643 C CG  . PRO A 1 78 ? 4.194   5.147   -11.548 1.00 46.30 ? 109 PRO A CG  1 
ATOM   644 C CD  . PRO A 1 78 ? 3.174   5.849   -10.720 1.00 39.27 ? 109 PRO A CD  1 
ATOM   645 N N   . VAL A 1 79 ? 7.021   6.551   -8.102  1.00 34.48 ? 110 VAL A N   1 
ATOM   646 C CA  . VAL A 1 79 ? 7.854   7.665   -7.647  1.00 40.64 ? 110 VAL A CA  1 
ATOM   647 C C   . VAL A 1 79 ? 8.619   8.242   -8.835  1.00 53.26 ? 110 VAL A C   1 
ATOM   648 O O   . VAL A 1 79 ? 8.910   7.529   -9.805  1.00 52.84 ? 110 VAL A O   1 
ATOM   649 C CB  . VAL A 1 79 ? 8.867   7.253   -6.562  1.00 43.18 ? 110 VAL A CB  1 
ATOM   650 C CG1 . VAL A 1 79 ? 9.780   8.434   -6.214  1.00 47.03 ? 110 VAL A CG1 1 
ATOM   651 C CG2 . VAL A 1 79 ? 8.148   6.764   -5.314  1.00 42.74 ? 110 VAL A CG2 1 
HETATM 652 O O   . HOH B 2 .  ? 1.876   1.760   -12.767 1.00 39.88 ? 201 HOH A O   1 
HETATM 653 O O   . HOH B 2 .  ? -2.087  -8.773  -6.753  1.00 33.86 ? 202 HOH A O   1 
HETATM 654 O O   . HOH B 2 .  ? 0.885   -7.795  -3.351  1.00 40.79 ? 203 HOH A O   1 
HETATM 655 O O   . HOH B 2 .  ? 4.664   0.756   -13.044 1.00 38.95 ? 204 HOH A O   1 
HETATM 656 O O   . HOH B 2 .  ? 2.118   -8.598  -5.361  1.00 32.95 ? 205 HOH A O   1 
HETATM 657 O O   . HOH B 2 .  ? 13.437  4.235   3.372   1.00 41.39 ? 206 HOH A O   1 
HETATM 658 O O   . HOH B 2 .  ? 1.323   -5.177  -14.684 1.00 42.06 ? 207 HOH A O   1 
HETATM 659 O O   . HOH B 2 .  ? -4.216  2.318   -8.485  1.00 38.16 ? 208 HOH A O   1 
HETATM 660 O O   . HOH B 2 .  ? 2.853   -8.795  7.913   1.00 47.00 ? 209 HOH A O   1 
HETATM 661 O O   . HOH B 2 .  ? 2.191   -9.419  4.975   1.00 50.14 ? 210 HOH A O   1 
HETATM 662 O O   . HOH B 2 .  ? -0.069  14.559  6.895   1.00 46.84 ? 211 HOH A O   1 
HETATM 663 O O   . HOH B 2 .  ? -5.437  4.001   -6.677  1.00 43.56 ? 212 HOH A O   1 
HETATM 664 O O   . HOH B 2 .  ? 8.405   8.473   -1.071  1.00 30.66 ? 213 HOH A O   1 
HETATM 665 O O   . HOH B 2 .  ? 1.216   0.062   12.020  1.00 48.29 ? 214 HOH A O   1 
HETATM 666 O O   . HOH B 2 .  ? 8.593   -5.348  3.409   1.00 35.62 ? 215 HOH A O   1 
HETATM 667 O O   . HOH B 2 .  ? -4.884  -8.151  -6.704  1.00 37.46 ? 216 HOH A O   1 
HETATM 668 O O   . HOH B 2 .  ? -8.372  -6.597  -12.360 1.00 42.34 ? 217 HOH A O   1 
HETATM 669 O O   . HOH B 2 .  ? 15.071  -4.570  -11.464 1.00 53.56 ? 218 HOH A O   1 
HETATM 670 O O   . HOH B 2 .  ? 9.156   4.364   -9.980  1.00 37.84 ? 219 HOH A O   1 
HETATM 671 O O   . HOH B 2 .  ? 0.365   -0.310  -13.072 1.00 38.08 ? 220 HOH A O   1 
HETATM 672 O O   . HOH B 2 .  ? 6.657   -3.013  7.217   1.00 42.01 ? 221 HOH A O   1 
HETATM 673 O O   . HOH B 2 .  ? 7.941   -0.996  8.013   1.00 44.71 ? 222 HOH A O   1 
HETATM 674 O O   . HOH B 2 .  ? -9.482  -0.188  -1.875  1.00 34.12 ? 223 HOH A O   1 
HETATM 675 O O   . HOH B 2 .  ? 1.411   -10.039 -1.835  1.00 41.30 ? 224 HOH A O   1 
HETATM 676 O O   . HOH B 2 .  ? -9.587  -8.297  -10.403 1.00 44.41 ? 225 HOH A O   1 
HETATM 677 O O   . HOH B 2 .  ? -4.506  -8.011  0.262   1.00 44.12 ? 226 HOH A O   1 
HETATM 678 O O   . HOH B 2 .  ? 8.276   11.355  -4.419  1.00 47.24 ? 227 HOH A O   1 
HETATM 679 O O   . HOH B 2 .  ? 0.826   3.135   -11.145 1.00 51.70 ? 228 HOH A O   1 
HETATM 680 O O   . HOH B 2 .  ? 11.727  3.604   -9.165  1.00 39.09 ? 229 HOH A O   1 
HETATM 681 O O   . HOH B 2 .  ? -2.538  -7.717  2.716   1.00 39.57 ? 230 HOH A O   1 
HETATM 682 O O   . HOH B 2 .  ? 5.461   -10.738 -3.330  1.00 53.89 ? 231 HOH A O   1 
HETATM 683 O O   . HOH B 2 .  ? -15.421 -3.571  16.671  1.00 52.10 ? 232 HOH A O   1 
HETATM 684 O O   . HOH B 2 .  ? -0.797  -10.887 -7.533  1.00 46.30 ? 233 HOH A O   1 
HETATM 685 O O   . HOH B 2 .  ? 3.628   -6.150  -13.978 1.00 50.93 ? 234 HOH A O   1 
HETATM 686 O O   . HOH B 2 .  ? -2.082  0.679   -14.364 1.00 52.67 ? 235 HOH A O   1 
HETATM 687 O O   . HOH B 2 .  ? 1.539   7.681   14.147  1.00 46.53 ? 236 HOH A O   1 
HETATM 688 O O   . HOH B 2 .  ? 5.982   7.006   2.583   1.00 28.39 ? 237 HOH A O   1 
HETATM 689 O O   . HOH B 2 .  ? 7.463   8.713   4.035   1.00 36.65 ? 238 HOH A O   1 
HETATM 690 O O   . HOH B 2 .  ? 8.639   8.201   6.203   1.00 46.67 ? 239 HOH A O   1 
HETATM 691 O O   . HOH B 2 .  ? -13.606 -10.870 5.562   1.00 52.93 ? 240 HOH A O   1 
HETATM 692 O O   . HOH B 2 .  ? 9.330   -7.784  2.215   1.00 52.94 ? 241 HOH A O   1 
HETATM 693 O O   . HOH B 2 .  ? -0.954  7.094   -10.736 1.00 48.48 ? 242 HOH A O   1 
HETATM 694 O O   . HOH B 2 .  ? -10.028 -3.717  10.575  1.00 55.32 ? 243 HOH A O   1 
# 
loop_
_atom_site_anisotrop.id 
_atom_site_anisotrop.type_symbol 
_atom_site_anisotrop.pdbx_label_atom_id 
_atom_site_anisotrop.pdbx_label_alt_id 
_atom_site_anisotrop.pdbx_label_comp_id 
_atom_site_anisotrop.pdbx_label_asym_id 
_atom_site_anisotrop.pdbx_label_seq_id 
_atom_site_anisotrop.pdbx_PDB_ins_code 
_atom_site_anisotrop.U[1][1] 
_atom_site_anisotrop.U[2][2] 
_atom_site_anisotrop.U[3][3] 
_atom_site_anisotrop.U[1][2] 
_atom_site_anisotrop.U[1][3] 
_atom_site_anisotrop.U[2][3] 
_atom_site_anisotrop.pdbx_auth_seq_id 
_atom_site_anisotrop.pdbx_auth_comp_id 
_atom_site_anisotrop.pdbx_auth_asym_id 
_atom_site_anisotrop.pdbx_auth_atom_id 
1   N N   . GLU A 1  ? 0.9646 0.7402 0.5788 -0.0379 0.1226  0.1060  32  GLU A N   
2   C CA  . GLU A 1  ? 0.8002 0.5555 0.4353 -0.0258 0.0998  0.1220  32  GLU A CA  
3   C C   . GLU A 1  ? 0.7832 0.5626 0.4822 -0.0212 0.0870  0.1001  32  GLU A C   
4   O O   . GLU A 1  ? 0.6549 0.4246 0.3885 -0.0237 0.0907  0.1023  32  GLU A O   
5   C CB  . GLU A 1  ? 0.8375 0.5499 0.4624 -0.0346 0.1156  0.1457  32  GLU A CB  
6   N N   . ASN A 2  ? 0.8182 0.6208 0.5240 -0.0156 0.0703  0.0796  33  ASN A N   
7   C CA  . ASN A 2  ? 0.7770 0.5959 0.5327 -0.0128 0.0571  0.0589  33  ASN A CA  
8   C C   . ASN A 2  ? 0.5908 0.4078 0.3848 -0.0083 0.0456  0.0703  33  ASN A C   
9   O O   . ASN A 2  ? 0.5530 0.3739 0.3850 -0.0116 0.0531  0.0603  33  ASN A O   
10  C CB  . ASN A 2  ? 0.9134 0.7371 0.6531 -0.0096 0.0324  0.0438  33  ASN A CB  
11  C CG  . ASN A 2  ? 1.1483 0.9688 0.8423 -0.0096 0.0437  0.0256  33  ASN A CG  
12  O OD1 . ASN A 2  ? 1.1991 1.0131 0.8404 -0.0108 0.0401  0.0355  33  ASN A OD1 
13  N ND2 . ASN A 2  ? 1.1877 1.0151 0.8991 -0.0044 0.0570  -0.0018 33  ASN A ND2 
14  N N   . SER A 3  ? 0.5791 0.3955 0.3620 0.0014  0.0279  0.0906  34  SER A N   
15  C CA  . SER A 3  ? 0.5454 0.3687 0.3638 0.0102  0.0182  0.0981  34  SER A CA  
16  C C   . SER A 3  ? 0.5440 0.3384 0.3699 0.0113  0.0376  0.1035  34  SER A C   
17  O O   . SER A 3  ? 0.5248 0.3218 0.3824 0.0144  0.0354  0.0984  34  SER A O   
18  C CB  . SER A 3  ? 0.5892 0.4332 0.3992 0.0249  -0.0031 0.1184  34  SER A CB  
19  O OG  . SER A 3  ? 0.6261 0.4452 0.4099 0.0422  0.0045  0.1403  34  SER A OG  
20  N N   . LEU A 4  ? 0.5533 0.3161 0.3439 0.0053  0.0557  0.1138  35  LEU A N   
21  C CA  . LEU A 4  ? 0.5859 0.3113 0.3760 -0.0048 0.0744  0.1170  35  LEU A CA  
22  C C   . LEU A 4  ? 0.5071 0.2553 0.3389 -0.0246 0.0854  0.0928  35  LEU A C   
23  O O   . LEU A 4  ? 0.4989 0.2359 0.3540 -0.0299 0.0871  0.0868  35  LEU A O   
24  C CB  . LEU A 4  ? 0.5990 0.2829 0.3357 -0.0148 0.0918  0.1365  35  LEU A CB  
25  C CG  . LEU A 4  ? 0.8035 0.4598 0.5178 0.0037  0.0794  0.1544  35  LEU A CG  
26  C CD1 . LEU A 4  ? 0.8010 0.4814 0.5267 0.0357  0.0550  0.1602  35  LEU A CD1 
27  C CD2 . LEU A 4  ? 0.7100 0.3493 0.3766 -0.0040 0.0865  0.1711  35  LEU A CD2 
28  N N   . GLU A 5  ? 0.4787 0.2603 0.3179 -0.0321 0.0910  0.0774  36  GLU A N   
29  C CA  . GLU A 5  ? 0.4469 0.2610 0.3298 -0.0426 0.0990  0.0540  36  GLU A CA  
30  C C   . GLU A 5  ? 0.4747 0.3031 0.3957 -0.0306 0.0774  0.0418  36  GLU A C   
31  O O   . GLU A 5  ? 0.4032 0.2436 0.3588 -0.0367 0.0781  0.0305  36  GLU A O   
32  C CB  . GLU A 5  ? 0.4562 0.3022 0.3337 -0.0429 0.1097  0.0384  36  GLU A CB  
33  C CG  . GLU A 5  ? 0.5726 0.4620 0.4958 -0.0478 0.1211  0.0152  36  GLU A CG  
34  C CD  . GLU A 5  ? 0.6518 0.5711 0.5695 -0.0334 0.1262  -0.0058 36  GLU A CD  
35  O OE1 . GLU A 5  ? 0.6381 0.6032 0.5886 -0.0324 0.1414  -0.0241 36  GLU A OE1 
36  O OE2 . GLU A 5  ? 0.7230 0.6210 0.6023 -0.0215 0.1139  -0.0056 36  GLU A OE2 
37  N N   . ILE A 6  ? 0.4095 0.2388 0.3212 -0.0168 0.0571  0.0454  37  ILE A N   
38  C CA  . ILE A 6  ? 0.4278 0.2681 0.3677 -0.0100 0.0372  0.0384  37  ILE A CA  
39  C C   . ILE A 6  ? 0.4038 0.2348 0.3595 -0.0085 0.0364  0.0454  37  ILE A C   
40  O O   . ILE A 6  ? 0.3841 0.2249 0.3671 -0.0093 0.0298  0.0348  37  ILE A O   
41  C CB  . ILE A 6  ? 0.4724 0.3171 0.3969 -0.0043 0.0157  0.0463  37  ILE A CB  
42  C CG1 . ILE A 6  ? 0.5303 0.3736 0.4305 -0.0064 0.0119  0.0342  37  ILE A CG1 
43  C CG2 . ILE A 6  ? 0.4181 0.2726 0.3675 -0.0037 -0.0025 0.0449  37  ILE A CG2 
44  C CD1 . ILE A 6  ? 0.5432 0.3880 0.4589 -0.0036 0.0154  0.0095  37  ILE A CD1 
45  N N   . GLU A 7  ? 0.4322 0.2404 0.3647 -0.0028 0.0413  0.0625  38  GLU A N   
46  C CA  . GLU A 7  ? 0.4628 0.2528 0.3998 0.0037  0.0415  0.0657  38  GLU A CA  
47  C C   . GLU A 7  ? 0.4534 0.2292 0.4034 -0.0143 0.0528  0.0521  38  GLU A C   
48  O O   . GLU A 7  ? 0.4364 0.2124 0.4025 -0.0143 0.0470  0.0430  38  GLU A O   
49  C CB  . GLU A 7  ? 0.5807 0.3392 0.4834 0.0206  0.0446  0.0856  38  GLU A CB  
50  C CG  . GLU A 7  ? 0.7119 0.4521 0.6138 0.0372  0.0429  0.0859  38  GLU A CG  
51  C CD  . GLU A 7  ? 0.8439 0.5535 0.7146 0.0550  0.0446  0.0966  38  GLU A CD  
52  O OE1 . GLU A 7  ? 0.9333 0.6504 0.7870 0.0673  0.0405  0.1122  38  GLU A OE1 
53  O OE2 . GLU A 7  ? 0.8501 0.5273 0.7113 0.0569  0.0479  0.0880  38  GLU A OE2 
54  N N   . GLU A 8  ? 0.4585 0.2282 0.4009 -0.0326 0.0688  0.0508  39  GLU A N   
55  C CA  . GLU A 8  ? 0.4807 0.2518 0.4419 -0.0570 0.0791  0.0384  39  GLU A CA  
56  C C   . GLU A 8  ? 0.4384 0.2575 0.4452 -0.0565 0.0680  0.0183  39  GLU A C   
57  O O   . GLU A 8  ? 0.4135 0.2354 0.4391 -0.0668 0.0632  0.0079  39  GLU A O   
58  C CB  . GLU A 8  ? 0.5265 0.3020 0.4768 -0.0800 0.1007  0.0422  39  GLU A CB  
59  C CG  . GLU A 8  ? 0.7290 0.4902 0.6836 -0.1145 0.1139  0.0393  39  GLU A CG  
60  C CD  . GLU A 8  ? 0.9781 0.6674 0.8850 -0.1173 0.1133  0.0556  39  GLU A CD  
61  O OE1 . GLU A 8  ? 1.0055 0.6674 0.8896 -0.0856 0.0996  0.0642  39  GLU A OE1 
62  O OE2 . GLU A 8  ? 1.0787 0.7551 0.9770 -0.1456 0.1209  0.0580  39  GLU A OE2 
63  N N   . LEU A 9  ? 0.4285 0.2785 0.4469 -0.0433 0.0612  0.0128  40  LEU A N   
64  C CA  . LEU A 9  ? 0.3763 0.2631 0.4313 -0.0370 0.0491  -0.0046 40  LEU A CA  
65  C C   . LEU A 9  ? 0.3449 0.2224 0.4043 -0.0266 0.0286  -0.0032 40  LEU A C   
66  O O   . LEU A 9  ? 0.3334 0.2302 0.4177 -0.0262 0.0182  -0.0145 40  LEU A O   
67  C CB  . LEU A 9  ? 0.3699 0.2741 0.4238 -0.0230 0.0468  -0.0122 40  LEU A CB  
68  C CG  . LEU A 9  ? 0.3901 0.3189 0.4430 -0.0296 0.0696  -0.0191 40  LEU A CG  
69  C CD1 . LEU A 9  ? 0.3816 0.3120 0.4179 -0.0105 0.0648  -0.0286 40  LEU A CD1 
70  C CD2 . LEU A 9  ? 0.4365 0.4144 0.5326 -0.0403 0.0800  -0.0337 40  LEU A CD2 
71  N N   . ALA A 10 ? 0.3592 0.2140 0.3941 -0.0179 0.0234  0.0117  41  ALA A N   
72  C CA  . ALA A 10 ? 0.4042 0.2574 0.4397 -0.0096 0.0087  0.0155  41  ALA A CA  
73  C C   . ALA A 10 ? 0.4262 0.2647 0.4605 -0.0151 0.0120  0.0100  41  ALA A C   
74  O O   . ALA A 10 ? 0.3460 0.1936 0.3899 -0.0142 0.0003  0.0028  41  ALA A O   
75  C CB  . ALA A 10 ? 0.3950 0.2444 0.4107 0.0005  0.0051  0.0328  41  ALA A CB  
76  N N   . ARG A 11 ? 0.4100 0.2182 0.4251 -0.0219 0.0264  0.0133  42  ARG A N   
77  C CA  . ARG A 11 ? 0.4522 0.2316 0.4572 -0.0321 0.0288  0.0048  42  ARG A CA  
78  C C   . ARG A 11 ? 0.4658 0.2738 0.5024 -0.0531 0.0236  -0.0128 42  ARG A C   
79  O O   . ARG A 11 ? 0.4073 0.2106 0.4437 -0.0592 0.0141  -0.0238 42  ARG A O   
80  C CB  . ARG A 11 ? 0.5188 0.2462 0.4904 -0.0399 0.0442  0.0128  42  ARG A CB  
81  C CG  . ARG A 11 ? 0.5431 0.2393 0.4807 -0.0117 0.0458  0.0283  42  ARG A CG  
82  C CD  . ARG A 11 ? 0.5896 0.2475 0.4956 -0.0141 0.0533  0.0374  42  ARG A CD  
83  N NE  . ARG A 11 ? 0.6783 0.3258 0.5606 0.0196  0.0509  0.0503  42  ARG A NE  
84  C CZ  . ARG A 11 ? 0.6964 0.3252 0.5618 0.0420  0.0480  0.0457  42  ARG A CZ  
85  N NH1 . ARG A 11 ? 0.7252 0.3357 0.5884 0.0325  0.0456  0.0282  42  ARG A NH1 
86  N NH2 . ARG A 11 ? 0.7221 0.3532 0.5713 0.0753  0.0473  0.0575  42  ARG A NH2 
87  N N   . PHE A 12 ? 0.3856 0.2282 0.4479 -0.0629 0.0301  -0.0161 43  PHE A N   
88  C CA  . PHE A 12 ? 0.4059 0.2953 0.5077 -0.0782 0.0258  -0.0323 43  PHE A CA  
89  C C   . PHE A 12 ? 0.2916 0.2085 0.4126 -0.0596 0.0028  -0.0396 43  PHE A C   
90  O O   . PHE A 12 ? 0.3301 0.2714 0.4714 -0.0684 -0.0099 -0.0519 43  PHE A O   
91  C CB  . PHE A 12 ? 0.3591 0.2891 0.4836 -0.0824 0.0405  -0.0343 43  PHE A CB  
92  C CG  . PHE A 12 ? 0.3625 0.3609 0.5368 -0.0828 0.0337  -0.0512 43  PHE A CG  
93  C CD1 . PHE A 12 ? 0.4259 0.4605 0.6287 -0.1132 0.0378  -0.0607 43  PHE A CD1 
94  C CD2 . PHE A 12 ? 0.3202 0.3461 0.5117 -0.0524 0.0212  -0.0574 43  PHE A CD2 
95  C CE1 . PHE A 12 ? 0.3993 0.5130 0.6554 -0.1099 0.0299  -0.0761 43  PHE A CE1 
96  C CE2 . PHE A 12 ? 0.3379 0.4275 0.5747 -0.0435 0.0133  -0.0730 43  PHE A CE2 
97  C CZ  . PHE A 12 ? 0.3648 0.5071 0.6384 -0.0705 0.0178  -0.0823 43  PHE A CZ  
98  N N   . ALA A 13 ? 0.3113 0.2234 0.4233 -0.0370 -0.0043 -0.0310 44  ALA A N   
99  C CA  . ALA A 13 ? 0.2830 0.2064 0.4015 -0.0211 -0.0265 -0.0325 44  ALA A CA  
100 C C   . ALA A 13 ? 0.2907 0.1995 0.3928 -0.0243 -0.0371 -0.0327 44  ALA A C   
101 O O   . ALA A 13 ? 0.3242 0.2530 0.4384 -0.0226 -0.0546 -0.0409 44  ALA A O   
102 C CB  . ALA A 13 ? 0.2965 0.2028 0.3966 -0.0061 -0.0317 -0.0196 44  ALA A CB  
103 N N   . VAL A 14 ? 0.2929 0.1682 0.3639 -0.0248 -0.0272 -0.0243 45  VAL A N   
104 C CA  . VAL A 14 ? 0.3909 0.2484 0.4375 -0.0240 -0.0332 -0.0276 45  VAL A CA  
105 C C   . VAL A 14 ? 0.3977 0.2546 0.4504 -0.0441 -0.0378 -0.0460 45  VAL A C   
106 O O   . VAL A 14 ? 0.3792 0.2470 0.4289 -0.0451 -0.0548 -0.0548 45  VAL A O   
107 C CB  . VAL A 14 ? 0.3986 0.2223 0.4108 -0.0132 -0.0189 -0.0174 45  VAL A CB  
108 C CG1 . VAL A 14 ? 0.3856 0.1835 0.3657 -0.0102 -0.0206 -0.0273 45  VAL A CG1 
109 C CG2 . VAL A 14 ? 0.3834 0.2245 0.3934 0.0023  -0.0199 0.0011  45  VAL A CG2 
110 N N   . ASP A 15 ? 0.3718 0.2171 0.4305 -0.0639 -0.0240 -0.0508 46  ASP A N   
111 C CA  . ASP A 15 ? 0.3714 0.2192 0.4384 -0.0937 -0.0286 -0.0678 46  ASP A CA  
112 C C   . ASP A 15 ? 0.3482 0.2634 0.4608 -0.0986 -0.0478 -0.0789 46  ASP A C   
113 O O   . ASP A 15 ? 0.3892 0.3154 0.5029 -0.1136 -0.0649 -0.0930 46  ASP A O   
114 C CB  . ASP A 15 ? 0.4317 0.2627 0.5010 -0.1206 -0.0086 -0.0657 46  ASP A CB  
115 C CG  . ASP A 15 ? 0.6050 0.3567 0.6211 -0.1164 0.0064  -0.0559 46  ASP A CG  
116 O OD1 . ASP A 15 ? 0.6307 0.3449 0.6109 -0.0943 0.0015  -0.0563 46  ASP A OD1 
117 O OD2 . ASP A 15 ? 0.6244 0.3526 0.6322 -0.1331 0.0235  -0.0471 46  ASP A OD2 
118 N N   . GLU A 16 ? 0.3638 0.3231 0.5113 -0.0837 -0.0467 -0.0739 47  GLU A N   
119 C CA  . GLU A 16 ? 0.3949 0.4201 0.5871 -0.0779 -0.0652 -0.0839 47  GLU A CA  
120 C C   . GLU A 16 ? 0.3198 0.3411 0.4957 -0.0568 -0.0916 -0.0823 47  GLU A C   
121 O O   . GLU A 16 ? 0.3794 0.4404 0.5751 -0.0588 -0.1139 -0.0927 47  GLU A O   
122 C CB  . GLU A 16 ? 0.3816 0.4430 0.6048 -0.0588 -0.0561 -0.0811 47  GLU A CB  
123 C CG  . GLU A 16 ? 0.4886 0.6249 0.7625 -0.0466 -0.0718 -0.0934 47  GLU A CG  
124 C CD  . GLU A 16 ? 0.6379 0.8309 0.9490 -0.0810 -0.0724 -0.1072 47  GLU A CD  
125 O OE1 . GLU A 16 ? 0.6431 0.8392 0.9597 -0.1122 -0.0479 -0.1073 47  GLU A OE1 
126 O OE2 . GLU A 16 ? 0.7177 0.9519 1.0496 -0.0800 -0.0988 -0.1166 47  GLU A OE2 
127 N N   . HIS A 17 ? 0.3352 0.3132 0.4741 -0.0388 -0.0901 -0.0676 48  HIS A N   
128 C CA  . HIS A 17 ? 0.3650 0.3357 0.4803 -0.0234 -0.1120 -0.0616 48  HIS A CA  
129 C C   . HIS A 17 ? 0.3680 0.3285 0.4577 -0.0388 -0.1212 -0.0731 48  HIS A C   
130 O O   . HIS A 17 ? 0.4099 0.3925 0.4985 -0.0360 -0.1462 -0.0788 48  HIS A O   
131 C CB  . HIS A 17 ? 0.4088 0.3429 0.4905 -0.0097 -0.1044 -0.0417 48  HIS A CB  
132 C CG  . HIS A 17 ? 0.4327 0.3537 0.4778 -0.0030 -0.1188 -0.0328 48  HIS A CG  
133 N ND1 . HIS A 17 ? 0.4429 0.3705 0.4839 0.0098  -0.1425 -0.0242 48  HIS A ND1 
134 C CD2 . HIS A 17 ? 0.4593 0.3597 0.4647 -0.0054 -0.1118 -0.0305 48  HIS A CD2 
135 C CE1 . HIS A 17 ? 0.4889 0.4022 0.4883 0.0099  -0.1487 -0.0144 48  HIS A CE1 
136 N NE2 . HIS A 17 ? 0.5028 0.4045 0.4818 0.0019  -0.1291 -0.0197 48  HIS A NE2 
137 N N   . ASN A 18 ? 0.3556 0.2766 0.4185 -0.0530 -0.1028 -0.0774 49  ASN A N   
138 C CA  . ASN A 18 ? 0.4036 0.2987 0.4313 -0.0679 -0.1098 -0.0929 49  ASN A CA  
139 C C   . ASN A 18 ? 0.4248 0.3594 0.4820 -0.0935 -0.1298 -0.1119 49  ASN A C   
140 O O   . ASN A 18 ? 0.4541 0.3930 0.4899 -0.0986 -0.1520 -0.1234 49  ASN A O   
141 C CB  . ASN A 18 ? 0.4744 0.3092 0.4676 -0.0764 -0.0865 -0.0962 49  ASN A CB  
142 C CG  . ASN A 18 ? 0.4942 0.2985 0.4515 -0.0483 -0.0710 -0.0811 49  ASN A CG  
143 O OD1 . ASN A 18 ? 0.4509 0.2753 0.4008 -0.0301 -0.0778 -0.0693 49  ASN A OD1 
144 N ND2 . ASN A 18 ? 0.5128 0.2700 0.4467 -0.0453 -0.0506 -0.0795 49  ASN A ND2 
145 N N   . LYS A 19 ? 0.4587 0.4291 0.5644 -0.1115 -0.1219 -0.1155 50  LYS A N   
146 C CA  . LYS A 19 ? 0.4728 0.4988 0.6167 -0.1409 -0.1395 -0.1328 50  LYS A CA  
147 C C   . LYS A 19 ? 0.5017 0.5942 0.6767 -0.1185 -0.1694 -0.1332 50  LYS A C   
148 O O   . LYS A 19 ? 0.5208 0.6475 0.7014 -0.1329 -0.1963 -0.1470 50  LYS A O   
149 C CB  . LYS A 19 ? 0.5331 0.5991 0.7273 -0.1643 -0.1202 -0.1334 50  LYS A CB  
150 C CG  . LYS A 19 ? 0.6164 0.6243 0.7832 -0.2032 -0.0988 -0.1364 50  LYS A CG  
151 C CD  . LYS A 19 ? 0.7130 0.7780 0.9304 -0.2351 -0.0837 -0.1350 50  LYS A CD  
152 C CE  . LYS A 19 ? 0.7118 0.8388 0.9776 -0.2058 -0.0700 -0.1263 50  LYS A CE  
153 N NZ  . LYS A 19 ? 0.7143 0.8695 1.0065 -0.2340 -0.0415 -0.1212 50  LYS A NZ  
154 N N   . LYS A 20 ? 0.4562 0.5625 0.6474 -0.0828 -0.1669 -0.1180 51  LYS A N   
155 C CA  . LYS A 20 ? 0.4788 0.6370 0.6962 -0.0539 -0.1953 -0.1154 51  LYS A CA  
156 C C   . LYS A 20 ? 0.4332 0.5625 0.6000 -0.0398 -0.2212 -0.1095 51  LYS A C   
157 O O   . LYS A 20 ? 0.4356 0.6094 0.6148 -0.0311 -0.2532 -0.1141 51  LYS A O   
158 C CB  . LYS A 20 ? 0.4954 0.6558 0.7320 -0.0200 -0.1851 -0.1023 51  LYS A CB  
159 C CG  . LYS A 20 ? 0.5715 0.7712 0.8293 0.0170  -0.2144 -0.0992 51  LYS A CG  
160 C CD  . LYS A 20 ? 0.6484 0.8010 0.8858 0.0499  -0.2088 -0.0828 51  LYS A CD  
161 C CE  . LYS A 20 ? 0.7434 0.8787 0.9554 0.0828  -0.2426 -0.0704 51  LYS A CE  
162 N NZ  . LYS A 20 ? 0.7842 0.8542 0.9629 0.1051  -0.2389 -0.0528 51  LYS A NZ  
163 N N   . GLU A 21 ? 0.4291 0.4908 0.5385 -0.0366 -0.2076 -0.0982 52  GLU A N   
164 C CA  . GLU A 21 ? 0.4627 0.5001 0.5191 -0.0233 -0.2270 -0.0889 52  GLU A CA  
165 C C   . GLU A 21 ? 0.5513 0.5574 0.5560 -0.0438 -0.2271 -0.1032 52  GLU A C   
166 O O   . GLU A 21 ? 0.5371 0.5163 0.4864 -0.0336 -0.2332 -0.0951 52  GLU A O   
167 C CB  . GLU A 21 ? 0.4982 0.4952 0.5252 -0.0014 -0.2155 -0.0630 52  GLU A CB  
168 C CG  . GLU A 21 ? 0.5475 0.5588 0.6105 0.0215  -0.2215 -0.0512 52  GLU A CG  
169 C CD  . GLU A 21 ? 0.6185 0.5845 0.6440 0.0365  -0.2205 -0.0248 52  GLU A CD  
170 O OE1 . GLU A 21 ? 0.6324 0.5698 0.6098 0.0287  -0.2134 -0.0129 52  GLU A OE1 
171 O OE2 . GLU A 21 ? 0.6725 0.6322 0.7150 0.0551  -0.2268 -0.0166 52  GLU A OE2 
172 N N   . ASN A 22 ? 0.5048 0.5111 0.5223 -0.0738 -0.2201 -0.1247 53  ASN A N   
173 C CA  . ASN A 22 ? 0.5699 0.5293 0.5306 -0.0936 -0.2192 -0.1431 53  ASN A CA  
174 C C   . ASN A 22 ? 0.5576 0.4558 0.4585 -0.0738 -0.1943 -0.1325 53  ASN A C   
175 O O   . ASN A 22 ? 0.6424 0.5167 0.4841 -0.0671 -0.2011 -0.1378 53  ASN A O   
176 C CB  . ASN A 22 ? 0.6555 0.6407 0.5933 -0.1009 -0.2569 -0.1569 53  ASN A CB  
177 C CG  . ASN A 22 ? 0.8285 0.7674 0.7106 -0.1267 -0.2551 -0.1818 53  ASN A CG  
178 O OD1 . ASN A 22 ? 0.8261 0.7339 0.7124 -0.1524 -0.2363 -0.1951 53  ASN A OD1 
179 N ND2 . ASN A 22 ? 0.9189 0.8496 0.7444 -0.1184 -0.2704 -0.1863 53  ASN A ND2 
180 N N   . ALA A 23 ? 0.5180 0.3993 0.4357 -0.0636 -0.1658 -0.1178 54  ALA A N   
181 C CA  . ALA A 23 ? 0.5321 0.3754 0.4080 -0.0427 -0.1414 -0.1051 54  ALA A CA  
182 C C   . ALA A 23 ? 0.5788 0.3733 0.4424 -0.0476 -0.1153 -0.1136 54  ALA A C   
183 O O   . ALA A 23 ? 0.5542 0.3378 0.4390 -0.0720 -0.1151 -0.1263 54  ALA A O   
184 C CB  . ALA A 23 ? 0.5117 0.3786 0.4110 -0.0237 -0.1350 -0.0766 54  ALA A CB  
185 N N   . LEU A 24 ? 0.6196 0.3870 0.4477 -0.0242 -0.0938 -0.1049 55  LEU A N   
186 C CA  . LEU A 24 ? 0.6077 0.3214 0.4141 -0.0187 -0.0710 -0.1112 55  LEU A CA  
187 C C   . LEU A 24 ? 0.5683 0.2927 0.3786 0.0102  -0.0483 -0.0882 55  LEU A C   
188 O O   . LEU A 24 ? 0.5882 0.2795 0.3602 0.0337  -0.0307 -0.0914 55  LEU A O   
189 C CB  . LEU A 24 ? 0.7184 0.3742 0.4575 -0.0155 -0.0714 -0.1372 55  LEU A CB  
190 C CG  . LEU A 24 ? 0.9114 0.5001 0.6305 -0.0429 -0.0743 -0.1608 55  LEU A CG  
191 C CD1 . LEU A 24 ? 0.9096 0.5251 0.6907 -0.0775 -0.0799 -0.1544 55  LEU A CD1 
192 C CD2 . LEU A 24 ? 1.0403 0.6024 0.7112 -0.0591 -0.0947 -0.1896 55  LEU A CD2 
193 N N   . LEU A 25 ? 0.5141 0.2854 0.3693 0.0096  -0.0503 -0.0662 56  LEU A N   
194 C CA  . LEU A 25 ? 0.4795 0.2683 0.3458 0.0284  -0.0329 -0.0439 56  LEU A CA  
195 C C   . LEU A 25 ? 0.5355 0.2857 0.3997 0.0343  -0.0163 -0.0460 56  LEU A C   
196 O O   . LEU A 25 ? 0.5634 0.2832 0.4355 0.0141  -0.0189 -0.0573 56  LEU A O   
197 C CB  . LEU A 25 ? 0.4481 0.2776 0.3577 0.0199  -0.0419 -0.0246 56  LEU A CB  
198 C CG  . LEU A 25 ? 0.4341 0.2910 0.3445 0.0149  -0.0616 -0.0167 56  LEU A CG  
199 C CD1 . LEU A 25 ? 0.3801 0.2567 0.3222 0.0112  -0.0678 0.0024  56  LEU A CD1 
200 C CD2 . LEU A 25 ? 0.5231 0.3901 0.3924 0.0259  -0.0571 -0.0097 56  LEU A CD2 
201 N N   . GLU A 26 ? 0.5189 0.2722 0.3699 0.0615  0.0006  -0.0342 57  GLU A N   
202 C CA  . GLU A 26 ? 0.5605 0.2712 0.3998 0.0753  0.0146  -0.0332 57  GLU A CA  
203 C C   . GLU A 26 ? 0.5746 0.3255 0.4498 0.0793  0.0189  -0.0089 57  GLU A C   
204 O O   . GLU A 26 ? 0.5196 0.3193 0.4032 0.0966  0.0235  0.0066  57  GLU A O   
205 C CB  . GLU A 26 ? 0.6849 0.3694 0.4772 0.1129  0.0284  -0.0405 57  GLU A CB  
206 C CG  . GLU A 26 ? 0.8830 0.5340 0.6614 0.1425  0.0424  -0.0322 57  GLU A CG  
207 C CD  . GLU A 26 ? 1.0667 0.6980 0.7989 0.1904  0.0563  -0.0415 57  GLU A CD  
208 O OE1 . GLU A 26 ? 1.1531 0.7973 0.8615 0.1973  0.0574  -0.0560 57  GLU A OE1 
209 O OE2 . GLU A 26 ? 1.0430 0.6628 0.7688 0.2155  0.0636  -0.0324 57  GLU A OE2 
210 N N   . PHE A 27 ? 0.5668 0.3022 0.4617 0.0605  0.0175  -0.0058 58  PHE A N   
211 C CA  . PHE A 27 ? 0.5166 0.2836 0.4372 0.0627  0.0197  0.0141  58  PHE A CA  
212 C C   . PHE A 27 ? 0.4913 0.2638 0.3969 0.0961  0.0304  0.0281  58  PHE A C   
213 O O   . PHE A 27 ? 0.5334 0.2546 0.4049 0.1170  0.0394  0.0230  58  PHE A O   
214 C CB  . PHE A 27 ? 0.5084 0.2510 0.4398 0.0412  0.0214  0.0132  58  PHE A CB  
215 C CG  . PHE A 27 ? 0.4465 0.2143 0.3932 0.0442  0.0231  0.0308  58  PHE A CG  
216 C CD1 . PHE A 27 ? 0.4240 0.2364 0.3993 0.0335  0.0131  0.0356  58  PHE A CD1 
217 C CD2 . PHE A 27 ? 0.5447 0.2843 0.4701 0.0582  0.0323  0.0423  58  PHE A CD2 
218 C CE1 . PHE A 27 ? 0.4274 0.2575 0.4094 0.0337  0.0122  0.0483  58  PHE A CE1 
219 C CE2 . PHE A 27 ? 0.5845 0.3491 0.5189 0.0599  0.0310  0.0578  58  PHE A CE2 
220 C CZ  . PHE A 27 ? 0.4784 0.2892 0.4411 0.0458  0.0210  0.0591  58  PHE A CZ  
221 N N   . VAL A 28 ? 0.4325 0.2668 0.3618 0.1015  0.0277  0.0458  59  VAL A N   
222 C CA  . VAL A 28 ? 0.4531 0.3142 0.3797 0.1324  0.0346  0.0615  59  VAL A CA  
223 C C   . VAL A 28 ? 0.4627 0.3330 0.4036 0.1242  0.0294  0.0762  59  VAL A C   
224 O O   . VAL A 28 ? 0.4937 0.3316 0.4150 0.1434  0.0343  0.0823  59  VAL A O   
225 C CB  . VAL A 28 ? 0.4461 0.3851 0.3887 0.1430  0.0359  0.0723  59  VAL A CB  
226 C CG1 . VAL A 28 ? 0.4554 0.4452 0.4080 0.1734  0.0405  0.0901  59  VAL A CG1 
227 C CG2 . VAL A 28 ? 0.5221 0.4504 0.4389 0.1585  0.0446  0.0574  59  VAL A CG2 
228 N N   . ARG A 29 ? 0.4127 0.3189 0.3799 0.0968  0.0183  0.0816  60  ARG A N   
229 C CA  . ARG A 29 ? 0.3755 0.2924 0.3502 0.0881  0.0117  0.0927  60  ARG A CA  
230 C C   . ARG A 29 ? 0.3650 0.2986 0.3581 0.0569  -0.0013 0.0908  60  ARG A C   
231 O O   . ARG A 29 ? 0.3281 0.2770 0.3315 0.0443  -0.0076 0.0877  60  ARG A O   
232 C CB  . ARG A 29 ? 0.3881 0.3581 0.3687 0.1104  0.0094  0.1115  60  ARG A CB  
233 C CG  . ARG A 29 ? 0.4079 0.4505 0.4140 0.1010  0.0030  0.1205  60  ARG A CG  
234 C CD  . ARG A 29 ? 0.4789 0.5905 0.4997 0.1180  -0.0014 0.1396  60  ARG A CD  
235 N NE  . ARG A 29 ? 0.5098 0.7007 0.5574 0.1033  -0.0050 0.1504  60  ARG A NE  
236 C CZ  . ARG A 29 ? 0.5692 0.8353 0.6412 0.0904  -0.0170 0.1675  60  ARG A CZ  
237 N NH1 . ARG A 29 ? 0.5285 0.7980 0.5985 0.0953  -0.0285 0.1741  60  ARG A NH1 
238 N NH2 . ARG A 29 ? 0.5541 0.8929 0.6495 0.0692  -0.0185 0.1791  60  ARG A NH2 
239 N N   . VAL A 30 ? 0.3640 0.2877 0.3539 0.0467  -0.0056 0.0924  61  VAL A N   
240 C CA  . VAL A 30 ? 0.4087 0.3404 0.4071 0.0230  -0.0192 0.0890  61  VAL A CA  
241 C C   . VAL A 30 ? 0.4042 0.3832 0.4085 0.0164  -0.0327 0.1051  61  VAL A C   
242 O O   . VAL A 30 ? 0.4675 0.4721 0.4688 0.0308  -0.0320 0.1176  61  VAL A O   
243 C CB  . VAL A 30 ? 0.5273 0.4302 0.5132 0.0163  -0.0165 0.0808  61  VAL A CB  
244 C CG1 . VAL A 30 ? 0.5109 0.4052 0.5016 -0.0003 -0.0272 0.0679  61  VAL A CG1 
245 C CG2 . VAL A 30 ? 0.6423 0.5104 0.6202 0.0216  0.0006  0.0726  61  VAL A CG2 
246 N N   . VAL A 31 ? 0.3144 0.3041 0.3255 -0.0066 -0.0469 0.1061  62  VAL A N   
247 C CA  . VAL A 31 ? 0.4276 0.4635 0.4444 -0.0243 -0.0623 0.1218  62  VAL A CA  
248 C C   . VAL A 31 ? 0.4062 0.4141 0.4068 -0.0511 -0.0812 0.1153  62  VAL A C   
249 O O   . VAL A 31 ? 0.3728 0.4097 0.3702 -0.0669 -0.0957 0.1243  62  VAL A O   
250 C CB  . VAL A 31 ? 0.4846 0.5668 0.5174 -0.0350 -0.0637 0.1354  62  VAL A CB  
251 C CG1 . VAL A 31 ? 0.5570 0.6667 0.5984 -0.0029 -0.0442 0.1382  62  VAL A CG1 
252 C CG2 . VAL A 31 ? 0.4374 0.4790 0.4615 -0.0542 -0.0706 0.1291  62  VAL A CG2 
253 N N   . LYS A 32 ? 0.3849 0.3003 0.4258 -0.0697 -0.1270 0.0943  63  LYS A N   
254 C CA  . LYS A 32 ? 0.4197 0.3075 0.4345 -0.0828 -0.1490 0.0787  63  LYS A CA  
255 C C   . LYS A 32 ? 0.4775 0.3352 0.4552 -0.0713 -0.1369 0.0562  63  LYS A C   
256 O O   . LYS A 32 ? 0.4225 0.2794 0.4039 -0.0613 -0.1166 0.0517  63  LYS A O   
257 C CB  . LYS A 32 ? 0.4153 0.2883 0.4440 -0.0999 -0.1599 0.0795  63  LYS A CB  
258 C CG  . LYS A 32 ? 0.4704 0.3790 0.5394 -0.1187 -0.1710 0.1007  63  LYS A CG  
259 C CD  . LYS A 32 ? 0.5009 0.3883 0.5665 -0.1283 -0.1731 0.0990  63  LYS A CD  
260 C CE  . LYS A 32 ? 0.5334 0.4632 0.6429 -0.1473 -0.1735 0.1230  63  LYS A CE  
261 N NZ  . LYS A 32 ? 0.5567 0.5250 0.6901 -0.1576 -0.1909 0.1285  63  LYS A NZ  
262 N N   . ALA A 33 ? 0.4442 0.2837 0.3868 -0.0734 -0.1488 0.0403  64  ALA A N   
263 C CA  . ALA A 33 ? 0.4951 0.3159 0.4079 -0.0621 -0.1338 0.0174  64  ALA A CA  
264 C C   . ALA A 33 ? 0.4993 0.2922 0.3743 -0.0640 -0.1491 -0.0077 64  ALA A C   
265 O O   . ALA A 33 ? 0.5903 0.3827 0.4402 -0.0732 -0.1679 -0.0086 64  ALA A O   
266 C CB  . ALA A 33 ? 0.5567 0.3911 0.4555 -0.0547 -0.1118 0.0244  64  ALA A CB  
267 N N   . LYS A 34 ? 0.5273 0.2978 0.3977 -0.0527 -0.1427 -0.0299 65  LYS A N   
268 C CA  . LYS A 34 ? 0.5858 0.3243 0.4170 -0.0467 -0.1506 -0.0611 65  LYS A CA  
269 C C   . LYS A 34 ? 0.6352 0.3903 0.4528 -0.0264 -0.1215 -0.0790 65  LYS A C   
270 O O   . LYS A 34 ? 0.5930 0.3687 0.4431 -0.0160 -0.1047 -0.0753 65  LYS A O   
271 C CB  . LYS A 34 ? 0.6704 0.3783 0.5195 -0.0416 -0.1588 -0.0680 65  LYS A CB  
272 C CG  . LYS A 34 ? 0.7101 0.4173 0.5842 -0.0615 -0.1751 -0.0453 65  LYS A CG  
273 C CD  . LYS A 34 ? 0.8177 0.4837 0.6920 -0.0578 -0.1819 -0.0562 65  LYS A CD  
274 C CE  . LYS A 34 ? 0.8457 0.5074 0.7403 -0.0833 -0.1976 -0.0374 65  LYS A CE  
275 N NZ  . LYS A 34 ? 0.8884 0.4967 0.7735 -0.0839 -0.2055 -0.0526 65  LYS A NZ  
276 N N   . GLU A 35 ? 0.6584 0.4097 0.4275 -0.0221 -0.1162 -0.0994 66  GLU A N   
277 C CA  . GLU A 35 ? 0.7336 0.5120 0.4898 -0.0064 -0.0832 -0.1142 66  GLU A CA  
278 C C   . GLU A 35 ? 0.7698 0.5206 0.4914 0.0133  -0.0827 -0.1555 66  GLU A C   
279 O O   . GLU A 35 ? 0.8507 0.5715 0.5198 0.0078  -0.0993 -0.1727 66  GLU A O   
280 C CB  . GLU A 35 ? 0.8211 0.6231 0.5411 -0.0181 -0.0695 -0.0963 66  GLU A CB  
281 C CG  . GLU A 35 ? 0.9181 0.7493 0.6141 -0.0092 -0.0321 -0.1082 66  GLU A CG  
282 C CD  . GLU A 35 ? 1.0334 0.8773 0.6880 -0.0235 -0.0198 -0.0805 66  GLU A CD  
283 O OE1 . GLU A 35 ? 1.0864 0.9552 0.7154 -0.0223 0.0144  -0.0832 66  GLU A OE1 
284 O OE2 . GLU A 35 ? 1.0150 0.8461 0.6647 -0.0348 -0.0436 -0.0533 66  GLU A OE2 
285 N N   . GLN A 36 ? 0.6947 0.4559 0.4461 0.0384  -0.0660 -0.1736 67  GLN A N   
286 C CA  . GLN A 36 ? 0.8384 0.5646 0.5661 0.0656  -0.0665 -0.2145 67  GLN A CA  
287 C C   . GLN A 36 ? 0.7664 0.5428 0.4999 0.0932  -0.0275 -0.2373 67  GLN A C   
288 O O   . GLN A 36 ? 0.6820 0.5120 0.4711 0.1004  -0.0095 -0.2255 67  GLN A O   
289 C CB  . GLN A 36 ? 0.8795 0.5678 0.6503 0.0747  -0.0871 -0.2087 67  GLN A CB  
290 C CG  . GLN A 36 ? 0.9488 0.6103 0.7310 0.0431  -0.1162 -0.1774 67  GLN A CG  
291 C CD  . GLN A 36 ? 1.0369 0.6540 0.8411 0.0474  -0.1321 -0.1720 67  GLN A CD  
292 O OE1 . GLN A 36 ? 1.1084 0.7165 0.9334 0.0761  -0.1265 -0.1791 67  GLN A OE1 
293 N NE2 . GLN A 36 ? 1.0539 0.6456 0.8541 0.0196  -0.1522 -0.1584 67  GLN A NE2 
294 N N   . VAL A 37 ? 0.8264 0.5948 0.5074 0.1045  -0.0131 -0.2679 68  VAL A N   
295 C CA  . VAL A 37 ? 0.8326 0.6535 0.5212 0.1322  0.0284  -0.2913 68  VAL A CA  
296 C C   . VAL A 37 ? 0.8107 0.6289 0.5592 0.1672  0.0279  -0.3038 68  VAL A C   
297 O O   . VAL A 37 ? 0.8824 0.6367 0.6287 0.1745  0.0042  -0.3103 68  VAL A O   
298 C CB  . VAL A 37 ? 0.9888 0.8019 0.6070 0.1310  0.0468  -0.3144 68  VAL A CB  
299 C CG1 . VAL A 37 ? 0.9893 0.8686 0.6170 0.1539  0.0970  -0.3299 68  VAL A CG1 
300 C CG2 . VAL A 37 ? 1.0221 0.8325 0.5765 0.0974  0.0368  -0.2952 68  VAL A CG2 
301 N N   . VAL A 38 ? 0.8023 0.6953 0.6078 0.1865  0.0533  -0.3040 69  VAL A N   
302 C CA  . VAL A 38 ? 0.8651 0.7761 0.7295 0.2254  0.0557  -0.3139 69  VAL A CA  
303 C C   . VAL A 38 ? 0.8509 0.8584 0.7455 0.2399  0.1018  -0.3260 69  VAL A C   
304 O O   . VAL A 38 ? 0.8719 0.8934 0.7172 0.2302  0.1320  -0.3366 69  VAL A O   
305 C CB  . VAL A 38 ? 0.8545 0.7732 0.7808 0.2291  0.0277  -0.2907 69  VAL A CB  
306 C CG1 . VAL A 38 ? 0.9375 0.7597 0.8404 0.2190  -0.0132 -0.2753 69  VAL A CG1 
307 C CG2 . VAL A 38 ? 0.7912 0.7675 0.7411 0.1934  0.0344  -0.2658 69  VAL A CG2 
308 N N   . ALA A 39 ? 0.7856 0.8630 0.7608 0.2603  0.1066  -0.3212 70  ALA A N   
309 C CA  . ALA A 39 ? 0.7591 0.9468 0.7808 0.2571  0.1482  -0.3218 70  ALA A CA  
310 C C   . ALA A 39 ? 0.6853 0.9146 0.7242 0.2128  0.1501  -0.2992 70  ALA A C   
311 O O   . ALA A 39 ? 0.6574 0.9097 0.7526 0.2075  0.1271  -0.2856 70  ALA A O   
312 C CB  . ALA A 39 ? 0.7491 1.0001 0.8552 0.2922  0.1469  -0.3244 70  ALA A CB  
313 N N   . GLY A 40 ? 0.6662 0.8988 0.6514 0.1791  0.1765  -0.2925 71  GLY A N   
314 C CA  . GLY A 40 ? 0.6073 0.8313 0.5863 0.1274  0.1694  -0.2549 71  GLY A CA  
315 C C   . GLY A 40 ? 0.6304 0.7512 0.5469 0.1172  0.1293  -0.2420 71  GLY A C   
316 O O   . GLY A 40 ? 0.6991 0.7613 0.5637 0.1404  0.1161  -0.2651 71  GLY A O   
317 N N   . THR A 41 ? 0.5893 0.6894 0.5133 0.0822  0.1105  -0.2080 72  THR A N   
318 C CA  . THR A 41 ? 0.5843 0.6033 0.4644 0.0710  0.0735  -0.1926 72  THR A CA  
319 C C   . THR A 41 ? 0.5214 0.5238 0.4487 0.0698  0.0412  -0.1773 72  THR A C   
320 O O   . THR A 41 ? 0.4456 0.4927 0.4237 0.0570  0.0464  -0.1646 72  THR A O   
321 C CB  . THR A 41 ? 0.6312 0.6334 0.4648 0.0351  0.0796  -0.1630 72  THR A CB  
322 O OG1 . THR A 41 ? 0.6746 0.7018 0.4610 0.0339  0.1145  -0.1711 72  THR A OG1 
323 C CG2 . THR A 41 ? 0.6559 0.5884 0.4442 0.0291  0.0422  -0.1533 72  THR A CG2 
324 N N   . MET A 42 ? 0.5096 0.4474 0.4165 0.0801  0.0083  -0.1788 73  MET A N   
325 C CA  . MET A 42 ? 0.4747 0.3924 0.4140 0.0776  -0.0202 -0.1599 73  MET A CA  
326 C C   . MET A 42 ? 0.4424 0.3176 0.3532 0.0483  -0.0383 -0.1343 73  MET A C   
327 O O   . MET A 42 ? 0.5698 0.4042 0.4352 0.0425  -0.0484 -0.1389 73  MET A O   
328 C CB  . MET A 42 ? 0.5825 0.4577 0.5269 0.1107  -0.0421 -0.1752 73  MET A CB  
329 C CG  . MET A 42 ? 0.6082 0.4748 0.5868 0.1139  -0.0668 -0.1530 73  MET A CG  
330 S SD  . MET A 42 ? 0.6351 0.5937 0.6782 0.1215  -0.0570 -0.1492 73  MET A SD  
331 C CE  . MET A 42 ? 0.8080 0.8224 0.8747 0.1563  -0.0293 -0.1853 73  MET A CE  
332 N N   . TYR A 43 ? 0.3921 0.2820 0.3303 0.0310  -0.0428 -0.1098 74  TYR A N   
333 C CA  . TYR A 43 ? 0.4317 0.2938 0.3550 0.0085  -0.0567 -0.0846 74  TYR A CA  
334 C C   . TYR A 43 ? 0.4555 0.2983 0.3995 0.0095  -0.0787 -0.0702 74  TYR A C   
335 O O   . TYR A 43 ? 0.4329 0.3006 0.4066 0.0167  -0.0781 -0.0679 74  TYR A O   
336 C CB  . TYR A 43 ? 0.4169 0.3060 0.3478 -0.0113 -0.0378 -0.0677 74  TYR A CB  
337 C CG  . TYR A 43 ? 0.4367 0.3383 0.3387 -0.0177 -0.0142 -0.0713 74  TYR A CG  
338 C CD1 . TYR A 43 ? 0.4060 0.3501 0.3242 -0.0145 0.0129  -0.0867 74  TYR A CD1 
339 C CD2 . TYR A 43 ? 0.4997 0.3773 0.3585 -0.0273 -0.0189 -0.0568 74  TYR A CD2 
340 C CE1 . TYR A 43 ? 0.4765 0.4341 0.3628 -0.0231 0.0398  -0.0855 74  TYR A CE1 
341 C CE2 . TYR A 43 ? 0.5417 0.4288 0.3626 -0.0328 0.0029  -0.0548 74  TYR A CE2 
342 C CZ  . TYR A 43 ? 0.5938 0.5182 0.4259 -0.0319 0.0347  -0.0681 74  TYR A CZ  
343 O OH  . TYR A 43 ? 0.6518 0.5872 0.4417 -0.0401 0.0612  -0.0618 74  TYR A OH  
344 N N   . TYR A 44 ? 0.4278 0.2306 0.3550 0.0004  -0.0989 -0.0601 75  TYR A N   
345 C CA  . TYR A 44 ? 0.4273 0.2134 0.3707 -0.0052 -0.1153 -0.0398 75  TYR A CA  
346 C C   . TYR A 44 ? 0.4153 0.2153 0.3635 -0.0263 -0.1140 -0.0168 75  TYR A C   
347 O O   . TYR A 44 ? 0.4888 0.2785 0.4232 -0.0390 -0.1234 -0.0122 75  TYR A O   
348 C CB  . TYR A 44 ? 0.5067 0.2379 0.4361 -0.0042 -0.1372 -0.0443 75  TYR A CB  
349 C CG  . TYR A 44 ? 0.5462 0.2549 0.4740 0.0251  -0.1391 -0.0657 75  TYR A CG  
350 C CD1 . TYR A 44 ? 0.5104 0.2200 0.4586 0.0427  -0.1443 -0.0546 75  TYR A CD1 
351 C CD2 . TYR A 44 ? 0.5902 0.2808 0.4941 0.0395  -0.1349 -0.0971 75  TYR A CD2 
352 C CE1 . TYR A 44 ? 0.5442 0.2355 0.4964 0.0767  -0.1483 -0.0718 75  TYR A CE1 
353 C CE2 . TYR A 44 ? 0.6720 0.3487 0.5807 0.0727  -0.1329 -0.1171 75  TYR A CE2 
354 C CZ  . TYR A 44 ? 0.6713 0.3486 0.6074 0.0925  -0.1406 -0.1035 75  TYR A CZ  
355 O OH  . TYR A 44 ? 0.7756 0.4455 0.7216 0.1299  -0.1396 -0.1197 75  TYR A OH  
356 N N   . LEU A 45 ? 0.3816 0.2079 0.3496 -0.0274 -0.1039 -0.0044 76  LEU A N   
357 C CA  . LEU A 45 ? 0.3643 0.2067 0.3399 -0.0389 -0.0963 0.0133  76  LEU A CA  
358 C C   . LEU A 45 ? 0.3400 0.1864 0.3307 -0.0446 -0.1015 0.0338  76  LEU A C   
359 O O   . LEU A 45 ? 0.4004 0.2449 0.3928 -0.0392 -0.1043 0.0360  76  LEU A O   
360 C CB  . LEU A 45 ? 0.3351 0.1998 0.3174 -0.0367 -0.0753 0.0065  76  LEU A CB  
361 C CG  . LEU A 45 ? 0.3535 0.2237 0.3252 -0.0357 -0.0624 -0.0096 76  LEU A CG  
362 C CD1 . LEU A 45 ? 0.4067 0.2939 0.3906 -0.0428 -0.0416 -0.0137 76  LEU A CD1 
363 C CD2 . LEU A 45 ? 0.4096 0.2651 0.3563 -0.0406 -0.0653 -0.0020 76  LEU A CD2 
364 N N   . THR A 46 ? 0.3753 0.2333 0.3775 -0.0542 -0.1021 0.0511  77  THR A N   
365 C CA  . THR A 46 ? 0.3563 0.2337 0.3766 -0.0579 -0.0963 0.0704  77  THR A CA  
366 C C   . THR A 46 ? 0.3153 0.2153 0.3459 -0.0506 -0.0782 0.0733  77  THR A C   
367 O O   . THR A 46 ? 0.3532 0.2548 0.3863 -0.0493 -0.0801 0.0763  77  THR A O   
368 C CB  . THR A 46 ? 0.3724 0.2553 0.4098 -0.0744 -0.1100 0.0884  77  THR A CB  
369 O OG1 . THR A 46 ? 0.4137 0.2681 0.4368 -0.0776 -0.1242 0.0795  77  THR A OG1 
370 C CG2 . THR A 46 ? 0.4115 0.3225 0.4691 -0.0793 -0.0970 0.1116  77  THR A CG2 
371 N N   . LEU A 47 ? 0.2652 0.1775 0.2964 -0.0435 -0.0616 0.0716  78  LEU A N   
372 C CA  . LEU A 47 ? 0.2781 0.1967 0.3147 -0.0332 -0.0425 0.0679  78  LEU A CA  
373 C C   . LEU A 47 ? 0.3011 0.2427 0.3441 -0.0264 -0.0261 0.0733  78  LEU A C   
374 O O   . LEU A 47 ? 0.3251 0.2771 0.3588 -0.0313 -0.0278 0.0788  78  LEU A O   
375 C CB  . LEU A 47 ? 0.2975 0.1963 0.3179 -0.0316 -0.0341 0.0450  78  LEU A CB  
376 C CG  . LEU A 47 ? 0.2717 0.1754 0.2792 -0.0336 -0.0354 0.0275  78  LEU A CG  
377 C CD1 . LEU A 47 ? 0.3492 0.2587 0.3491 -0.0287 -0.0194 0.0165  78  LEU A CD1 
378 C CD2 . LEU A 47 ? 0.3473 0.2445 0.3517 -0.0388 -0.0369 0.0083  78  LEU A CD2 
379 N N   . GLU A 48 ? 0.3342 0.2805 0.3887 -0.0124 -0.0089 0.0726  79  GLU A N   
380 C CA  . GLU A 48 ? 0.3686 0.3364 0.4256 0.0000  0.0132  0.0710  79  GLU A CA  
381 C C   . GLU A 48 ? 0.3898 0.3272 0.4208 0.0074  0.0272  0.0413  79  GLU A C   
382 O O   . GLU A 48 ? 0.3597 0.2637 0.3906 0.0095  0.0285  0.0323  79  GLU A O   
383 C CB  . GLU A 48 ? 0.4359 0.4299 0.5303 0.0170  0.0238  0.0876  79  GLU A CB  
384 C CG  . GLU A 48 ? 0.5135 0.5497 0.6445 0.0057  0.0085  0.1157  79  GLU A CG  
385 C CD  . GLU A 48 ? 0.5628 0.6453 0.7417 0.0261  0.0195  0.1320  79  GLU A CD  
386 O OE1 . GLU A 48 ? 0.5488 0.6161 0.7288 0.0544  0.0368  0.1220  79  GLU A OE1 
387 O OE2 . GLU A 48 ? 0.5817 0.7164 0.8011 0.0139  0.0103  0.1544  79  GLU A OE2 
388 N N   . ALA A 49 ? 0.3898 0.3369 0.3948 0.0085  0.0370  0.0268  80  ALA A N   
389 C CA  . ALA A 49 ? 0.4106 0.3305 0.3894 0.0129  0.0493  -0.0072 80  ALA A CA  
390 C C   . ALA A 49 ? 0.4529 0.3953 0.4083 0.0261  0.0700  -0.0169 80  ALA A C   
391 O O   . ALA A 49 ? 0.4111 0.3931 0.3630 0.0251  0.0719  0.0045  80  ALA A O   
392 C CB  . ALA A 49 ? 0.4483 0.3569 0.4071 -0.0057 0.0309  -0.0267 80  ALA A CB  
393 N N   . LYS A 50 ? 0.4754 0.3888 0.4118 0.0375  0.0877  -0.0493 81  LYS A N   
394 C CA  . LYS A 50 ? 0.4913 0.4235 0.3957 0.0532  0.1112  -0.0662 81  LYS A CA  
395 C C   . LYS A 50 ? 0.6043 0.5388 0.4533 0.0385  0.0993  -0.0937 81  LYS A C   
396 O O   . LYS A 50 ? 0.5279 0.4303 0.3651 0.0230  0.0838  -0.1224 81  LYS A O   
397 C CB  . LYS A 50 ? 0.5704 0.4661 0.4796 0.0795  0.1382  -0.0908 81  LYS A CB  
398 C CG  . LYS A 50 ? 0.6156 0.5280 0.5802 0.1039  0.1508  -0.0599 81  LYS A CG  
399 C CD  . LYS A 50 ? 0.7376 0.6066 0.7074 0.1384  0.1773  -0.0837 81  LYS A CD  
400 C CE  . LYS A 50 ? 0.8459 0.7138 0.7668 0.1535  0.2043  -0.1245 81  LYS A CE  
401 N NZ  . LYS A 50 ? 0.9695 0.7844 0.8908 0.1920  0.2330  -0.1549 81  LYS A NZ  
402 N N   . ASP A 51 ? 0.5957 0.5736 0.4120 0.0418  0.1055  -0.0816 82  ASP A N   
403 C CA  . ASP A 51 ? 0.6444 0.6332 0.4000 0.0323  0.0916  -0.1022 82  ASP A CA  
404 C C   . ASP A 51 ? 0.7162 0.7142 0.4202 0.0506  0.1221  -0.1296 82  ASP A C   
405 O O   . ASP A 51 ? 0.7229 0.7627 0.4135 0.0621  0.1449  -0.1046 82  ASP A O   
406 C CB  . ASP A 51 ? 0.7534 0.7790 0.4989 0.0227  0.0725  -0.0608 82  ASP A CB  
407 C CG  . ASP A 51 ? 0.9056 0.9438 0.5915 0.0154  0.0477  -0.0760 82  ASP A CG  
408 O OD1 . ASP A 51 ? 0.9159 0.9431 0.5651 0.0145  0.0460  -0.1223 82  ASP A OD1 
409 O OD2 . ASP A 51 ? 0.9661 1.0237 0.6415 0.0108  0.0275  -0.0415 82  ASP A OD2 
410 N N   . GLY A 52 ? 0.7530 0.7113 0.4270 0.0515  0.1243  -0.1823 83  GLY A N   
411 C CA  . GLY A 52 ? 0.8613 0.8176 0.4804 0.0720  0.1551  -0.2189 83  GLY A CA  
412 C C   . GLY A 52 ? 0.8606 0.8266 0.5177 0.1034  0.1966  -0.2031 83  GLY A C   
413 O O   . GLY A 52 ? 0.8608 0.8651 0.4852 0.1241  0.2292  -0.2045 83  GLY A O   
414 N N   . GLY A 53 ? 0.8357 0.7744 0.5631 0.1082  0.1956  -0.1861 84  GLY A N   
415 C CA  . GLY A 53 ? 0.9446 0.8960 0.7182 0.1421  0.2297  -0.1723 84  GLY A CA  
416 C C   . GLY A 53 ? 0.9262 0.9462 0.7563 0.1420  0.2325  -0.1136 84  GLY A C   
417 O O   . GLY A 53 ? 0.9744 1.0110 0.8633 0.1660  0.2498  -0.0964 84  GLY A O   
418 N N   . LYS A 54 ? 0.8339 0.8930 0.6486 0.1153  0.2139  -0.0827 85  LYS A N   
419 C CA  . LYS A 54 ? 0.7349 0.8501 0.6030 0.1066  0.2136  -0.0286 85  LYS A CA  
420 C C   . LYS A 54 ? 0.5748 0.6660 0.4846 0.0833  0.1747  -0.0046 85  LYS A C   
421 O O   . LYS A 54 ? 0.5035 0.5625 0.3849 0.0633  0.1454  -0.0130 85  LYS A O   
422 C CB  . LYS A 54 ? 0.7841 0.9523 0.6123 0.0929  0.2235  -0.0018 85  LYS A CB  
423 C CG  . LYS A 54 ? 0.8917 1.0381 0.6571 0.0694  0.1916  -0.0025 85  LYS A CG  
424 C CD  . LYS A 54 ? 0.9874 1.1823 0.7029 0.0625  0.2085  0.0278  85  LYS A CD  
425 C CE  . LYS A 54 ? 1.0688 1.2481 0.6935 0.0569  0.1885  0.0091  85  LYS A CE  
426 N NZ  . LYS A 54 ? 1.0431 1.2044 0.6650 0.0352  0.1447  0.0391  85  LYS A NZ  
427 N N   . LYS A 55 ? 0.5363 0.6477 0.5136 0.0883  0.1744  0.0223  86  LYS A N   
428 C CA  . LYS A 55 ? 0.4618 0.5541 0.4727 0.0672  0.1393  0.0438  86  LYS A CA  
429 C C   . LYS A 55 ? 0.4526 0.5667 0.4559 0.0380  0.1210  0.0745  86  LYS A C   
430 O O   . LYS A 55 ? 0.5066 0.6711 0.5221 0.0318  0.1368  0.1019  86  LYS A O   
431 C CB  . LYS A 55 ? 0.5484 0.6647 0.6278 0.0801  0.1401  0.0653  86  LYS A CB  
432 C CG  . LYS A 55 ? 0.6704 0.7471 0.7621 0.1104  0.1490  0.0439  86  LYS A CG  
433 C CD  . LYS A 55 ? 0.7149 0.8229 0.8734 0.1242  0.1412  0.0726  86  LYS A CD  
434 C CE  . LYS A 55 ? 0.7887 0.8429 0.9546 0.1555  0.1447  0.0596  86  LYS A CE  
435 N NZ  . LYS A 55 ? 0.7563 0.8447 0.9828 0.1720  0.1304  0.0915  86  LYS A NZ  
436 N N   . LYS A 56 ? 0.4053 0.4800 0.3900 0.0206  0.0900  0.0705  87  LYS A N   
437 C CA  . LYS A 56 ? 0.3852 0.4619 0.3617 -0.0023 0.0687  0.0975  87  LYS A CA  
438 C C   . LYS A 56 ? 0.3968 0.4422 0.3996 -0.0141 0.0386  0.1008  87  LYS A C   
439 O O   . LYS A 56 ? 0.3696 0.3899 0.3808 -0.0065 0.0337  0.0802  87  LYS A O   
440 C CB  . LYS A 56 ? 0.4269 0.4896 0.3421 -0.0043 0.0605  0.0856  87  LYS A CB  
441 C CG  . LYS A 56 ? 0.6287 0.7223 0.5000 0.0058  0.0887  0.0818  87  LYS A CG  
442 C CD  . LYS A 56 ? 0.7529 0.8359 0.5578 0.0046  0.0729  0.0698  87  LYS A CD  
443 C CE  . LYS A 56 ? 0.8398 0.9060 0.6424 -0.0094 0.0408  0.0999  87  LYS A CE  
444 N NZ  . LYS A 56 ? 0.9203 0.9883 0.6580 -0.0058 0.0242  0.0996  87  LYS A NZ  
445 N N   . LEU A 57 ? 0.3853 0.4273 0.3958 -0.0331 0.0202  0.1264  88  LEU A N   
446 C CA  . LEU A 57 ? 0.3505 0.3597 0.3757 -0.0430 -0.0076 0.1251  88  LEU A CA  
447 C C   . LEU A 57 ? 0.3409 0.3173 0.3310 -0.0432 -0.0266 0.1155  88  LEU A C   
448 O O   . LEU A 57 ? 0.4019 0.3797 0.3633 -0.0444 -0.0274 0.1284  88  LEU A O   
449 C CB  . LEU A 57 ? 0.3490 0.3683 0.4086 -0.0640 -0.0186 0.1537  88  LEU A CB  
450 C CG  . LEU A 57 ? 0.4071 0.4645 0.5162 -0.0636 -0.0129 0.1608  88  LEU A CG  
451 C CD1 . LEU A 57 ? 0.4788 0.5658 0.6269 -0.0910 -0.0197 0.1907  88  LEU A CD1 
452 C CD2 . LEU A 57 ? 0.4262 0.4573 0.5391 -0.0573 -0.0312 0.1437  88  LEU A CD2 
453 N N   . TYR A 58 ? 0.3523 0.3039 0.3456 -0.0404 -0.0413 0.0955  89  TYR A N   
454 C CA  . TYR A 58 ? 0.3433 0.2758 0.3161 -0.0355 -0.0585 0.0826  89  TYR A CA  
455 C C   . TYR A 58 ? 0.2993 0.2055 0.2860 -0.0388 -0.0753 0.0781  89  TYR A C   
456 O O   . TYR A 58 ? 0.3675 0.2719 0.3711 -0.0434 -0.0729 0.0748  89  TYR A O   
457 C CB  . TYR A 58 ? 0.3197 0.2611 0.2820 -0.0273 -0.0519 0.0517  89  TYR A CB  
458 C CG  . TYR A 58 ? 0.3335 0.2950 0.2721 -0.0228 -0.0361 0.0460  89  TYR A CG  
459 C CD1 . TYR A 58 ? 0.3563 0.3242 0.3027 -0.0193 -0.0128 0.0397  89  TYR A CD1 
460 C CD2 . TYR A 58 ? 0.3550 0.3289 0.2595 -0.0185 -0.0449 0.0468  89  TYR A CD2 
461 C CE1 . TYR A 58 ? 0.3438 0.3269 0.2623 -0.0120 0.0048  0.0285  89  TYR A CE1 
462 C CE2 . TYR A 58 ? 0.4376 0.4307 0.3086 -0.0141 -0.0301 0.0381  89  TYR A CE2 
463 C CZ  . TYR A 58 ? 0.3763 0.3726 0.2537 -0.0112 -0.0036 0.0261  89  TYR A CZ  
464 O OH  . TYR A 58 ? 0.4525 0.4648 0.2911 -0.0039 0.0141  0.0114  89  TYR A OH  
465 N N   . GLU A 59 ? 0.3491 0.2356 0.3250 -0.0326 -0.0924 0.0772  90  GLU A N   
466 C CA  . GLU A 59 ? 0.3622 0.2228 0.3446 -0.0293 -0.1057 0.0644  90  GLU A CA  
467 C C   . GLU A 59 ? 0.3363 0.2133 0.3189 -0.0144 -0.1062 0.0385  90  GLU A C   
468 O O   . GLU A 59 ? 0.3670 0.2627 0.3418 -0.0049 -0.1104 0.0368  90  GLU A O   
469 C CB  . GLU A 59 ? 0.4097 0.2297 0.3847 -0.0296 -0.1236 0.0810  90  GLU A CB  
470 C CG  . GLU A 59 ? 0.4368 0.2544 0.4241 -0.0516 -0.1206 0.0955  90  GLU A CG  
471 C CD  . GLU A 59 ? 0.5736 0.3591 0.5554 -0.0558 -0.1298 0.1051  90  GLU A CD  
472 O OE1 . GLU A 59 ? 0.5910 0.3561 0.5566 -0.0402 -0.1355 0.1104  90  GLU A OE1 
473 O OE2 . GLU A 59 ? 0.6148 0.3939 0.6083 -0.0742 -0.1333 0.1088  90  GLU A OE2 
474 N N   . ALA A 60 ? 0.3495 0.2251 0.3409 -0.0136 -0.1026 0.0196  91  ALA A N   
475 C CA  . ALA A 60 ? 0.3817 0.2831 0.3834 -0.0033 -0.1000 -0.0039 91  ALA A CA  
476 C C   . ALA A 60 ? 0.3649 0.2521 0.3692 0.0071  -0.1030 -0.0179 91  ALA A C   
477 O O   . ALA A 60 ? 0.3682 0.2272 0.3609 0.0002  -0.1033 -0.0155 91  ALA A O   
478 C CB  . ALA A 60 ? 0.3175 0.2423 0.3268 -0.0163 -0.0813 -0.0162 91  ALA A CB  
479 N N   . LYS A 61 ? 0.3348 0.2475 0.3544 0.0250  -0.1057 -0.0346 92  LYS A N   
480 C CA  . LYS A 61 ? 0.3509 0.2628 0.3753 0.0389  -0.1005 -0.0545 92  LYS A CA  
481 C C   . LYS A 61 ? 0.3323 0.3025 0.3831 0.0349  -0.0814 -0.0739 92  LYS A C   
482 O O   . LYS A 61 ? 0.3303 0.3454 0.4072 0.0386  -0.0857 -0.0793 92  LYS A O   
483 C CB  . LYS A 61 ? 0.4141 0.3046 0.4412 0.0699  -0.1186 -0.0571 92  LYS A CB  
484 C CG  . LYS A 61 ? 0.4781 0.3740 0.5123 0.0921  -0.1095 -0.0840 92  LYS A CG  
485 C CD  . LYS A 61 ? 0.6718 0.5167 0.6989 0.1247  -0.1272 -0.0879 92  LYS A CD  
486 C CE  . LYS A 61 ? 0.7127 0.5691 0.7592 0.1511  -0.1472 -0.0734 92  LYS A CE  
487 N NZ  . LYS A 61 ? 0.8183 0.6233 0.8629 0.1922  -0.1603 -0.0815 92  LYS A NZ  
488 N N   . VAL A 62 ? 0.3702 0.3415 0.4124 0.0236  -0.0611 -0.0823 93  VAL A N   
489 C CA  . VAL A 62 ? 0.3396 0.3628 0.4061 0.0110  -0.0374 -0.0952 93  VAL A CA  
490 C C   . VAL A 62 ? 0.3648 0.4062 0.4308 0.0250  -0.0197 -0.1134 93  VAL A C   
491 O O   . VAL A 62 ? 0.3889 0.3902 0.4162 0.0295  -0.0179 -0.1141 93  VAL A O   
492 C CB  . VAL A 62 ? 0.3021 0.3096 0.3533 -0.0199 -0.0211 -0.0823 93  VAL A CB  
493 C CG1 . VAL A 62 ? 0.2933 0.3427 0.3665 -0.0388 0.0062  -0.0920 93  VAL A CG1 
494 C CG2 . VAL A 62 ? 0.3349 0.3291 0.3874 -0.0306 -0.0324 -0.0707 93  VAL A CG2 
495 N N   . TRP A 63 ? 0.3593 0.4678 0.4688 0.0310  -0.0064 -0.1301 94  TRP A N   
496 C CA  . TRP A 63 ? 0.4401 0.5824 0.5562 0.0478  0.0169  -0.1500 94  TRP A CA  
497 C C   . TRP A 63 ? 0.4044 0.5929 0.5333 0.0158  0.0527  -0.1496 94  TRP A C   
498 O O   . TRP A 63 ? 0.3754 0.6088 0.5466 -0.0083 0.0571  -0.1479 94  TRP A O   
499 C CB  . TRP A 63 ? 0.3796 0.5753 0.5465 0.0848  0.0069  -0.1680 94  TRP A CB  
500 C CG  . TRP A 63 ? 0.4110 0.6451 0.5905 0.1141  0.0314  -0.1930 94  TRP A CG  
501 C CD1 . TRP A 63 ? 0.4655 0.6708 0.5971 0.1167  0.0549  -0.2033 94  TRP A CD1 
502 C CD2 . TRP A 63 ? 0.4707 0.7857 0.7145 0.1483  0.0352  -0.2126 94  TRP A CD2 
503 N NE1 . TRP A 63 ? 0.5262 0.7863 0.6849 0.1512  0.0775  -0.2307 94  TRP A NE1 
504 C CE2 . TRP A 63 ? 0.4921 0.8228 0.7255 0.1727  0.0663  -0.2361 94  TRP A CE2 
505 C CE3 . TRP A 63 ? 0.4607 0.8420 0.7696 0.1632  0.0138  -0.2131 94  TRP A CE3 
506 C CZ2 . TRP A 63 ? 0.5880 1.0010 0.8815 0.2141  0.0806  -0.2603 94  TRP A CZ2 
507 C CZ3 . TRP A 63 ? 0.4905 0.9561 0.8618 0.2032  0.0225  -0.2344 94  TRP A CZ3 
508 C CH2 . TRP A 63 ? 0.5756 1.0478 0.9351 0.2249  0.0563  -0.2527 94  TRP A CH2 
509 N N   . VAL A 64 ? 0.4218 0.5969 0.5102 0.0135  0.0776  -0.1512 95  VAL A N   
510 C CA  . VAL A 64 ? 0.4236 0.6302 0.5105 -0.0194 0.1150  -0.1426 95  VAL A CA  
511 C C   . VAL A 64 ? 0.4398 0.6975 0.5246 -0.0030 0.1497  -0.1618 95  VAL A C   
512 O O   . VAL A 64 ? 0.4608 0.6907 0.5048 0.0291  0.1458  -0.1779 95  VAL A O   
513 C CB  . VAL A 64 ? 0.5648 0.7005 0.5879 -0.0429 0.1150  -0.1149 95  VAL A CB  
514 C CG1 . VAL A 64 ? 0.6131 0.7666 0.6186 -0.0728 0.1550  -0.1000 95  VAL A CG1 
515 C CG2 . VAL A 64 ? 0.5119 0.6100 0.5457 -0.0588 0.0903  -0.0980 95  VAL A CG2 
516 N N   . LYS A 65 ? 0.4676 0.8013 0.5974 -0.0260 0.1848  -0.1625 96  LYS A N   
517 C CA  . LYS A 65 ? 0.4791 0.8704 0.6037 -0.0185 0.2293  -0.1754 96  LYS A CA  
518 C C   . LYS A 65 ? 0.5560 0.9448 0.6502 -0.0666 0.2663  -0.1467 96  LYS A C   
519 O O   . LYS A 65 ? 0.6178 1.0617 0.7696 -0.1035 0.2876  -0.1379 96  LYS A O   
520 C CB  . LYS A 65 ? 0.4579 0.9622 0.6764 -0.0033 0.2443  -0.1995 96  LYS A CB  
521 C CG  . LYS A 65 ? 0.4448 0.9551 0.6978 0.0494  0.2083  -0.2234 96  LYS A CG  
522 C CD  . LYS A 65 ? 0.4271 1.0402 0.7748 0.0596  0.2091  -0.2330 96  LYS A CD  
523 C CE  . LYS A 65 ? 0.6683 1.3418 1.0290 0.0506  0.2541  -0.2300 96  LYS A CE  
524 N NZ  . LYS A 65 ? 0.6648 1.4351 1.1178 0.0539  0.2521  -0.2330 96  LYS A NZ  
525 N N   . PRO A 66 ? 0.6327 0.7854 0.5815 0.0266  0.1785  -0.2059 97  PRO A N   
526 C CA  . PRO A 66 ? 0.6606 0.8149 0.5680 0.0019  0.1874  -0.1869 97  PRO A CA  
527 C C   . PRO A 66 ? 0.6484 0.8494 0.5679 0.0000  0.2331  -0.1773 97  PRO A C   
528 O O   . PRO A 66 ? 0.6607 0.8615 0.5538 -0.0217 0.2459  -0.1553 97  PRO A O   
529 C CB  . PRO A 66 ? 0.7576 0.8658 0.5751 0.0041  0.1782  -0.2011 97  PRO A CB  
530 C CG  . PRO A 66 ? 0.7367 0.8258 0.5415 0.0280  0.1902  -0.2366 97  PRO A CG  
531 C CD  . PRO A 66 ? 0.6857 0.7853 0.5725 0.0433  0.1800  -0.2363 97  PRO A CD  
532 N N   . TRP A 67 ? 0.6482 0.8869 0.6067 0.0249  0.2610  -0.1908 98  TRP A N   
533 C CA  . TRP A 67 ? 0.6790 0.9765 0.6606 0.0243  0.3082  -0.1805 98  TRP A CA  
534 C C   . TRP A 67 ? 0.6331 1.0015 0.7060 -0.0010 0.3091  -0.1561 98  TRP A C   
535 O O   . TRP A 67 ? 0.6542 1.0830 0.7587 -0.0119 0.3472  -0.1429 98  TRP A O   
536 C CB  . TRP A 67 ? 0.7279 1.0429 0.7155 0.0661  0.3441  -0.2043 98  TRP A CB  
537 C CG  . TRP A 67 ? 0.7169 1.0454 0.7735 0.0972  0.3307  -0.2126 98  TRP A CG  
538 C CD1 . TRP A 67 ? 0.6776 1.0918 0.8371 0.1068  0.3357  -0.1941 98  TRP A CD1 
539 C CD2 . TRP A 67 ? 0.7458 1.0034 0.7724 0.1227  0.3115  -0.2377 98  TRP A CD2 
540 N NE1 . TRP A 67 ? 0.6804 1.0808 0.8742 0.1442  0.3206  -0.2018 98  TRP A NE1 
541 C CE2 . TRP A 67 ? 0.7299 1.0259 0.8418 0.1534  0.3082  -0.2293 98  TRP A CE2 
542 C CE3 . TRP A 67 ? 0.7616 0.9309 0.6975 0.1196  0.2972  -0.2653 98  TRP A CE3 
543 C CZ2 . TRP A 67 ? 0.7958 1.0288 0.9005 0.1841  0.2952  -0.2450 98  TRP A CZ2 
544 C CZ3 . TRP A 67 ? 0.7821 0.8910 0.7129 0.1416  0.2837  -0.2862 98  TRP A CZ3 
545 C CH2 . TRP A 67 ? 0.7623 0.8955 0.7749 0.1750  0.2849  -0.2748 98  TRP A CH2 
546 N N   . GLU A 68 ? 0.5774 0.9421 0.6900 -0.0143 0.2677  -0.1513 99  GLU A N   
547 C CA  . GLU A 68 ? 0.6267 1.0562 0.8157 -0.0482 0.2611  -0.1331 99  GLU A CA  
548 C C   . GLU A 68 ? 0.5203 0.9031 0.6977 -0.0764 0.2176  -0.1287 99  GLU A C   
549 O O   . GLU A 68 ? 0.4962 0.8100 0.6217 -0.0624 0.1916  -0.1373 99  GLU A O   
550 C CB  . GLU A 68 ? 0.6097 1.1328 0.8926 -0.0231 0.2640  -0.1329 99  GLU A CB  
551 C CG  . GLU A 68 ? 0.5946 1.0917 0.8868 0.0177  0.2336  -0.1445 99  GLU A CG  
552 C CD  . GLU A 68 ? 0.6301 1.2270 1.0187 0.0491  0.2383  -0.1343 99  GLU A CD  
553 O OE1 . GLU A 68 ? 0.5769 1.2121 1.0153 0.0413  0.2014  -0.1230 99  GLU A OE1 
554 O OE2 . GLU A 68 ? 0.7210 1.3625 1.1344 0.0848  0.2800  -0.1357 99  GLU A OE2 
555 N N   . ASN A 69 ? 0.5343 0.9563 0.7575 -0.1195 0.2118  -0.1169 100 ASN A N   
556 C CA  . ASN A 69 ? 0.5219 0.8977 0.7305 -0.1476 0.1759  -0.1160 100 ASN A CA  
557 C C   . ASN A 69 ? 0.5397 0.9430 0.7898 -0.1255 0.1362  -0.1236 100 ASN A C   
558 O O   . ASN A 69 ? 0.6069 1.0747 0.9154 -0.1489 0.1184  -0.1200 100 ASN A O   
559 C CB  . ASN A 69 ? 0.5914 0.9927 0.8272 -0.2079 0.1863  -0.1069 100 ASN A CB  
560 C CG  . ASN A 69 ? 0.6475 0.9581 0.8292 -0.2383 0.1697  -0.1063 100 ASN A CG  
561 O OD1 . ASN A 69 ? 0.6218 0.8848 0.7748 -0.2175 0.1380  -0.1123 100 ASN A OD1 
562 N ND2 . ASN A 69 ? 0.7259 1.0086 0.8925 -0.2878 0.1957  -0.0983 100 ASN A ND2 
563 N N   . PHE A 70 ? 0.4432 0.8000 0.6605 -0.0834 0.1230  -0.1330 101 PHE A N   
564 C CA  . PHE A 70 ? 0.4546 0.8251 0.7045 -0.0576 0.0908  -0.1360 101 PHE A CA  
565 C C   . PHE A 70 ? 0.4864 0.7694 0.6759 -0.0452 0.0649  -0.1437 101 PHE A C   
566 O O   . PHE A 70 ? 0.3994 0.6292 0.5340 -0.0287 0.0760  -0.1537 101 PHE A O   
567 C CB  . PHE A 70 ? 0.4378 0.8574 0.7323 -0.0107 0.1094  -0.1382 101 PHE A CB  
568 C CG  . PHE A 70 ? 0.4588 0.8806 0.7818 0.0230  0.0820  -0.1352 101 PHE A CG  
569 C CD1 . PHE A 70 ? 0.4904 0.8241 0.7612 0.0480  0.0720  -0.1476 101 PHE A CD1 
570 C CD2 . PHE A 70 ? 0.4835 0.9997 0.8849 0.0274  0.0666  -0.1176 101 PHE A CD2 
571 C CE1 . PHE A 70 ? 0.4806 0.8056 0.7737 0.0779  0.0515  -0.1409 101 PHE A CE1 
572 C CE2 . PHE A 70 ? 0.4628 0.9798 0.8866 0.0631  0.0434  -0.1078 101 PHE A CE2 
573 C CZ  . PHE A 70 ? 0.4710 0.8853 0.8395 0.0890  0.0381  -0.1187 101 PHE A CZ  
574 N N   . LYS A 71 ? 0.4487 0.7263 0.6486 -0.0561 0.0303  -0.1391 102 LYS A N   
575 C CA  . LYS A 71 ? 0.4316 0.6443 0.5904 -0.0443 0.0040  -0.1429 102 LYS A CA  
576 C C   . LYS A 71 ? 0.3523 0.5968 0.5526 -0.0389 -0.0264 -0.1345 102 LYS A C   
577 O O   . LYS A 71 ? 0.3510 0.6572 0.5926 -0.0609 -0.0353 -0.1269 102 LYS A O   
578 C CB  . LYS A 71 ? 0.5522 0.7090 0.6550 -0.0703 -0.0022 -0.1405 102 LYS A CB  
579 C CG  . LYS A 71 ? 0.6694 0.8069 0.7347 -0.0820 0.0280  -0.1381 102 LYS A CG  
580 C CD  . LYS A 71 ? 0.7509 0.8261 0.7535 -0.0863 0.0220  -0.1310 102 LYS A CD  
581 C CE  . LYS A 71 ? 0.7430 0.7975 0.7460 -0.1041 0.0014  -0.1259 102 LYS A CE  
582 N NZ  . LYS A 71 ? 0.7442 0.8111 0.7670 -0.1391 0.0144  -0.1238 102 LYS A NZ  
583 N N   . GLU A 72 ? 0.4164 0.6225 0.6036 -0.0135 -0.0424 -0.1351 103 GLU A N   
584 C CA  . GLU A 72 ? 0.3777 0.6156 0.6023 -0.0015 -0.0682 -0.1210 103 GLU A CA  
585 C C   . GLU A 72 ? 0.3888 0.5614 0.5767 0.0072  -0.0887 -0.1195 103 GLU A C   
586 O O   . GLU A 72 ? 0.3644 0.4801 0.5246 0.0258  -0.0791 -0.1289 103 GLU A O   
587 C CB  . GLU A 72 ? 0.4569 0.7495 0.7389 0.0380  -0.0549 -0.1118 103 GLU A CB  
588 C CG  . GLU A 72 ? 0.5133 0.8588 0.8411 0.0568  -0.0802 -0.0881 103 GLU A CG  
589 C CD  . GLU A 72 ? 0.5895 0.9894 0.9763 0.1078  -0.0616 -0.0727 103 GLU A CD  
590 O OE1 . GLU A 72 ? 0.6191 1.1194 1.0634 0.1058  -0.0525 -0.0643 103 GLU A OE1 
591 O OE2 . GLU A 72 ? 0.5988 0.9400 0.9750 0.1502  -0.0528 -0.0680 103 GLU A OE2 
592 N N   . LEU A 73 ? 0.3600 0.5411 0.5446 -0.0103 -0.1154 -0.1093 104 LEU A N   
593 C CA  . LEU A 73 ? 0.3660 0.4955 0.5209 -0.0040 -0.1334 -0.1035 104 LEU A CA  
594 C C   . LEU A 73 ? 0.3126 0.4540 0.5004 0.0310  -0.1396 -0.0861 104 LEU A C   
595 O O   . LEU A 73 ? 0.3009 0.5122 0.5316 0.0390  -0.1520 -0.0683 104 LEU A O   
596 C CB  . LEU A 73 ? 0.3731 0.5059 0.5068 -0.0326 -0.1542 -0.0986 104 LEU A CB  
597 C CG  . LEU A 73 ? 0.3288 0.4165 0.4250 -0.0294 -0.1590 -0.0824 104 LEU A CG  
598 C CD1 . LEU A 73 ? 0.3526 0.3834 0.4114 -0.0295 -0.1454 -0.0891 104 LEU A CD1 
599 C CD2 . LEU A 73 ? 0.3460 0.4438 0.4108 -0.0523 -0.1503 -0.0690 104 LEU A CD2 
600 N N   . GLN A 74 ? 0.3535 0.4279 0.5201 0.0509  -0.1301 -0.0899 105 GLN A N   
601 C CA  . GLN A 74 ? 0.3680 0.4285 0.5577 0.0895  -0.1273 -0.0715 105 GLN A CA  
602 C C   . GLN A 74 ? 0.3735 0.4071 0.5464 0.0865  -0.1497 -0.0509 105 GLN A C   
603 O O   . GLN A 74 ? 0.3905 0.4557 0.5920 0.1120  -0.1600 -0.0218 105 GLN A O   
604 C CB  . GLN A 74 ? 0.5734 0.5574 0.7406 0.1093  -0.0977 -0.0905 105 GLN A CB  
605 C CG  . GLN A 74 ? 0.6258 0.6242 0.7917 0.1084  -0.0723 -0.1147 105 GLN A CG  
606 C CD  . GLN A 74 ? 0.7096 0.7632 0.9306 0.1488  -0.0511 -0.1036 105 GLN A CD  
607 O OE1 . GLN A 74 ? 0.8199 0.8371 1.0518 0.1911  -0.0318 -0.0965 105 GLN A OE1 
608 N NE2 . GLN A 74 ? 0.6547 0.7963 0.9118 0.1367  -0.0514 -0.1005 105 GLN A NE2 
609 N N   . GLU A 75 ? 0.3662 0.3488 0.4938 0.0573  -0.1561 -0.0624 106 GLU A N   
610 C CA  . GLU A 75 ? 0.4536 0.4113 0.5622 0.0503  -0.1732 -0.0433 106 GLU A CA  
611 C C   . GLU A 75 ? 0.3693 0.3248 0.4432 0.0137  -0.1840 -0.0537 106 GLU A C   
612 O O   . GLU A 75 ? 0.3775 0.3202 0.4322 -0.0027 -0.1749 -0.0754 106 GLU A O   
613 C CB  . GLU A 75 ? 0.6363 0.5099 0.7274 0.0631  -0.1588 -0.0412 106 GLU A CB  
614 C CG  . GLU A 75 ? 0.7858 0.6344 0.8641 0.0609  -0.1716 -0.0132 106 GLU A CG  
615 C CD  . GLU A 75 ? 0.9199 0.8211 1.0289 0.0920  -0.1845 0.0237  106 GLU A CD  
616 O OE1 . GLU A 75 ? 0.9812 0.8963 1.1236 0.1308  -0.1729 0.0349  106 GLU A OE1 
617 O OE2 . GLU A 75 ? 0.9374 0.8724 1.0360 0.0794  -0.2055 0.0426  106 GLU A OE2 
618 N N   . PHE A 76 ? 0.3562 0.3273 0.4202 0.0048  -0.2016 -0.0354 107 PHE A N   
619 C CA  . PHE A 76 ? 0.3546 0.3226 0.3828 -0.0187 -0.1838 -0.0365 107 PHE A CA  
620 C C   . PHE A 76 ? 0.4071 0.3647 0.4220 -0.0206 -0.1943 -0.0154 107 PHE A C   
621 O O   . PHE A 76 ? 0.4550 0.4419 0.4768 -0.0122 -0.2050 0.0016  107 PHE A O   
622 C CB  . PHE A 76 ? 0.3242 0.3366 0.3471 -0.0287 -0.1643 -0.0398 107 PHE A CB  
623 C CG  . PHE A 76 ? 0.3576 0.3662 0.3538 -0.0399 -0.1405 -0.0421 107 PHE A CG  
624 C CD1 . PHE A 76 ? 0.3741 0.3842 0.3556 -0.0418 -0.1398 -0.0335 107 PHE A CD1 
625 C CD2 . PHE A 76 ? 0.3369 0.3433 0.3259 -0.0447 -0.1232 -0.0519 107 PHE A CD2 
626 C CE1 . PHE A 76 ? 0.3619 0.3696 0.3272 -0.0451 -0.1250 -0.0365 107 PHE A CE1 
627 C CE2 . PHE A 76 ? 0.3910 0.3957 0.3636 -0.0474 -0.1098 -0.0519 107 PHE A CE2 
628 C CZ  . PHE A 76 ? 0.3604 0.3644 0.3230 -0.0463 -0.1121 -0.0448 107 PHE A CZ  
629 N N   . LYS A 77 ? 0.4163 0.3425 0.4122 -0.0328 -0.1894 -0.0142 108 LYS A N   
630 C CA  . LYS A 77 ? 0.5047 0.4184 0.4881 -0.0383 -0.2025 0.0080  108 LYS A CA  
631 C C   . LYS A 77 ? 0.4579 0.3706 0.4241 -0.0556 -0.1861 0.0079  108 LYS A C   
632 O O   . LYS A 77 ? 0.4567 0.3677 0.4228 -0.0627 -0.1720 -0.0060 108 LYS A O   
633 C CB  . LYS A 77 ? 0.5882 0.4545 0.5805 -0.0269 -0.2139 0.0249  108 LYS A CB  
634 C CG  . LYS A 77 ? 0.6215 0.4293 0.6066 -0.0431 -0.1994 0.0093  108 LYS A CG  
635 C CD  . LYS A 77 ? 0.7864 0.5279 0.7701 -0.0327 -0.1887 0.0304  108 LYS A CD  
636 C CE  . LYS A 77 ? 0.9288 0.6056 0.8947 -0.0646 -0.1743 0.0124  108 LYS A CE  
637 N NZ  . LYS A 77 ? 0.9620 0.6710 0.9158 -0.1039 -0.1816 0.0107  108 LYS A NZ  
638 N N   . PRO A 78 ? 0.4346 0.3596 0.3873 -0.0602 -0.1875 0.0252  109 PRO A N   
639 C CA  . PRO A 78 ? 0.4397 0.3742 0.3835 -0.0747 -0.1770 0.0282  109 PRO A CA  
640 C C   . PRO A 78 ? 0.5116 0.4137 0.4570 -0.0988 -0.1895 0.0330  109 PRO A C   
641 O O   . PRO A 78 ? 0.5825 0.4380 0.5285 -0.1041 -0.2049 0.0435  109 PRO A O   
642 C CB  . PRO A 78 ? 0.5737 0.5244 0.5003 -0.0746 -0.1797 0.0473  109 PRO A CB  
643 C CG  . PRO A 78 ? 0.6244 0.5853 0.5496 -0.0585 -0.1842 0.0479  109 PRO A CG  
644 C CD  . PRO A 78 ? 0.5358 0.4751 0.4810 -0.0515 -0.1979 0.0446  109 PRO A CD  
645 N N   . VAL A 79 ? 0.4784 0.4045 0.4272 -0.1108 -0.1747 0.0246  110 VAL A N   
646 C CA  . VAL A 79 ? 0.5623 0.4693 0.5127 -0.1417 -0.1771 0.0244  110 VAL A CA  
647 C C   . VAL A 79 ? 0.7251 0.6276 0.6708 -0.1686 -0.1884 0.0532  110 VAL A C   
648 O O   . VAL A 79 ? 0.7094 0.6495 0.6487 -0.1603 -0.1914 0.0710  110 VAL A O   
649 C CB  . VAL A 79 ? 0.5756 0.5304 0.5348 -0.1475 -0.1622 0.0092  110 VAL A CB  
650 C CG1 . VAL A 79 ? 0.6274 0.5715 0.5880 -0.1852 -0.1621 0.0065  110 VAL A CG1 
651 C CG2 . VAL A 79 ? 0.5674 0.5269 0.5297 -0.1278 -0.1521 -0.0155 110 VAL A CG2 
# 
